data_6Y1Z
#
_entry.id   6Y1Z
#
_cell.length_a   1.00
_cell.length_b   1.00
_cell.length_c   1.00
_cell.angle_alpha   90.00
_cell.angle_beta   90.00
_cell.angle_gamma   90.00
#
_symmetry.space_group_name_H-M   'P 1'
#
loop_
_entity.id
_entity.type
_entity.pdbx_description
1 polymer '5-hydroxytryptamine receptor 3A'
2 branched beta-D-mannopyranose-(1-4)-2-acetamido-2-deoxy-beta-D-glucopyranose-(1-4)-2-acetamido-2-deoxy-beta-D-glucopyranose
3 branched 2-acetamido-2-deoxy-beta-D-glucopyranose-(1-4)-2-acetamido-2-deoxy-beta-D-glucopyranose
4 non-polymer TRYPTOPHAN
5 non-polymer HISTIDINE
6 non-polymer 2-acetamido-2-deoxy-beta-D-glucopyranose
7 non-polymer (3~{a}~{S})-2-[(3~{S})-1-azabicyclo[2.2.2]octan-3-yl]-3~{a},4,5,6-tetrahydro-3~{H}-benzo[de]isoquinolin-1-one
#
_entity_poly.entity_id   1
_entity_poly.type   'polypeptide(L)'
_entity_poly.pdbx_seq_one_letter_code
;MRLCIPQVLLALFLSMLTGPGEGSRRRWSHPQFEKGGGSGGGSGGGSWSHPQFEKGGGSGGGSGGGSWSHPQFEKGGGSG
GGSGGGSWSHPQFEKENLYFQGSGATQARDTTQPALLRLSDHLLANYKKGVRPVRDWRKPTTVSIDVIMYAILNVDEKNQ
VLTTYIWYRQYWTDEFLQWTPEDFDNVTKLSIPTDSIWVPDILINEFVDVGKSPNIPYVYVHHRGEVQNYKPLQLVTACS
LDIYNFPFDVQNCSLTFTSWLHTIQDINITLWRSPEEVRSDKSIFINQGEWELLEVFPQFKEFSIDISNSYAEMKFYVII
RRRPLFYAVSLLLPSIFLMVVDIVGFCLPPDSGERVSFKITLLLGYSVFLIIVSDTLPATAIGTPLIGVYFVVCMALLVI
SLAETIFIVRLVHKQDLQRPVPDWLRHLVLDRIAWILCLGEQPMAHRPPATFQANKTDDCSGSDLLPAMGNHCSHVGGPQ
DLEKTPRGRGSPLPPPREASLAVRGLLQELSSIRHFLEKRDEMREVARDWLRVGYVLDRLLFRIYLLAVLAYSITLVTLW
SIWHSS
;
_entity_poly.pdbx_strand_id   A,D,B,C,E
#
# COMPACT_ATOMS: atom_id res chain seq x y z
N THR A 112 -36.29 -53.03 -19.14
CA THR A 112 -36.31 -52.09 -20.27
C THR A 112 -35.84 -50.71 -19.83
N GLN A 113 -35.61 -50.55 -18.53
CA GLN A 113 -35.11 -49.30 -18.00
C GLN A 113 -33.61 -49.17 -18.24
N PRO A 114 -33.09 -47.94 -18.22
CA PRO A 114 -31.65 -47.75 -18.50
C PRO A 114 -30.72 -48.33 -17.45
N ALA A 115 -31.27 -49.04 -16.47
CA ALA A 115 -30.52 -49.77 -15.44
C ALA A 115 -29.78 -48.83 -14.49
N LEU A 116 -29.81 -47.54 -14.75
CA LEU A 116 -29.30 -46.53 -13.82
C LEU A 116 -30.42 -45.72 -13.18
N LEU A 117 -31.45 -45.36 -13.95
CA LEU A 117 -32.64 -44.78 -13.35
C LEU A 117 -33.28 -45.72 -12.34
N ARG A 118 -33.30 -47.02 -12.67
CA ARG A 118 -33.82 -48.01 -11.74
C ARG A 118 -33.05 -48.00 -10.43
N LEU A 119 -31.72 -48.01 -10.50
CA LEU A 119 -30.92 -48.05 -9.28
C LEU A 119 -31.06 -46.75 -8.49
N SER A 120 -31.11 -45.61 -9.18
CA SER A 120 -31.28 -44.34 -8.48
C SER A 120 -32.63 -44.27 -7.78
N ASP A 121 -33.69 -44.77 -8.43
CA ASP A 121 -35.00 -44.78 -7.79
C ASP A 121 -35.06 -45.79 -6.66
N HIS A 122 -34.30 -46.89 -6.77
CA HIS A 122 -34.28 -47.88 -5.70
C HIS A 122 -33.54 -47.37 -4.48
N LEU A 123 -32.50 -46.57 -4.70
CA LEU A 123 -31.67 -46.08 -3.59
C LEU A 123 -32.25 -44.80 -2.97
N LEU A 124 -32.41 -43.75 -3.78
CA LEU A 124 -32.72 -42.44 -3.25
C LEU A 124 -34.19 -42.25 -2.88
N ALA A 125 -35.04 -43.23 -3.14
CA ALA A 125 -36.41 -43.18 -2.66
C ALA A 125 -36.48 -43.77 -1.25
N ASN A 126 -37.33 -43.15 -0.42
CA ASN A 126 -37.44 -43.49 1.00
C ASN A 126 -36.09 -43.35 1.71
N TYR A 127 -35.28 -42.41 1.26
CA TYR A 127 -33.98 -42.13 1.85
C TYR A 127 -34.02 -40.78 2.55
N LYS A 128 -33.50 -40.74 3.77
CA LYS A 128 -33.45 -39.51 4.57
C LYS A 128 -32.00 -39.06 4.69
N LYS A 129 -31.73 -37.83 4.26
CA LYS A 129 -30.38 -37.28 4.27
C LYS A 129 -30.04 -36.58 5.57
N GLY A 130 -30.78 -36.83 6.64
CA GLY A 130 -30.48 -36.23 7.92
C GLY A 130 -30.16 -37.25 8.99
N VAL A 131 -30.34 -38.54 8.64
CA VAL A 131 -30.11 -39.64 9.57
C VAL A 131 -28.73 -40.21 9.30
N ARG A 132 -27.98 -40.46 10.37
CA ARG A 132 -26.68 -41.11 10.24
C ARG A 132 -26.88 -42.53 9.72
N PRO A 133 -26.26 -42.90 8.60
CA PRO A 133 -26.60 -44.18 7.96
C PRO A 133 -26.05 -45.39 8.68
N VAL A 134 -26.76 -45.82 9.73
CA VAL A 134 -26.43 -47.05 10.45
C VAL A 134 -27.74 -47.75 10.80
N ARG A 135 -27.73 -49.08 10.73
CA ARG A 135 -28.88 -49.87 11.17
C ARG A 135 -28.89 -50.11 12.67
N ASP A 136 -27.73 -50.06 13.32
CA ASP A 136 -27.60 -50.17 14.76
C ASP A 136 -26.91 -48.89 15.25
N TRP A 137 -27.65 -48.07 16.00
CA TRP A 137 -27.14 -46.78 16.43
C TRP A 137 -25.97 -46.88 17.39
N ARG A 138 -25.60 -48.07 17.83
CA ARG A 138 -24.47 -48.27 18.72
C ARG A 138 -23.16 -48.51 17.99
N LYS A 139 -23.11 -48.20 16.69
CA LYS A 139 -21.91 -48.33 15.90
C LYS A 139 -21.56 -47.00 15.26
N PRO A 140 -20.31 -46.54 15.36
CA PRO A 140 -19.92 -45.28 14.73
C PRO A 140 -19.55 -45.48 13.26
N THR A 141 -19.69 -44.40 12.50
CA THR A 141 -19.35 -44.40 11.08
C THR A 141 -17.89 -43.98 10.95
N THR A 142 -17.02 -44.96 10.70
CA THR A 142 -15.59 -44.69 10.60
C THR A 142 -15.30 -43.97 9.30
N VAL A 143 -14.88 -42.71 9.41
CA VAL A 143 -14.59 -41.88 8.25
C VAL A 143 -13.08 -41.86 8.05
N SER A 144 -12.61 -42.43 6.95
CA SER A 144 -11.19 -42.38 6.61
C SER A 144 -10.88 -41.08 5.89
N ILE A 145 -9.65 -40.60 6.07
CA ILE A 145 -9.24 -39.29 5.58
C ILE A 145 -7.87 -39.40 4.91
N ASP A 146 -7.71 -38.70 3.80
CA ASP A 146 -6.43 -38.57 3.12
C ASP A 146 -6.27 -37.13 2.65
N VAL A 147 -5.07 -36.60 2.82
CA VAL A 147 -4.78 -35.19 2.54
C VAL A 147 -3.48 -35.11 1.73
N ILE A 148 -3.50 -34.28 0.69
CA ILE A 148 -2.34 -34.02 -0.14
C ILE A 148 -2.16 -32.51 -0.26
N MET A 149 -0.99 -32.02 0.10
CA MET A 149 -0.69 -30.61 -0.06
C MET A 149 -0.47 -30.29 -1.54
N TYR A 150 -0.97 -29.14 -1.97
CA TYR A 150 -0.81 -28.72 -3.35
C TYR A 150 -0.08 -27.39 -3.49
N ALA A 151 -0.36 -26.41 -2.64
CA ALA A 151 0.29 -25.11 -2.73
C ALA A 151 0.21 -24.41 -1.39
N ILE A 152 1.17 -23.51 -1.15
CA ILE A 152 1.19 -22.66 0.03
C ILE A 152 1.06 -21.23 -0.48
N LEU A 153 -0.13 -20.67 -0.37
CA LEU A 153 -0.44 -19.40 -1.04
C LEU A 153 0.21 -18.21 -0.34
N ASN A 154 0.11 -18.15 0.99
CA ASN A 154 0.58 -16.98 1.72
C ASN A 154 0.82 -17.36 3.18
N VAL A 155 1.96 -16.98 3.71
CA VAL A 155 2.30 -17.15 5.11
C VAL A 155 2.47 -15.77 5.71
N ASP A 156 1.54 -15.36 6.57
CA ASP A 156 1.53 -14.03 7.16
C ASP A 156 2.11 -14.13 8.58
N GLU A 157 3.33 -13.64 8.76
CA GLU A 157 3.98 -13.69 10.06
C GLU A 157 3.46 -12.64 11.03
N LYS A 158 2.79 -11.60 10.52
CA LYS A 158 2.28 -10.54 11.40
C LYS A 158 1.01 -10.99 12.12
N ASN A 159 0.03 -11.50 11.37
CA ASN A 159 -1.23 -11.94 11.94
C ASN A 159 -1.23 -13.42 12.31
N GLN A 160 -0.14 -14.15 12.03
CA GLN A 160 0.02 -15.54 12.45
C GLN A 160 -1.03 -16.44 11.79
N VAL A 161 -1.22 -16.26 10.48
CA VAL A 161 -2.13 -17.09 9.71
C VAL A 161 -1.35 -17.81 8.61
N LEU A 162 -2.00 -18.80 8.02
CA LEU A 162 -1.39 -19.62 6.98
C LEU A 162 -2.45 -20.02 5.98
N THR A 163 -2.23 -19.70 4.71
CA THR A 163 -3.18 -19.98 3.64
C THR A 163 -2.59 -21.07 2.74
N THR A 164 -3.15 -22.26 2.80
CA THR A 164 -2.72 -23.39 1.99
C THR A 164 -3.84 -23.80 1.04
N TYR A 165 -3.58 -24.86 0.29
CA TYR A 165 -4.57 -25.42 -0.63
C TYR A 165 -4.29 -26.90 -0.76
N ILE A 166 -5.22 -27.73 -0.30
CA ILE A 166 -5.01 -29.17 -0.25
C ILE A 166 -6.05 -29.86 -1.12
N TRP A 167 -5.78 -31.13 -1.42
CA TRP A 167 -6.74 -32.02 -2.08
C TRP A 167 -7.19 -33.04 -1.05
N TYR A 168 -8.44 -32.91 -0.61
CA TYR A 168 -8.97 -33.68 0.49
C TYR A 168 -9.98 -34.70 -0.02
N ARG A 169 -10.01 -35.86 0.61
CA ARG A 169 -10.92 -36.92 0.21
C ARG A 169 -11.21 -37.81 1.40
N GLN A 170 -12.47 -38.25 1.52
CA GLN A 170 -12.91 -39.09 2.61
C GLN A 170 -13.66 -40.30 2.07
N TYR A 171 -13.80 -41.30 2.94
N TYR A 171 -13.81 -41.32 2.91
CA TYR A 171 -14.48 -42.54 2.64
CA TYR A 171 -14.60 -42.48 2.52
C TYR A 171 -15.25 -42.97 3.87
C TYR A 171 -15.20 -43.12 3.75
N TRP A 172 -16.51 -43.36 3.69
CA TRP A 172 -17.27 -43.94 4.79
C TRP A 172 -18.26 -44.95 4.23
N THR A 173 -18.88 -45.71 5.12
CA THR A 173 -19.81 -46.78 4.74
C THR A 173 -21.24 -46.30 5.01
N ASP A 174 -22.05 -46.31 3.96
CA ASP A 174 -23.46 -45.94 4.06
C ASP A 174 -24.29 -47.21 3.97
N GLU A 175 -24.83 -47.65 5.12
CA GLU A 175 -25.57 -48.89 5.19
C GLU A 175 -26.95 -48.80 4.55
N PHE A 176 -27.34 -47.64 4.02
CA PHE A 176 -28.60 -47.49 3.33
C PHE A 176 -28.45 -47.46 1.81
N LEU A 177 -27.22 -47.38 1.30
CA LEU A 177 -26.96 -47.42 -0.13
C LEU A 177 -26.24 -48.73 -0.43
N GLN A 178 -27.02 -49.79 -0.61
CA GLN A 178 -26.48 -51.11 -0.89
C GLN A 178 -27.42 -51.84 -1.83
N TRP A 179 -26.85 -52.62 -2.74
CA TRP A 179 -27.64 -53.34 -3.73
C TRP A 179 -26.85 -54.54 -4.22
N THR A 180 -27.51 -55.37 -5.01
CA THR A 180 -26.88 -56.51 -5.67
C THR A 180 -26.67 -56.19 -7.14
N PRO A 181 -25.44 -56.27 -7.65
CA PRO A 181 -25.19 -55.89 -9.05
C PRO A 181 -25.97 -56.71 -10.06
N GLU A 182 -26.11 -58.02 -9.82
CA GLU A 182 -26.78 -58.89 -10.78
C GLU A 182 -28.23 -58.48 -11.01
N ASP A 183 -28.86 -57.83 -10.03
CA ASP A 183 -30.23 -57.37 -10.19
C ASP A 183 -30.30 -56.17 -11.13
N PHE A 184 -29.30 -55.30 -11.08
CA PHE A 184 -29.31 -54.03 -11.80
C PHE A 184 -28.31 -54.02 -12.95
N ASP A 185 -28.21 -55.14 -13.67
CA ASP A 185 -27.39 -55.25 -14.89
C ASP A 185 -25.91 -55.09 -14.56
N ASN A 186 -25.45 -55.72 -13.48
CA ASN A 186 -24.04 -55.77 -13.11
C ASN A 186 -23.45 -54.37 -12.90
N VAL A 187 -24.27 -53.43 -12.44
CA VAL A 187 -23.77 -52.10 -12.10
C VAL A 187 -23.15 -52.18 -10.71
N THR A 188 -21.83 -51.93 -10.64
CA THR A 188 -21.12 -52.01 -9.38
C THR A 188 -20.85 -50.66 -8.73
N LYS A 189 -21.03 -49.56 -9.46
CA LYS A 189 -20.82 -48.24 -8.89
C LYS A 189 -21.56 -47.22 -9.75
N LEU A 190 -21.86 -46.08 -9.13
CA LEU A 190 -22.47 -44.96 -9.84
C LEU A 190 -22.18 -43.67 -9.07
N SER A 191 -22.55 -42.55 -9.68
CA SER A 191 -22.37 -41.24 -9.08
C SER A 191 -23.70 -40.71 -8.56
N ILE A 192 -23.69 -40.20 -7.34
CA ILE A 192 -24.90 -39.66 -6.71
C ILE A 192 -24.61 -38.21 -6.32
N PRO A 193 -25.55 -37.29 -6.54
CA PRO A 193 -25.33 -35.90 -6.09
C PRO A 193 -25.04 -35.84 -4.60
N THR A 194 -24.19 -34.88 -4.23
CA THR A 194 -23.74 -34.80 -2.84
C THR A 194 -24.86 -34.33 -1.91
N ASP A 195 -25.80 -33.53 -2.43
CA ASP A 195 -26.90 -33.02 -1.63
C ASP A 195 -28.05 -34.01 -1.48
N SER A 196 -27.82 -35.29 -1.76
CA SER A 196 -28.85 -36.31 -1.65
C SER A 196 -28.53 -37.39 -0.63
N ILE A 197 -27.37 -37.34 0.02
CA ILE A 197 -26.96 -38.34 0.99
C ILE A 197 -26.44 -37.64 2.24
N TRP A 198 -26.09 -38.44 3.24
CA TRP A 198 -25.55 -37.94 4.50
C TRP A 198 -24.04 -37.74 4.37
N VAL A 199 -23.57 -36.55 4.72
CA VAL A 199 -22.16 -36.19 4.63
C VAL A 199 -21.70 -35.80 6.02
N PRO A 200 -20.60 -36.35 6.52
CA PRO A 200 -20.13 -35.98 7.86
C PRO A 200 -19.56 -34.57 7.89
N ASP A 201 -19.62 -33.96 9.07
CA ASP A 201 -19.18 -32.58 9.27
C ASP A 201 -17.76 -32.56 9.81
N ILE A 202 -16.82 -32.99 8.97
CA ILE A 202 -15.41 -33.00 9.32
C ILE A 202 -14.79 -31.68 8.86
N LEU A 203 -14.25 -30.91 9.80
CA LEU A 203 -13.62 -29.65 9.47
C LEU A 203 -12.48 -29.38 10.46
N ILE A 204 -11.63 -28.43 10.09
CA ILE A 204 -10.38 -28.18 10.80
C ILE A 204 -10.65 -27.32 12.03
N ASN A 205 -9.96 -27.63 13.13
CA ASN A 205 -10.10 -26.86 14.36
C ASN A 205 -9.49 -25.48 14.25
N GLU A 206 -8.41 -25.33 13.47
CA GLU A 206 -7.62 -24.10 13.47
C GLU A 206 -8.08 -23.12 12.39
N PHE A 207 -9.38 -23.12 12.07
CA PHE A 207 -9.90 -22.15 11.13
C PHE A 207 -9.97 -20.76 11.74
N VAL A 208 -9.72 -19.75 10.91
CA VAL A 208 -9.98 -18.36 11.27
C VAL A 208 -10.73 -17.61 10.18
N ASP A 209 -11.13 -18.29 9.11
CA ASP A 209 -11.84 -17.69 7.99
C ASP A 209 -12.39 -18.83 7.14
N VAL A 210 -13.03 -18.48 6.03
CA VAL A 210 -13.56 -19.46 5.09
C VAL A 210 -12.84 -19.28 3.75
N GLY A 211 -12.36 -20.38 3.19
CA GLY A 211 -11.65 -20.36 1.93
C GLY A 211 -12.58 -20.71 0.78
N LYS A 212 -12.47 -19.94 -0.29
CA LYS A 212 -13.31 -20.14 -1.47
C LYS A 212 -12.78 -21.34 -2.24
N SER A 213 -13.52 -22.45 -2.19
CA SER A 213 -13.12 -23.68 -2.84
C SER A 213 -14.18 -24.11 -3.85
N PRO A 214 -13.77 -24.72 -4.96
CA PRO A 214 -14.76 -25.21 -5.93
C PRO A 214 -15.68 -26.24 -5.31
N ASN A 215 -16.88 -26.35 -5.87
CA ASN A 215 -17.91 -27.24 -5.35
C ASN A 215 -17.98 -28.49 -6.22
N ILE A 216 -17.77 -29.65 -5.61
CA ILE A 216 -17.84 -30.94 -6.30
C ILE A 216 -19.24 -31.50 -6.07
N PRO A 217 -20.08 -31.63 -7.10
CA PRO A 217 -21.48 -32.00 -6.89
C PRO A 217 -21.77 -33.49 -6.83
N TYR A 218 -20.82 -34.36 -7.15
CA TYR A 218 -21.08 -35.78 -7.21
C TYR A 218 -20.14 -36.54 -6.27
N VAL A 219 -20.59 -37.74 -5.89
CA VAL A 219 -19.81 -38.68 -5.08
C VAL A 219 -20.00 -40.08 -5.65
N TYR A 220 -19.00 -40.92 -5.46
CA TYR A 220 -19.07 -42.30 -5.91
C TYR A 220 -19.61 -43.20 -4.81
N VAL A 221 -20.38 -44.20 -5.21
CA VAL A 221 -20.97 -45.17 -4.28
C VAL A 221 -20.81 -46.56 -4.87
N HIS A 222 -20.26 -47.48 -4.09
CA HIS A 222 -20.09 -48.86 -4.49
C HIS A 222 -21.28 -49.70 -4.02
N HIS A 223 -21.31 -50.95 -4.46
CA HIS A 223 -22.47 -51.81 -4.20
C HIS A 223 -22.50 -52.35 -2.79
N ARG A 224 -21.59 -51.94 -1.90
CA ARG A 224 -21.62 -52.34 -0.50
C ARG A 224 -21.67 -51.15 0.44
N GLY A 225 -21.85 -49.94 -0.08
CA GLY A 225 -22.02 -48.75 0.73
C GLY A 225 -20.82 -47.82 0.80
N GLU A 226 -19.68 -48.22 0.25
CA GLU A 226 -18.48 -47.40 0.31
C GLU A 226 -18.67 -46.14 -0.52
N VAL A 227 -18.80 -45.00 0.14
CA VAL A 227 -18.95 -43.70 -0.51
C VAL A 227 -17.58 -43.04 -0.58
N GLN A 228 -17.33 -42.31 -1.67
CA GLN A 228 -16.07 -41.61 -1.86
C GLN A 228 -16.37 -40.16 -2.23
N ASN A 229 -15.71 -39.23 -1.55
CA ASN A 229 -16.01 -37.81 -1.68
C ASN A 229 -14.69 -37.04 -1.87
N TYR A 230 -14.36 -36.74 -3.12
CA TYR A 230 -13.20 -35.93 -3.44
C TYR A 230 -13.59 -34.45 -3.42
N LYS A 231 -12.76 -33.63 -2.81
CA LYS A 231 -13.07 -32.20 -2.72
C LYS A 231 -11.81 -31.39 -2.43
N PRO A 232 -11.50 -30.39 -3.26
CA PRO A 232 -10.38 -29.51 -2.95
C PRO A 232 -10.79 -28.43 -1.95
N LEU A 233 -9.86 -28.08 -1.07
CA LEU A 233 -10.13 -27.13 0.00
C LEU A 233 -9.04 -26.08 0.06
N GLN A 234 -9.44 -24.84 0.34
CA GLN A 234 -8.52 -23.75 0.64
C GLN A 234 -8.63 -23.43 2.13
N LEU A 235 -7.52 -23.57 2.85
CA LEU A 235 -7.51 -23.45 4.29
C LEU A 235 -6.90 -22.12 4.70
N VAL A 236 -7.55 -21.42 5.62
CA VAL A 236 -6.99 -20.24 6.26
C VAL A 236 -6.78 -20.60 7.73
N THR A 237 -5.59 -21.07 8.05
CA THR A 237 -5.30 -21.68 9.34
C THR A 237 -4.48 -20.74 10.21
N ALA A 238 -4.83 -20.68 11.49
CA ALA A 238 -4.09 -19.89 12.47
C ALA A 238 -2.93 -20.72 12.98
N CYS A 239 -1.74 -20.45 12.48
CA CYS A 239 -0.52 -21.18 12.87
C CYS A 239 0.38 -20.26 13.68
N SER A 240 1.06 -20.85 14.67
CA SER A 240 2.01 -20.11 15.50
C SER A 240 3.37 -20.18 14.84
N LEU A 241 3.86 -19.04 14.35
CA LEU A 241 5.08 -18.97 13.58
C LEU A 241 6.24 -18.49 14.46
N ASP A 242 7.39 -19.14 14.30
CA ASP A 242 8.61 -18.76 15.00
C ASP A 242 9.64 -18.34 13.96
N ILE A 243 10.10 -17.10 14.05
CA ILE A 243 10.99 -16.51 13.04
C ILE A 243 12.31 -16.12 13.67
N TYR A 244 12.75 -16.86 14.70
CA TYR A 244 14.02 -16.55 15.34
C TYR A 244 15.16 -16.60 14.34
N ASN A 245 15.23 -17.66 13.54
CA ASN A 245 16.19 -17.77 12.44
C ASN A 245 15.43 -17.44 11.16
N PHE A 246 15.27 -16.14 10.89
CA PHE A 246 14.36 -15.71 9.83
C PHE A 246 14.72 -16.27 8.45
N PRO A 247 15.92 -16.05 7.91
CA PRO A 247 16.17 -16.53 6.54
C PRO A 247 16.18 -18.04 6.42
N PHE A 248 16.49 -18.77 7.50
CA PHE A 248 16.54 -20.23 7.51
C PHE A 248 15.72 -20.73 8.68
N ASP A 249 14.41 -20.86 8.49
CA ASP A 249 13.52 -21.34 9.53
C ASP A 249 12.68 -22.49 9.01
N VAL A 250 12.29 -23.38 9.92
CA VAL A 250 11.49 -24.55 9.60
C VAL A 250 10.19 -24.41 10.38
N GLN A 251 9.15 -23.91 9.74
CA GLN A 251 7.87 -23.72 10.40
C GLN A 251 7.17 -25.06 10.60
N ASN A 252 6.44 -25.16 11.71
CA ASN A 252 5.76 -26.40 12.11
C ASN A 252 4.30 -26.04 12.39
N CYS A 253 3.48 -26.08 11.35
CA CYS A 253 2.06 -25.79 11.46
C CYS A 253 1.25 -27.08 11.54
N SER A 254 0.03 -26.96 12.07
CA SER A 254 -0.80 -28.11 12.36
C SER A 254 -2.19 -27.94 11.76
N LEU A 255 -2.76 -29.06 11.31
CA LEU A 255 -4.14 -29.11 10.82
C LEU A 255 -4.83 -30.25 11.53
N THR A 256 -5.92 -29.93 12.24
CA THR A 256 -6.62 -30.90 13.09
C THR A 256 -8.01 -31.15 12.52
N PHE A 257 -8.17 -32.27 11.81
CA PHE A 257 -9.46 -32.66 11.26
C PHE A 257 -10.26 -33.37 12.36
N THR A 258 -11.38 -32.77 12.75
CA THR A 258 -12.24 -33.37 13.77
C THR A 258 -13.69 -33.09 13.43
N SER A 259 -14.57 -33.92 13.98
CA SER A 259 -16.00 -33.69 13.86
C SER A 259 -16.44 -32.65 14.88
N TRP A 260 -17.10 -31.60 14.40
CA TRP A 260 -17.39 -30.45 15.25
C TRP A 260 -18.48 -30.72 16.27
N LEU A 261 -19.37 -31.68 16.01
CA LEU A 261 -20.49 -31.94 16.90
C LEU A 261 -20.53 -33.38 17.42
N HIS A 262 -20.27 -34.36 16.57
CA HIS A 262 -20.41 -35.76 16.96
C HIS A 262 -19.25 -36.19 17.83
N THR A 263 -19.57 -37.00 18.86
CA THR A 263 -18.55 -37.56 19.73
C THR A 263 -17.89 -38.75 19.05
N ILE A 264 -17.04 -39.48 19.78
CA ILE A 264 -16.35 -40.63 19.20
C ILE A 264 -17.24 -41.86 19.10
N GLN A 265 -18.40 -41.86 19.75
CA GLN A 265 -19.35 -42.95 19.59
C GLN A 265 -20.20 -42.81 18.35
N ASP A 266 -20.07 -41.70 17.62
CA ASP A 266 -20.81 -41.47 16.38
C ASP A 266 -19.92 -41.41 15.16
N ILE A 267 -18.85 -40.64 15.21
CA ILE A 267 -17.93 -40.49 14.09
C ILE A 267 -16.50 -40.65 14.59
N ASN A 268 -15.82 -41.68 14.10
CA ASN A 268 -14.40 -41.88 14.37
C ASN A 268 -13.62 -41.68 13.09
N ILE A 269 -12.40 -41.14 13.22
CA ILE A 269 -11.59 -40.73 12.09
C ILE A 269 -10.35 -41.61 12.01
N THR A 270 -10.14 -42.21 10.85
CA THR A 270 -8.97 -43.03 10.57
C THR A 270 -8.21 -42.44 9.38
N LEU A 271 -7.21 -43.19 8.90
CA LEU A 271 -6.38 -42.76 7.79
C LEU A 271 -6.55 -43.72 6.63
N TRP A 272 -6.72 -43.18 5.42
N TRP A 272 -6.74 -43.16 5.43
CA TRP A 272 -6.92 -44.04 4.27
CA TRP A 272 -6.92 -43.97 4.23
C TRP A 272 -5.62 -44.72 3.86
C TRP A 272 -5.63 -44.70 3.87
N ARG A 273 -4.56 -43.95 3.66
CA ARG A 273 -3.26 -44.52 3.35
C ARG A 273 -2.46 -44.72 4.62
N SER A 274 -1.35 -45.46 4.49
CA SER A 274 -0.44 -45.63 5.61
C SER A 274 0.28 -44.31 5.89
N PRO A 275 0.71 -44.09 7.15
CA PRO A 275 1.37 -42.82 7.47
C PRO A 275 2.66 -42.58 6.70
N GLU A 276 3.35 -43.65 6.26
CA GLU A 276 4.54 -43.47 5.44
C GLU A 276 4.22 -42.80 4.12
N GLU A 277 3.17 -43.28 3.44
CA GLU A 277 2.79 -42.71 2.15
C GLU A 277 2.29 -41.28 2.30
N VAL A 278 1.65 -40.96 3.43
CA VAL A 278 1.20 -39.59 3.64
C VAL A 278 2.39 -38.68 3.96
N ARG A 279 3.41 -39.21 4.64
CA ARG A 279 4.57 -38.41 4.97
C ARG A 279 5.45 -38.15 3.75
N SER A 280 5.58 -39.14 2.87
CA SER A 280 6.51 -39.07 1.74
C SER A 280 5.80 -38.79 0.42
N ASP A 281 4.80 -37.92 0.41
CA ASP A 281 4.03 -37.61 -0.79
C ASP A 281 4.23 -36.15 -1.16
N LYS A 282 4.94 -35.91 -2.26
CA LYS A 282 5.14 -34.58 -2.82
C LYS A 282 4.92 -34.60 -4.33
N SER A 283 3.85 -35.27 -4.77
CA SER A 283 3.68 -35.53 -6.19
C SER A 283 3.20 -34.31 -6.97
N ILE A 284 2.40 -33.44 -6.34
CA ILE A 284 1.76 -32.34 -7.05
C ILE A 284 2.11 -30.98 -6.45
N PHE A 285 2.97 -30.95 -5.44
CA PHE A 285 3.27 -29.70 -4.75
C PHE A 285 3.93 -28.70 -5.68
N ILE A 286 3.43 -27.47 -5.69
CA ILE A 286 4.04 -26.40 -6.47
C ILE A 286 5.34 -26.00 -5.78
N ASN A 287 6.47 -26.39 -6.38
CA ASN A 287 7.76 -26.29 -5.72
C ASN A 287 8.54 -25.03 -6.10
N GLN A 288 8.07 -24.26 -7.07
CA GLN A 288 8.78 -23.08 -7.52
C GLN A 288 8.53 -21.84 -6.66
N GLY A 289 7.76 -21.97 -5.58
CA GLY A 289 7.41 -20.85 -4.75
C GLY A 289 8.51 -20.49 -3.77
N GLU A 290 8.11 -19.80 -2.70
CA GLU A 290 9.06 -19.37 -1.68
C GLU A 290 9.28 -20.44 -0.61
N TRP A 291 8.26 -21.24 -0.31
CA TRP A 291 8.35 -22.25 0.72
C TRP A 291 8.56 -23.63 0.13
N GLU A 292 9.23 -24.48 0.88
CA GLU A 292 9.53 -25.85 0.47
C GLU A 292 8.90 -26.81 1.47
N LEU A 293 8.14 -27.77 0.96
CA LEU A 293 7.48 -28.75 1.81
C LEU A 293 8.45 -29.88 2.18
N LEU A 294 8.55 -30.16 3.47
CA LEU A 294 9.43 -31.22 3.96
C LEU A 294 8.68 -32.53 4.19
N GLU A 295 7.56 -32.49 4.92
CA GLU A 295 6.76 -33.68 5.16
C GLU A 295 5.41 -33.26 5.73
N VAL A 296 4.49 -34.21 5.75
CA VAL A 296 3.17 -34.04 6.35
C VAL A 296 2.98 -35.24 7.27
N PHE A 297 3.09 -35.03 8.57
CA PHE A 297 3.09 -36.13 9.52
C PHE A 297 1.75 -36.25 10.21
N PRO A 298 0.98 -37.32 9.98
CA PRO A 298 -0.31 -37.49 10.63
C PRO A 298 -0.19 -38.16 11.99
N GLN A 299 -1.17 -37.88 12.84
CA GLN A 299 -1.21 -38.45 14.17
C GLN A 299 -2.64 -38.43 14.69
N PHE A 300 -3.07 -39.55 15.27
CA PHE A 300 -4.41 -39.68 15.81
C PHE A 300 -4.40 -39.46 17.33
N LYS A 301 -5.45 -38.80 17.82
CA LYS A 301 -5.54 -38.49 19.24
C LYS A 301 -7.01 -38.42 19.63
N GLU A 302 -7.35 -39.03 20.78
CA GLU A 302 -8.71 -39.00 21.31
C GLU A 302 -8.81 -37.85 22.30
N PHE A 303 -9.28 -36.70 21.83
CA PHE A 303 -9.36 -35.50 22.64
C PHE A 303 -10.69 -35.47 23.39
N SER A 304 -10.61 -35.44 24.72
CA SER A 304 -11.79 -35.45 25.58
C SER A 304 -11.88 -34.14 26.35
N ILE A 305 -13.06 -33.50 26.30
CA ILE A 305 -13.30 -32.31 27.10
C ILE A 305 -13.81 -32.66 28.49
N ASP A 306 -14.72 -33.63 28.58
CA ASP A 306 -15.27 -34.06 29.86
C ASP A 306 -15.24 -35.58 29.93
N ILE A 307 -15.87 -36.16 30.93
CA ILE A 307 -16.10 -37.60 30.98
C ILE A 307 -17.36 -37.90 30.16
N SER A 308 -17.34 -39.03 29.47
CA SER A 308 -18.38 -39.49 28.55
C SER A 308 -18.54 -38.58 27.33
N ASN A 309 -17.69 -37.57 27.16
CA ASN A 309 -17.70 -36.71 25.98
C ASN A 309 -16.27 -36.67 25.44
N SER A 310 -15.94 -37.63 24.58
CA SER A 310 -14.61 -37.71 23.99
C SER A 310 -14.74 -37.62 22.47
N TYR A 311 -13.97 -36.73 21.87
CA TYR A 311 -13.98 -36.52 20.43
C TYR A 311 -12.73 -37.12 19.80
N ALA A 312 -12.87 -37.54 18.55
CA ALA A 312 -11.76 -38.06 17.77
C ALA A 312 -11.25 -36.99 16.82
N GLU A 313 -9.93 -36.93 16.65
CA GLU A 313 -9.33 -35.94 15.76
C GLU A 313 -8.07 -36.53 15.15
N MET A 314 -7.67 -35.95 14.01
CA MET A 314 -6.50 -36.39 13.26
C MET A 314 -5.65 -35.17 12.95
N LYS A 315 -4.47 -35.09 13.55
CA LYS A 315 -3.61 -33.93 13.39
C LYS A 315 -2.59 -34.17 12.30
N PHE A 316 -2.51 -33.23 11.35
CA PHE A 316 -1.50 -33.25 10.30
C PHE A 316 -0.52 -32.12 10.56
N TYR A 317 0.75 -32.46 10.75
CA TYR A 317 1.80 -31.49 11.00
C TYR A 317 2.46 -31.15 9.67
N VAL A 318 2.12 -29.99 9.13
CA VAL A 318 2.72 -29.51 7.88
C VAL A 318 4.02 -28.81 8.23
N ILE A 319 5.15 -29.41 7.85
CA ILE A 319 6.47 -28.91 8.18
C ILE A 319 7.08 -28.33 6.92
N ILE A 320 7.27 -27.01 6.91
CA ILE A 320 7.74 -26.30 5.73
C ILE A 320 9.02 -25.54 6.08
N ARG A 321 9.77 -25.20 5.04
CA ARG A 321 11.04 -24.50 5.20
C ARG A 321 11.16 -23.40 4.16
N ARG A 322 11.59 -22.22 4.60
CA ARG A 322 11.73 -21.08 3.71
C ARG A 322 13.02 -21.17 2.91
N ARG A 323 13.00 -20.64 1.69
CA ARG A 323 14.18 -20.59 0.85
C ARG A 323 14.90 -19.27 1.07
N PRO A 324 16.15 -19.29 1.55
CA PRO A 324 16.81 -18.03 1.94
C PRO A 324 17.30 -17.18 0.78
N LEU A 325 17.53 -17.76 -0.40
CA LEU A 325 18.00 -16.99 -1.54
C LEU A 325 17.00 -15.96 -2.02
N PHE A 326 15.75 -16.02 -1.54
CA PHE A 326 14.77 -14.99 -1.86
C PHE A 326 15.17 -13.65 -1.29
N TYR A 327 15.92 -13.64 -0.19
CA TYR A 327 16.27 -12.42 0.53
C TYR A 327 17.76 -12.09 0.51
N ALA A 328 18.57 -12.91 -0.16
CA ALA A 328 20.00 -12.63 -0.22
C ALA A 328 20.28 -11.31 -0.93
N VAL A 329 19.76 -11.16 -2.16
CA VAL A 329 20.00 -9.95 -2.95
C VAL A 329 19.40 -8.72 -2.29
N SER A 330 18.49 -8.90 -1.33
CA SER A 330 17.84 -7.79 -0.66
C SER A 330 18.41 -7.49 0.72
N LEU A 331 19.19 -8.39 1.30
CA LEU A 331 19.75 -8.17 2.62
C LEU A 331 21.27 -8.07 2.65
N LEU A 332 21.98 -8.89 1.89
CA LEU A 332 23.44 -8.90 1.96
C LEU A 332 24.11 -7.91 1.02
N LEU A 333 23.45 -7.56 -0.10
CA LEU A 333 24.10 -6.70 -1.07
C LEU A 333 24.31 -5.27 -0.57
N PRO A 334 23.29 -4.57 -0.04
CA PRO A 334 23.53 -3.18 0.39
C PRO A 334 24.52 -3.06 1.52
N SER A 335 24.53 -4.00 2.48
CA SER A 335 25.49 -3.93 3.57
C SER A 335 26.92 -4.08 3.07
N ILE A 336 27.15 -5.03 2.16
CA ILE A 336 28.48 -5.20 1.59
C ILE A 336 28.88 -3.97 0.80
N PHE A 337 27.96 -3.41 0.01
CA PHE A 337 28.27 -2.21 -0.77
C PHE A 337 28.63 -1.05 0.14
N LEU A 338 27.91 -0.87 1.24
CA LEU A 338 28.19 0.24 2.14
C LEU A 338 29.50 0.04 2.89
N MET A 339 29.80 -1.20 3.30
CA MET A 339 31.09 -1.45 3.94
C MET A 339 32.24 -1.22 2.96
N VAL A 340 32.04 -1.56 1.68
CA VAL A 340 33.08 -1.33 0.68
C VAL A 340 33.30 0.15 0.47
N VAL A 341 32.23 0.92 0.31
CA VAL A 341 32.42 2.36 0.11
C VAL A 341 32.97 3.01 1.38
N ASP A 342 32.71 2.42 2.55
CA ASP A 342 33.30 2.95 3.78
C ASP A 342 34.80 2.74 3.80
N ILE A 343 35.25 1.52 3.51
CA ILE A 343 36.69 1.26 3.49
C ILE A 343 37.36 2.00 2.33
N VAL A 344 36.60 2.38 1.30
CA VAL A 344 37.15 3.22 0.24
C VAL A 344 37.34 4.65 0.72
N GLY A 345 36.29 5.22 1.31
CA GLY A 345 36.37 6.58 1.83
C GLY A 345 37.31 6.73 3.00
N PHE A 346 37.69 5.63 3.64
CA PHE A 346 38.66 5.70 4.73
C PHE A 346 40.04 6.17 4.27
N CYS A 347 40.27 6.31 2.97
CA CYS A 347 41.57 6.72 2.45
C CYS A 347 41.66 8.21 2.16
N LEU A 348 40.62 8.97 2.47
CA LEU A 348 40.69 10.42 2.29
C LEU A 348 41.63 11.04 3.32
N PRO A 349 42.36 12.08 2.96
CA PRO A 349 43.23 12.76 3.93
C PRO A 349 42.40 13.38 5.04
N PRO A 350 42.84 13.25 6.29
CA PRO A 350 42.01 13.71 7.42
C PRO A 350 41.87 15.22 7.49
N ASP A 351 42.80 15.99 6.94
CA ASP A 351 42.73 17.45 6.95
C ASP A 351 42.07 18.01 5.71
N SER A 352 41.43 17.18 4.89
CA SER A 352 40.79 17.66 3.67
C SER A 352 39.47 18.37 3.93
N GLY A 353 38.86 18.16 5.09
CA GLY A 353 37.58 18.77 5.38
C GLY A 353 36.39 18.16 4.69
N GLU A 354 36.55 16.98 4.09
CA GLU A 354 35.45 16.27 3.44
C GLU A 354 35.21 14.89 4.01
N ARG A 355 36.11 14.37 4.83
CA ARG A 355 35.94 13.03 5.38
C ARG A 355 34.74 12.96 6.31
N VAL A 356 34.51 14.03 7.08
CA VAL A 356 33.35 14.06 7.98
C VAL A 356 32.05 14.05 7.18
N SER A 357 31.98 14.86 6.12
CA SER A 357 30.80 14.85 5.27
C SER A 357 30.59 13.49 4.62
N PHE A 358 31.66 12.86 4.15
CA PHE A 358 31.56 11.53 3.57
C PHE A 358 30.97 10.54 4.58
N LYS A 359 31.52 10.52 5.80
CA LYS A 359 31.07 9.56 6.79
C LYS A 359 29.62 9.82 7.20
N ILE A 360 29.24 11.09 7.36
CA ILE A 360 27.87 11.36 7.80
C ILE A 360 26.88 11.05 6.70
N THR A 361 27.23 11.30 5.44
CA THR A 361 26.36 10.92 4.33
C THR A 361 26.21 9.40 4.26
N LEU A 362 27.31 8.68 4.47
CA LEU A 362 27.25 7.22 4.47
C LEU A 362 26.35 6.71 5.59
N LEU A 363 26.46 7.31 6.78
CA LEU A 363 25.62 6.87 7.90
C LEU A 363 24.15 7.19 7.63
N LEU A 364 23.87 8.35 7.02
CA LEU A 364 22.50 8.66 6.64
C LEU A 364 21.95 7.64 5.64
N GLY A 365 22.75 7.29 4.64
CA GLY A 365 22.32 6.27 3.69
C GLY A 365 22.07 4.92 4.34
N TYR A 366 22.95 4.51 5.25
CA TYR A 366 22.75 3.24 5.94
C TYR A 366 21.50 3.29 6.80
N SER A 367 21.22 4.43 7.44
CA SER A 367 20.03 4.55 8.27
C SER A 367 18.76 4.46 7.44
N VAL A 368 18.72 5.16 6.30
CA VAL A 368 17.51 5.10 5.47
C VAL A 368 17.34 3.71 4.88
N PHE A 369 18.44 3.04 4.52
CA PHE A 369 18.33 1.66 4.05
C PHE A 369 17.80 0.75 5.15
N LEU A 370 18.28 0.94 6.38
CA LEU A 370 17.83 0.12 7.50
C LEU A 370 16.33 0.30 7.73
N ILE A 371 15.87 1.54 7.80
CA ILE A 371 14.46 1.79 8.06
C ILE A 371 13.57 1.48 6.86
N ILE A 372 14.15 1.34 5.67
CA ILE A 372 13.36 0.89 4.52
C ILE A 372 13.24 -0.63 4.51
N VAL A 373 14.34 -1.34 4.79
CA VAL A 373 14.31 -2.80 4.75
C VAL A 373 13.71 -3.41 6.01
N SER A 374 13.54 -2.63 7.07
CA SER A 374 12.91 -3.16 8.28
C SER A 374 11.43 -3.48 8.09
N ASP A 375 10.83 -3.07 6.96
CA ASP A 375 9.43 -3.38 6.73
C ASP A 375 9.25 -4.79 6.20
N THR A 376 10.06 -5.20 5.23
CA THR A 376 10.00 -6.57 4.73
C THR A 376 10.46 -7.56 5.79
N LEU A 377 11.30 -7.13 6.72
CA LEU A 377 11.69 -7.97 7.84
C LEU A 377 10.50 -8.18 8.77
N PRO A 378 10.06 -9.42 8.99
CA PRO A 378 8.91 -9.63 9.87
C PRO A 378 9.27 -9.37 11.33
N ALA A 379 8.24 -9.40 12.17
CA ALA A 379 8.43 -9.15 13.59
C ALA A 379 7.25 -9.75 14.35
N THR A 380 7.55 -10.50 15.41
CA THR A 380 6.55 -11.04 16.29
C THR A 380 6.68 -10.41 17.68
N ALA A 381 5.57 -10.40 18.41
CA ALA A 381 5.54 -9.77 19.72
C ALA A 381 6.32 -10.56 20.77
N ILE A 382 6.75 -11.77 20.46
CA ILE A 382 7.50 -12.58 21.42
C ILE A 382 9.01 -12.37 21.28
N GLY A 383 9.50 -12.19 20.06
CA GLY A 383 10.93 -12.02 19.86
C GLY A 383 11.23 -11.48 18.48
N THR A 384 12.48 -11.05 18.31
CA THR A 384 13.01 -10.52 17.07
C THR A 384 13.97 -11.50 16.43
N PRO A 385 14.05 -11.56 15.10
CA PRO A 385 14.99 -12.46 14.45
C PRO A 385 16.44 -12.13 14.80
N LEU A 386 17.32 -13.10 14.57
CA LEU A 386 18.72 -12.96 14.92
C LEU A 386 19.49 -12.11 13.93
N ILE A 387 18.88 -11.71 12.81
CA ILE A 387 19.57 -10.87 11.84
C ILE A 387 19.64 -9.41 12.30
N GLY A 388 18.74 -8.99 13.20
CA GLY A 388 18.83 -7.65 13.73
C GLY A 388 20.09 -7.41 14.52
N VAL A 389 20.59 -8.44 15.21
CA VAL A 389 21.85 -8.31 15.94
C VAL A 389 23.00 -8.02 14.99
N TYR A 390 23.05 -8.75 13.87
CA TYR A 390 24.12 -8.51 12.90
C TYR A 390 23.99 -7.16 12.23
N PHE A 391 22.75 -6.72 11.96
CA PHE A 391 22.56 -5.40 11.37
C PHE A 391 23.01 -4.30 12.32
N VAL A 392 22.67 -4.41 13.60
CA VAL A 392 23.09 -3.36 14.54
C VAL A 392 24.58 -3.44 14.81
N VAL A 393 25.19 -4.63 14.67
CA VAL A 393 26.64 -4.71 14.77
C VAL A 393 27.31 -4.00 13.61
N CYS A 394 26.75 -4.15 12.40
CA CYS A 394 27.29 -3.43 11.25
C CYS A 394 27.14 -1.92 11.41
N MET A 395 25.97 -1.47 11.89
CA MET A 395 25.78 -0.04 12.11
C MET A 395 26.69 0.48 13.22
N ALA A 396 26.99 -0.37 14.22
CA ALA A 396 27.92 0.03 15.27
C ALA A 396 29.33 0.15 14.71
N LEU A 397 29.71 -0.74 13.79
CA LEU A 397 30.99 -0.58 13.12
C LEU A 397 31.06 0.73 12.36
N LEU A 398 29.98 1.09 11.66
CA LEU A 398 29.95 2.37 10.95
C LEU A 398 30.06 3.55 11.91
N VAL A 399 29.38 3.48 13.05
CA VAL A 399 29.45 4.57 14.03
C VAL A 399 30.85 4.66 14.63
N ILE A 400 31.51 3.51 14.82
CA ILE A 400 32.89 3.54 15.32
C ILE A 400 33.82 4.17 14.30
N SER A 401 33.60 3.88 13.01
CA SER A 401 34.38 4.54 11.97
C SER A 401 34.17 6.05 11.99
N LEU A 402 32.92 6.48 12.16
CA LEU A 402 32.63 7.91 12.24
C LEU A 402 33.33 8.55 13.43
N ALA A 403 33.30 7.88 14.59
CA ALA A 403 33.95 8.42 15.78
C ALA A 403 35.46 8.50 15.61
N GLU A 404 36.06 7.50 14.97
CA GLU A 404 37.49 7.54 14.70
C GLU A 404 37.85 8.69 13.76
N THR A 405 37.04 8.89 12.71
CA THR A 405 37.25 10.02 11.82
C THR A 405 37.16 11.34 12.58
N ILE A 406 36.17 11.48 13.46
CA ILE A 406 36.02 12.72 14.22
C ILE A 406 37.23 12.94 15.12
N PHE A 407 37.72 11.87 15.75
CA PHE A 407 38.89 12.00 16.62
C PHE A 407 40.12 12.44 15.84
N ILE A 408 40.37 11.79 14.69
CA ILE A 408 41.53 12.15 13.89
C ILE A 408 41.42 13.57 13.38
N VAL A 409 40.21 14.02 13.02
CA VAL A 409 40.02 15.40 12.61
C VAL A 409 40.30 16.35 13.76
N ARG A 410 39.87 16.00 14.97
CA ARG A 410 40.12 16.84 16.13
C ARG A 410 41.61 16.92 16.44
N LEU A 411 42.38 15.89 16.08
CA LEU A 411 43.81 15.92 16.35
C LEU A 411 44.55 16.86 15.41
N VAL A 412 44.34 16.72 14.09
CA VAL A 412 45.18 17.39 13.10
C VAL A 412 44.72 18.79 12.77
N HIS A 413 43.68 19.30 13.43
CA HIS A 413 43.14 20.60 13.06
C HIS A 413 44.07 21.72 13.53
N LYS A 414 44.27 22.71 12.66
CA LYS A 414 45.12 23.86 12.94
C LYS A 414 44.24 24.93 13.60
N GLN A 415 44.29 25.00 14.93
CA GLN A 415 43.39 25.84 15.71
C GLN A 415 44.03 27.12 16.21
N ASP A 416 45.33 27.31 16.00
CA ASP A 416 46.09 28.47 16.48
C ASP A 416 46.21 28.48 17.99
N LEU A 417 45.60 27.49 18.65
CA LEU A 417 45.79 27.25 20.07
C LEU A 417 46.67 26.04 20.32
N GLN A 418 47.26 25.47 19.28
CA GLN A 418 48.00 24.22 19.40
C GLN A 418 49.30 24.44 20.16
N ARG A 419 49.50 23.66 21.21
CA ARG A 419 50.76 23.59 21.91
C ARG A 419 51.60 22.46 21.33
N PRO A 420 52.93 22.51 21.52
CA PRO A 420 53.78 21.44 20.98
C PRO A 420 53.38 20.07 21.51
N VAL A 421 53.54 19.06 20.66
CA VAL A 421 53.13 17.69 21.02
C VAL A 421 54.00 17.18 22.16
N PRO A 422 53.42 16.57 23.19
CA PRO A 422 54.23 16.10 24.32
C PRO A 422 55.27 15.08 23.89
N ASP A 423 56.35 14.99 24.67
CA ASP A 423 57.50 14.18 24.27
C ASP A 423 57.21 12.69 24.36
N TRP A 424 56.39 12.26 25.32
CA TRP A 424 56.04 10.84 25.40
C TRP A 424 55.24 10.40 24.18
N LEU A 425 54.24 11.21 23.79
CA LEU A 425 53.46 10.90 22.60
C LEU A 425 54.34 10.94 21.35
N ARG A 426 55.22 11.94 21.27
CA ARG A 426 56.16 12.02 20.15
C ARG A 426 56.98 10.74 20.04
N HIS A 427 57.69 10.38 21.11
CA HIS A 427 58.48 9.15 21.13
C HIS A 427 57.64 7.97 20.67
N LEU A 428 56.56 7.67 21.41
CA LEU A 428 55.75 6.49 21.12
C LEU A 428 55.31 6.45 19.66
N VAL A 429 54.57 7.46 19.23
CA VAL A 429 53.94 7.39 17.90
C VAL A 429 54.99 7.48 16.80
N LEU A 430 55.85 8.50 16.85
CA LEU A 430 56.80 8.74 15.77
C LEU A 430 58.01 7.81 15.81
N ASP A 431 58.09 6.88 16.75
CA ASP A 431 59.06 5.80 16.68
C ASP A 431 58.41 4.44 16.53
N ARG A 432 57.10 4.32 16.71
CA ARG A 432 56.38 3.12 16.33
C ARG A 432 55.99 3.15 14.86
N ILE A 433 55.85 4.34 14.28
CA ILE A 433 55.57 4.48 12.86
C ILE A 433 56.67 3.86 12.01
N LEU A 501 70.72 55.76 17.44
CA LEU A 501 71.37 55.71 16.15
C LEU A 501 70.40 55.18 15.09
N ALA A 502 70.48 55.75 13.88
CA ALA A 502 69.61 55.31 12.80
C ALA A 502 69.90 53.87 12.40
N VAL A 503 71.16 53.45 12.43
CA VAL A 503 71.49 52.07 12.11
C VAL A 503 70.91 51.12 13.14
N ARG A 504 70.97 51.49 14.42
CA ARG A 504 70.36 50.67 15.46
C ARG A 504 68.84 50.64 15.32
N GLY A 505 68.24 51.74 14.88
CA GLY A 505 66.81 51.73 14.62
C GLY A 505 66.42 50.80 13.50
N LEU A 506 67.17 50.85 12.40
CA LEU A 506 66.97 49.89 11.30
C LEU A 506 67.13 48.46 11.80
N LEU A 507 68.13 48.22 12.66
CA LEU A 507 68.37 46.89 13.18
C LEU A 507 67.19 46.39 14.01
N GLN A 508 66.65 47.24 14.87
CA GLN A 508 65.53 46.80 15.71
C GLN A 508 64.25 46.63 14.89
N GLU A 509 64.06 47.45 13.85
CA GLU A 509 62.90 47.23 12.98
C GLU A 509 63.01 45.89 12.24
N LEU A 510 64.20 45.59 11.70
CA LEU A 510 64.40 44.30 11.06
C LEU A 510 64.23 43.15 12.04
N SER A 511 64.64 43.35 13.29
CA SER A 511 64.48 42.31 14.30
C SER A 511 63.00 42.07 14.61
N SER A 512 62.20 43.13 14.67
CA SER A 512 60.77 42.96 14.88
C SER A 512 60.11 42.22 13.71
N ILE A 513 60.50 42.57 12.49
CA ILE A 513 59.97 41.86 11.32
C ILE A 513 60.34 40.38 11.37
N ARG A 514 61.61 40.10 11.72
CA ARG A 514 62.06 38.71 11.80
C ARG A 514 61.33 37.96 12.91
N HIS A 515 61.03 38.64 14.01
CA HIS A 515 60.29 38.00 15.09
C HIS A 515 58.88 37.63 14.65
N PHE A 516 58.20 38.53 13.94
CA PHE A 516 56.88 38.20 13.39
C PHE A 516 56.96 36.97 12.49
N LEU A 517 57.91 36.96 11.56
CA LEU A 517 58.03 35.84 10.64
C LEU A 517 58.37 34.54 11.38
N GLU A 518 59.21 34.63 12.41
CA GLU A 518 59.60 33.44 13.17
C GLU A 518 58.43 32.90 13.97
N LYS A 519 57.59 33.77 14.52
CA LYS A 519 56.39 33.32 15.22
C LYS A 519 55.48 32.55 14.26
N ARG A 520 55.27 33.10 13.06
CA ARG A 520 54.45 32.41 12.08
C ARG A 520 55.04 31.04 11.73
N ASP A 521 56.36 30.99 11.51
CA ASP A 521 57.00 29.74 11.13
C ASP A 521 56.92 28.70 12.24
N GLU A 522 57.06 29.15 13.50
CA GLU A 522 56.98 28.21 14.62
C GLU A 522 55.58 27.63 14.76
N MET A 523 54.55 28.47 14.58
CA MET A 523 53.19 27.95 14.62
C MET A 523 52.95 26.94 13.51
N ARG A 524 53.46 27.22 12.31
CA ARG A 524 53.31 26.27 11.20
C ARG A 524 54.03 24.96 11.50
N GLU A 525 55.20 25.02 12.12
CA GLU A 525 55.94 23.80 12.43
C GLU A 525 55.21 22.96 13.47
N VAL A 526 54.62 23.60 14.48
CA VAL A 526 53.83 22.87 15.47
C VAL A 526 52.64 22.19 14.80
N ALA A 527 51.96 22.92 13.90
CA ALA A 527 50.84 22.33 13.19
C ALA A 527 51.28 21.13 12.36
N ARG A 528 52.45 21.22 11.71
CA ARG A 528 52.96 20.12 10.91
C ARG A 528 53.24 18.89 11.76
N ASP A 529 53.85 19.08 12.93
CA ASP A 529 54.11 17.95 13.82
C ASP A 529 52.81 17.27 14.24
N TRP A 530 51.81 18.07 14.63
CA TRP A 530 50.52 17.48 15.01
C TRP A 530 49.88 16.74 13.85
N LEU A 531 49.99 17.28 12.63
CA LEU A 531 49.39 16.63 11.48
C LEU A 531 50.07 15.30 11.17
N ARG A 532 51.39 15.23 11.34
CA ARG A 532 52.09 13.97 11.12
C ARG A 532 51.69 12.92 12.15
N VAL A 533 51.58 13.33 13.43
CA VAL A 533 51.10 12.41 14.45
C VAL A 533 49.71 11.88 14.11
N GLY A 534 48.83 12.78 13.65
CA GLY A 534 47.49 12.36 13.28
C GLY A 534 47.48 11.40 12.10
N TYR A 535 48.32 11.65 11.10
CA TYR A 535 48.42 10.74 9.96
C TYR A 535 48.83 9.34 10.41
N VAL A 536 49.84 9.25 11.28
CA VAL A 536 50.29 7.94 11.75
C VAL A 536 49.18 7.22 12.50
N LEU A 537 48.49 7.94 13.40
CA LEU A 537 47.42 7.30 14.15
C LEU A 537 46.27 6.88 13.23
N ASP A 538 45.99 7.67 12.20
CA ASP A 538 44.93 7.32 11.27
C ASP A 538 45.26 6.04 10.51
N ARG A 539 46.50 5.90 10.04
CA ARG A 539 46.88 4.68 9.35
C ARG A 539 46.77 3.46 10.28
N LEU A 540 47.23 3.61 11.53
CA LEU A 540 47.15 2.50 12.47
C LEU A 540 45.69 2.08 12.70
N LEU A 541 44.81 3.06 12.95
CA LEU A 541 43.42 2.73 13.22
C LEU A 541 42.72 2.19 11.98
N PHE A 542 43.11 2.63 10.79
CA PHE A 542 42.54 2.08 9.57
C PHE A 542 42.90 0.61 9.41
N ARG A 543 44.17 0.26 9.68
CA ARG A 543 44.55 -1.15 9.62
C ARG A 543 43.77 -1.98 10.65
N ILE A 544 43.61 -1.45 11.86
CA ILE A 544 42.86 -2.18 12.89
C ILE A 544 41.41 -2.38 12.45
N TYR A 545 40.78 -1.33 11.90
CA TYR A 545 39.39 -1.43 11.47
C TYR A 545 39.24 -2.42 10.33
N LEU A 546 40.21 -2.44 9.41
CA LEU A 546 40.16 -3.41 8.31
C LEU A 546 40.26 -4.84 8.81
N LEU A 547 41.17 -5.08 9.77
CA LEU A 547 41.27 -6.42 10.35
C LEU A 547 39.97 -6.83 11.03
N ALA A 548 39.35 -5.91 11.77
CA ALA A 548 38.10 -6.23 12.46
C ALA A 548 36.99 -6.54 11.47
N VAL A 549 36.90 -5.76 10.38
CA VAL A 549 35.88 -6.00 9.37
C VAL A 549 36.08 -7.35 8.70
N LEU A 550 37.34 -7.70 8.39
CA LEU A 550 37.59 -8.99 7.76
C LEU A 550 37.26 -10.14 8.71
N ALA A 551 37.56 -9.99 9.99
CA ALA A 551 37.20 -11.02 10.96
C ALA A 551 35.69 -11.20 11.03
N TYR A 552 34.94 -10.09 11.10
CA TYR A 552 33.50 -10.20 11.17
C TYR A 552 32.91 -10.82 9.90
N SER A 553 33.47 -10.47 8.73
CA SER A 553 32.98 -11.04 7.48
C SER A 553 33.27 -12.55 7.40
N ILE A 554 34.46 -12.98 7.81
CA ILE A 554 34.76 -14.40 7.69
C ILE A 554 33.96 -15.20 8.72
N THR A 555 33.68 -14.61 9.89
CA THR A 555 32.81 -15.29 10.85
C THR A 555 31.41 -15.45 10.29
N LEU A 556 30.87 -14.41 9.66
CA LEU A 556 29.54 -14.51 9.05
C LEU A 556 29.53 -15.55 7.93
N VAL A 557 30.58 -15.58 7.12
CA VAL A 557 30.64 -16.54 6.01
C VAL A 557 30.69 -17.97 6.56
N THR A 558 31.46 -18.21 7.62
CA THR A 558 31.53 -19.54 8.19
C THR A 558 30.19 -19.95 8.79
N LEU A 559 29.52 -19.04 9.51
CA LEU A 559 28.22 -19.37 10.08
C LEU A 559 27.18 -19.63 9.01
N TRP A 560 27.33 -19.00 7.85
CA TRP A 560 26.42 -19.31 6.74
C TRP A 560 26.77 -20.66 6.10
N SER A 561 28.05 -21.00 6.03
CA SER A 561 28.47 -22.19 5.30
C SER A 561 28.41 -23.47 6.12
N ILE A 562 28.34 -23.37 7.45
CA ILE A 562 28.25 -24.58 8.26
C ILE A 562 26.89 -25.26 8.05
N THR B 112 -56.54 -28.43 22.20
CA THR B 112 -55.44 -29.25 22.70
C THR B 112 -54.14 -28.93 21.97
N GLN B 113 -54.22 -28.08 20.96
CA GLN B 113 -53.07 -27.65 20.21
C GLN B 113 -52.29 -26.58 20.99
N PRO B 114 -50.99 -26.42 20.69
CA PRO B 114 -50.18 -25.45 21.44
C PRO B 114 -50.58 -23.98 21.23
N ALA B 115 -51.69 -23.75 20.51
CA ALA B 115 -52.28 -22.43 20.30
C ALA B 115 -51.40 -21.52 19.46
N LEU B 116 -50.19 -21.97 19.12
CA LEU B 116 -49.34 -21.27 18.17
C LEU B 116 -49.23 -22.00 16.83
N LEU B 117 -49.14 -23.33 16.87
CA LEU B 117 -49.24 -24.10 15.64
C LEU B 117 -50.59 -23.86 14.96
N ARG B 118 -51.66 -23.79 15.75
CA ARG B 118 -52.98 -23.49 15.20
C ARG B 118 -52.98 -22.16 14.46
N LEU B 119 -52.44 -21.11 15.10
CA LEU B 119 -52.46 -19.80 14.48
C LEU B 119 -51.57 -19.75 13.24
N SER B 120 -50.41 -20.41 13.29
CA SER B 120 -49.53 -20.45 12.12
C SER B 120 -50.19 -21.19 10.95
N ASP B 121 -50.89 -22.28 11.24
CA ASP B 121 -51.58 -23.00 10.18
C ASP B 121 -52.78 -22.22 9.66
N HIS B 122 -53.41 -21.43 10.54
CA HIS B 122 -54.55 -20.63 10.10
C HIS B 122 -54.10 -19.46 9.23
N LEU B 123 -52.93 -18.90 9.50
CA LEU B 123 -52.45 -17.74 8.76
C LEU B 123 -51.69 -18.15 7.49
N LEU B 124 -50.64 -18.94 7.62
CA LEU B 124 -49.73 -19.19 6.52
C LEU B 124 -50.25 -20.22 5.52
N ALA B 125 -51.39 -20.85 5.77
CA ALA B 125 -52.01 -21.72 4.79
C ALA B 125 -52.91 -20.89 3.87
N ASN B 126 -52.91 -21.25 2.59
CA ASN B 126 -53.62 -20.50 1.55
C ASN B 126 -53.12 -19.05 1.49
N TYR B 127 -51.85 -18.84 1.79
CA TYR B 127 -51.23 -17.52 1.76
C TYR B 127 -50.23 -17.46 0.62
N LYS B 128 -50.29 -16.39 -0.16
CA LYS B 128 -49.40 -16.18 -1.30
C LYS B 128 -48.45 -15.04 -0.97
N LYS B 129 -47.15 -15.31 -1.02
CA LYS B 129 -46.12 -14.34 -0.69
C LYS B 129 -45.69 -13.49 -1.89
N GLY B 130 -46.48 -13.47 -2.95
CA GLY B 130 -46.16 -12.67 -4.11
C GLY B 130 -47.19 -11.60 -4.39
N VAL B 131 -48.30 -11.66 -3.66
CA VAL B 131 -49.42 -10.73 -3.84
C VAL B 131 -49.30 -9.63 -2.80
N ARG B 132 -49.49 -8.39 -3.23
CA ARG B 132 -49.51 -7.27 -2.31
C ARG B 132 -50.71 -7.41 -1.37
N PRO B 133 -50.51 -7.43 -0.06
CA PRO B 133 -51.61 -7.78 0.85
C PRO B 133 -52.65 -6.67 1.00
N VAL B 134 -53.57 -6.59 0.04
CA VAL B 134 -54.70 -5.68 0.12
C VAL B 134 -55.93 -6.39 -0.43
N ARG B 135 -57.08 -6.13 0.19
CA ARG B 135 -58.34 -6.66 -0.32
C ARG B 135 -58.93 -5.81 -1.42
N ASP B 136 -58.58 -4.52 -1.47
CA ASP B 136 -58.99 -3.62 -2.53
C ASP B 136 -57.72 -3.06 -3.16
N TRP B 137 -57.47 -3.43 -4.42
CA TRP B 137 -56.23 -3.07 -5.10
C TRP B 137 -56.10 -1.56 -5.33
N ARG B 138 -57.12 -0.77 -5.02
CA ARG B 138 -57.06 0.68 -5.18
C ARG B 138 -56.56 1.39 -3.92
N LYS B 139 -55.95 0.66 -3.00
CA LYS B 139 -55.38 1.23 -1.80
C LYS B 139 -53.90 0.89 -1.68
N PRO B 140 -53.04 1.86 -1.44
CA PRO B 140 -51.61 1.55 -1.29
C PRO B 140 -51.26 1.11 0.11
N THR B 141 -50.17 0.35 0.22
CA THR B 141 -49.69 -0.14 1.51
C THR B 141 -48.70 0.88 2.05
N THR B 142 -49.16 1.66 3.03
CA THR B 142 -48.32 2.72 3.61
C THR B 142 -47.25 2.09 4.47
N VAL B 143 -45.99 2.21 4.04
CA VAL B 143 -44.85 1.65 4.75
C VAL B 143 -44.19 2.77 5.54
N SER B 144 -44.23 2.67 6.86
CA SER B 144 -43.53 3.63 7.70
C SER B 144 -42.08 3.21 7.86
N ILE B 145 -41.21 4.20 8.06
CA ILE B 145 -39.77 3.98 8.06
C ILE B 145 -39.15 4.76 9.23
N ASP B 146 -38.19 4.14 9.90
CA ASP B 146 -37.40 4.78 10.94
C ASP B 146 -35.95 4.34 10.78
N VAL B 147 -35.03 5.31 10.93
CA VAL B 147 -33.61 5.09 10.68
C VAL B 147 -32.82 5.67 11.84
N ILE B 148 -31.83 4.92 12.32
CA ILE B 148 -30.93 5.36 13.37
C ILE B 148 -29.51 5.11 12.92
N MET B 149 -28.69 6.16 12.91
CA MET B 149 -27.29 6.01 12.58
C MET B 149 -26.55 5.32 13.73
N TYR B 150 -25.63 4.43 13.39
CA TYR B 150 -24.84 3.71 14.37
C TYR B 150 -23.35 3.95 14.24
N ALA B 151 -22.81 3.97 13.03
CA ALA B 151 -21.39 4.18 12.83
C ALA B 151 -21.13 4.69 11.42
N ILE B 152 -20.01 5.40 11.27
CA ILE B 152 -19.54 5.88 9.98
C ILE B 152 -18.20 5.19 9.73
N LEU B 153 -18.21 4.14 8.90
CA LEU B 153 -17.06 3.27 8.77
C LEU B 153 -15.93 3.92 7.99
N ASN B 154 -16.24 4.54 6.85
CA ASN B 154 -15.20 5.07 5.98
C ASN B 154 -15.81 6.13 5.06
N VAL B 155 -15.14 7.27 4.97
CA VAL B 155 -15.51 8.35 4.06
C VAL B 155 -14.36 8.51 3.06
N ASP B 156 -14.59 8.13 1.81
CA ASP B 156 -13.57 8.16 0.76
C ASP B 156 -13.79 9.41 -0.08
N GLU B 157 -12.91 10.40 0.09
CA GLU B 157 -13.01 11.65 -0.66
C GLU B 157 -12.54 11.52 -2.10
N LYS B 158 -11.76 10.47 -2.41
CA LYS B 158 -11.26 10.31 -3.77
C LYS B 158 -12.34 9.77 -4.70
N ASN B 159 -13.00 8.68 -4.30
CA ASN B 159 -14.03 8.05 -5.11
C ASN B 159 -15.43 8.57 -4.78
N GLN B 160 -15.56 9.46 -3.80
CA GLN B 160 -16.82 10.11 -3.47
C GLN B 160 -17.87 9.10 -3.01
N VAL B 161 -17.47 8.21 -2.12
CA VAL B 161 -18.37 7.21 -1.55
C VAL B 161 -18.42 7.41 -0.04
N LEU B 162 -19.40 6.77 0.59
CA LEU B 162 -19.63 6.89 2.03
C LEU B 162 -20.17 5.57 2.54
N THR B 163 -19.47 5.00 3.53
CA THR B 163 -19.84 3.70 4.10
C THR B 163 -20.32 3.93 5.52
N THR B 164 -21.63 3.76 5.74
CA THR B 164 -22.24 3.91 7.04
C THR B 164 -22.81 2.59 7.49
N TYR B 165 -23.46 2.61 8.66
CA TYR B 165 -24.11 1.42 9.21
C TYR B 165 -25.28 1.90 10.07
N ILE B 166 -26.50 1.57 9.65
CA ILE B 166 -27.70 2.08 10.30
C ILE B 166 -28.51 0.92 10.85
N TRP B 167 -29.44 1.25 11.73
CA TRP B 167 -30.45 0.31 12.23
C TRP B 167 -31.79 0.71 11.63
N TYR B 168 -32.28 -0.10 10.71
CA TYR B 168 -33.45 0.24 9.91
C TYR B 168 -34.62 -0.65 10.32
N ARG B 169 -35.82 -0.07 10.29
CA ARG B 169 -37.02 -0.81 10.67
C ARG B 169 -38.21 -0.20 9.96
N GLN B 170 -39.12 -1.05 9.52
CA GLN B 170 -40.31 -0.64 8.81
C GLN B 170 -41.55 -1.28 9.43
N TYR B 171 -42.70 -0.71 9.09
N TYR B 171 -42.72 -0.73 9.11
CA TYR B 171 -44.01 -1.16 9.57
CA TYR B 171 -43.96 -1.33 9.58
C TYR B 171 -45.00 -1.03 8.43
C TYR B 171 -45.08 -1.03 8.60
N TRP B 172 -45.80 -2.07 8.20
CA TRP B 172 -46.89 -1.96 7.24
C TRP B 172 -48.03 -2.86 7.70
N THR B 173 -49.18 -2.70 7.05
CA THR B 173 -50.39 -3.44 7.39
C THR B 173 -50.61 -4.55 6.38
N ASP B 174 -50.69 -5.78 6.87
CA ASP B 174 -50.94 -6.96 6.04
C ASP B 174 -52.37 -7.40 6.29
N GLU B 175 -53.26 -7.13 5.33
CA GLU B 175 -54.67 -7.43 5.48
C GLU B 175 -54.99 -8.92 5.37
N PHE B 176 -53.98 -9.75 5.15
CA PHE B 176 -54.18 -11.20 5.10
C PHE B 176 -53.72 -11.91 6.37
N LEU B 177 -53.03 -11.20 7.27
CA LEU B 177 -52.60 -11.75 8.55
C LEU B 177 -53.39 -11.05 9.64
N GLN B 178 -54.59 -11.55 9.90
CA GLN B 178 -55.47 -10.97 10.91
C GLN B 178 -56.26 -12.10 11.57
N TRP B 179 -56.49 -11.96 12.87
CA TRP B 179 -57.20 -12.98 13.63
C TRP B 179 -57.82 -12.34 14.86
N THR B 180 -58.61 -13.13 15.57
CA THR B 180 -59.19 -12.73 16.84
C THR B 180 -58.47 -13.43 17.97
N PRO B 181 -57.92 -12.67 18.93
CA PRO B 181 -57.13 -13.33 20.01
C PRO B 181 -57.93 -14.32 20.83
N GLU B 182 -59.19 -14.03 21.13
CA GLU B 182 -60.00 -14.91 21.98
C GLU B 182 -60.15 -16.30 21.37
N ASP B 183 -60.08 -16.41 20.04
CA ASP B 183 -60.18 -17.72 19.40
C ASP B 183 -58.91 -18.54 19.62
N PHE B 184 -57.75 -17.89 19.64
CA PHE B 184 -56.46 -18.56 19.69
C PHE B 184 -55.76 -18.37 21.03
N ASP B 185 -56.54 -18.44 22.12
CA ASP B 185 -56.00 -18.41 23.49
C ASP B 185 -55.34 -17.06 23.79
N ASN B 186 -56.00 -15.98 23.39
CA ASN B 186 -55.57 -14.61 23.70
C ASN B 186 -54.15 -14.32 23.20
N VAL B 187 -53.75 -14.94 22.09
CA VAL B 187 -52.48 -14.63 21.46
C VAL B 187 -52.63 -13.36 20.65
N THR B 188 -51.90 -12.31 21.04
CA THR B 188 -52.01 -11.02 20.37
C THR B 188 -50.88 -10.76 19.39
N LYS B 189 -49.79 -11.53 19.45
CA LYS B 189 -48.68 -11.34 18.52
C LYS B 189 -47.87 -12.62 18.46
N LEU B 190 -47.13 -12.77 17.37
CA LEU B 190 -46.21 -13.89 17.21
C LEU B 190 -45.15 -13.52 16.18
N SER B 191 -44.17 -14.39 16.03
CA SER B 191 -43.08 -14.21 15.08
C SER B 191 -43.29 -15.12 13.89
N ILE B 192 -43.13 -14.56 12.68
CA ILE B 192 -43.30 -15.31 11.44
C ILE B 192 -42.00 -15.18 10.64
N PRO B 193 -41.50 -16.26 10.03
CA PRO B 193 -40.31 -16.14 9.19
C PRO B 193 -40.51 -15.11 8.10
N THR B 194 -39.41 -14.42 7.75
CA THR B 194 -39.51 -13.33 6.79
C THR B 194 -39.77 -13.83 5.38
N ASP B 195 -39.32 -15.04 5.06
CA ASP B 195 -39.51 -15.62 3.73
C ASP B 195 -40.88 -16.26 3.54
N SER B 196 -41.84 -15.95 4.41
CA SER B 196 -43.18 -16.51 4.31
C SER B 196 -44.26 -15.46 4.07
N ILE B 197 -43.92 -14.17 4.03
CA ILE B 197 -44.87 -13.10 3.84
C ILE B 197 -44.35 -12.15 2.76
N TRP B 198 -45.18 -11.16 2.44
CA TRP B 198 -44.83 -10.14 1.45
C TRP B 198 -44.03 -9.03 2.11
N VAL B 199 -42.87 -8.72 1.53
CA VAL B 199 -41.97 -7.69 2.05
C VAL B 199 -41.78 -6.65 0.97
N PRO B 200 -41.95 -5.37 1.26
CA PRO B 200 -41.77 -4.33 0.23
C PRO B 200 -40.31 -4.16 -0.15
N ASP B 201 -40.10 -3.71 -1.37
CA ASP B 201 -38.75 -3.54 -1.92
C ASP B 201 -38.30 -2.08 -1.77
N ILE B 202 -38.09 -1.70 -0.52
CA ILE B 202 -37.61 -0.36 -0.19
C ILE B 202 -36.09 -0.39 -0.12
N LEU B 203 -35.43 0.40 -0.96
CA LEU B 203 -33.99 0.46 -0.96
C LEU B 203 -33.54 1.86 -1.38
N ILE B 204 -32.27 2.15 -1.12
CA ILE B 204 -31.73 3.51 -1.27
C ILE B 204 -31.38 3.76 -2.72
N ASN B 205 -31.65 4.99 -3.18
CA ASN B 205 -31.34 5.36 -4.57
C ASN B 205 -29.84 5.51 -4.79
N GLU B 206 -29.09 5.94 -3.77
CA GLU B 206 -27.69 6.30 -3.94
C GLU B 206 -26.74 5.14 -3.69
N PHE B 207 -27.18 3.92 -3.98
CA PHE B 207 -26.30 2.76 -3.85
C PHE B 207 -25.25 2.74 -4.96
N VAL B 208 -24.06 2.27 -4.61
CA VAL B 208 -23.02 1.96 -5.58
C VAL B 208 -22.39 0.59 -5.35
N ASP B 209 -22.88 -0.16 -4.37
CA ASP B 209 -22.36 -1.48 -4.03
C ASP B 209 -23.38 -2.13 -3.10
N VAL B 210 -23.04 -3.32 -2.62
CA VAL B 210 -23.88 -4.05 -1.68
C VAL B 210 -23.11 -4.24 -0.39
N GLY B 211 -23.75 -3.91 0.73
CA GLY B 211 -23.13 -4.03 2.03
C GLY B 211 -23.53 -5.33 2.71
N LYS B 212 -22.53 -5.99 3.30
CA LYS B 212 -22.75 -7.26 3.97
C LYS B 212 -23.41 -6.98 5.32
N SER B 213 -24.70 -7.32 5.43
CA SER B 213 -25.45 -7.09 6.64
C SER B 213 -26.01 -8.40 7.18
N PRO B 214 -26.10 -8.54 8.50
CA PRO B 214 -26.68 -9.77 9.06
C PRO B 214 -28.12 -9.95 8.60
N ASN B 215 -28.56 -11.21 8.58
CA ASN B 215 -29.88 -11.57 8.11
C ASN B 215 -30.79 -11.83 9.31
N ILE B 216 -31.89 -11.08 9.39
CA ILE B 216 -32.88 -11.24 10.45
C ILE B 216 -33.99 -12.13 9.91
N PRO B 217 -34.18 -13.34 10.43
CA PRO B 217 -35.12 -14.29 9.83
C PRO B 217 -36.57 -14.17 10.27
N TYR B 218 -36.88 -13.37 11.30
CA TYR B 218 -38.22 -13.31 11.84
C TYR B 218 -38.76 -11.89 11.80
N VAL B 219 -40.08 -11.78 11.81
CA VAL B 219 -40.80 -10.51 11.89
C VAL B 219 -41.96 -10.68 12.84
N TYR B 220 -42.35 -9.57 13.47
CA TYR B 220 -43.49 -9.57 14.38
C TYR B 220 -44.77 -9.23 13.65
N VAL B 221 -45.87 -9.85 14.06
CA VAL B 221 -47.18 -9.62 13.47
C VAL B 221 -48.20 -9.51 14.59
N HIS B 222 -48.99 -8.44 14.58
CA HIS B 222 -50.04 -8.23 15.57
C HIS B 222 -51.37 -8.75 15.03
N HIS B 223 -52.38 -8.75 15.89
CA HIS B 223 -53.66 -9.36 15.56
C HIS B 223 -54.51 -8.51 14.64
N ARG B 224 -53.99 -7.38 14.14
CA ARG B 224 -54.71 -6.56 13.17
C ARG B 224 -53.91 -6.34 11.89
N GLY B 225 -52.79 -7.03 11.72
CA GLY B 225 -52.02 -6.98 10.50
C GLY B 225 -50.74 -6.18 10.57
N GLU B 226 -50.49 -5.46 11.67
CA GLU B 226 -49.29 -4.62 11.77
C GLU B 226 -48.06 -5.52 11.83
N VAL B 227 -47.27 -5.49 10.77
CA VAL B 227 -46.03 -6.24 10.68
C VAL B 227 -44.88 -5.32 11.05
N GLN B 228 -43.86 -5.86 11.73
CA GLN B 228 -42.68 -5.10 12.11
C GLN B 228 -41.44 -5.85 11.67
N ASN B 229 -40.52 -5.14 11.02
CA ASN B 229 -39.36 -5.76 10.39
C ASN B 229 -38.11 -4.96 10.78
N TYR B 230 -37.40 -5.43 11.81
CA TYR B 230 -36.14 -4.84 12.21
C TYR B 230 -35.00 -5.47 11.41
N LYS B 231 -34.08 -4.64 10.93
CA LYS B 231 -32.97 -5.14 10.14
C LYS B 231 -31.82 -4.14 10.09
N PRO B 232 -30.62 -4.55 10.47
CA PRO B 232 -29.46 -3.67 10.32
C PRO B 232 -28.93 -3.69 8.90
N LEU B 233 -28.47 -2.54 8.44
CA LEU B 233 -28.01 -2.38 7.07
C LEU B 233 -26.66 -1.69 7.04
N GLN B 234 -25.80 -2.12 6.13
CA GLN B 234 -24.54 -1.45 5.82
C GLN B 234 -24.68 -0.81 4.45
N LEU B 235 -24.54 0.51 4.40
CA LEU B 235 -24.79 1.29 3.19
C LEU B 235 -23.46 1.72 2.57
N VAL B 236 -23.35 1.54 1.26
CA VAL B 236 -22.23 2.08 0.49
C VAL B 236 -22.84 3.12 -0.46
N THR B 237 -22.85 4.37 -0.01
CA THR B 237 -23.60 5.43 -0.66
C THR B 237 -22.66 6.37 -1.41
N ALA B 238 -23.07 6.77 -2.61
CA ALA B 238 -22.32 7.73 -3.42
C ALA B 238 -22.72 9.14 -2.99
N CYS B 239 -21.87 9.77 -2.18
CA CYS B 239 -22.12 11.11 -1.69
C CYS B 239 -21.16 12.09 -2.34
N SER B 240 -21.65 13.30 -2.60
CA SER B 240 -20.83 14.36 -3.17
C SER B 240 -20.17 15.14 -2.03
N LEU B 241 -18.86 15.02 -1.92
CA LEU B 241 -18.12 15.59 -0.81
C LEU B 241 -17.44 16.89 -1.22
N ASP B 242 -17.51 17.89 -0.34
CA ASP B 242 -16.87 19.18 -0.54
C ASP B 242 -15.82 19.35 0.57
N ILE B 243 -14.56 19.52 0.16
CA ILE B 243 -13.45 19.56 1.10
C ILE B 243 -12.72 20.89 1.00
N TYR B 244 -13.46 21.95 0.67
CA TYR B 244 -12.85 23.27 0.55
C TYR B 244 -12.18 23.68 1.87
N ASN B 245 -12.89 23.53 2.99
CA ASN B 245 -12.32 23.73 4.32
C ASN B 245 -12.02 22.34 4.89
N PHE B 246 -10.87 21.79 4.49
CA PHE B 246 -10.60 20.38 4.78
C PHE B 246 -10.59 20.05 6.26
N PRO B 247 -9.79 20.69 7.12
CA PRO B 247 -9.77 20.25 8.53
C PRO B 247 -11.06 20.52 9.26
N PHE B 248 -11.85 21.51 8.82
CA PHE B 248 -13.12 21.87 9.46
C PHE B 248 -14.19 21.96 8.37
N ASP B 249 -14.78 20.82 8.04
CA ASP B 249 -15.82 20.75 7.03
C ASP B 249 -17.04 20.04 7.57
N VAL B 250 -18.20 20.41 7.04
CA VAL B 250 -19.47 19.84 7.45
C VAL B 250 -20.07 19.18 6.21
N GLN B 251 -19.88 17.87 6.08
CA GLN B 251 -20.39 17.15 4.92
C GLN B 251 -21.91 16.98 5.03
N ASN B 252 -22.56 17.00 3.87
CA ASN B 252 -24.01 16.94 3.78
C ASN B 252 -24.36 15.82 2.79
N CYS B 253 -24.47 14.60 3.28
CA CYS B 253 -24.80 13.45 2.47
C CYS B 253 -26.29 13.11 2.61
N SER B 254 -26.80 12.38 1.62
CA SER B 254 -28.22 12.11 1.51
C SER B 254 -28.48 10.62 1.34
N LEU B 255 -29.58 10.16 1.93
CA LEU B 255 -30.05 8.78 1.76
C LEU B 255 -31.51 8.84 1.36
N THR B 256 -31.85 8.27 0.21
CA THR B 256 -33.19 8.38 -0.37
C THR B 256 -33.83 6.99 -0.39
N PHE B 257 -34.70 6.72 0.57
CA PHE B 257 -35.43 5.47 0.63
C PHE B 257 -36.65 5.56 -0.29
N THR B 258 -36.67 4.73 -1.32
CA THR B 258 -37.78 4.72 -2.26
C THR B 258 -38.04 3.28 -2.72
N SER B 259 -39.26 3.05 -3.20
CA SER B 259 -39.61 1.77 -3.80
C SER B 259 -39.12 1.75 -5.24
N TRP B 260 -38.33 0.73 -5.57
CA TRP B 260 -37.64 0.70 -6.85
C TRP B 260 -38.58 0.43 -8.03
N LEU B 261 -39.71 -0.22 -7.79
CA LEU B 261 -40.62 -0.60 -8.87
C LEU B 261 -42.02 -0.05 -8.72
N HIS B 262 -42.57 -0.08 -7.50
CA HIS B 262 -43.96 0.31 -7.29
C HIS B 262 -44.11 1.84 -7.31
N THR B 263 -45.19 2.30 -7.93
CA THR B 263 -45.49 3.72 -7.97
C THR B 263 -46.11 4.14 -6.64
N ILE B 264 -46.60 5.38 -6.56
CA ILE B 264 -47.19 5.88 -5.31
C ILE B 264 -48.60 5.37 -5.10
N GLN B 265 -49.23 4.78 -6.12
CA GLN B 265 -50.53 4.16 -5.94
C GLN B 265 -50.45 2.76 -5.36
N ASP B 266 -49.23 2.23 -5.17
CA ASP B 266 -49.01 0.91 -4.60
C ASP B 266 -48.30 0.96 -3.26
N ILE B 267 -47.19 1.70 -3.17
CA ILE B 267 -46.41 1.80 -1.94
C ILE B 267 -46.13 3.27 -1.68
N ASN B 268 -46.63 3.79 -0.57
CA ASN B 268 -46.32 5.12 -0.10
C ASN B 268 -45.49 5.01 1.18
N ILE B 269 -44.57 5.96 1.37
CA ILE B 269 -43.60 5.91 2.45
C ILE B 269 -43.86 7.07 3.41
N THR B 270 -44.02 6.74 4.68
CA THR B 270 -44.21 7.72 5.75
C THR B 270 -43.08 7.57 6.78
N LEU B 271 -43.22 8.27 7.89
CA LEU B 271 -42.24 8.27 8.96
C LEU B 271 -42.86 7.70 10.23
N TRP B 272 -42.14 6.79 10.89
N TRP B 272 -42.15 6.77 10.86
CA TRP B 272 -42.70 6.17 12.10
CA TRP B 272 -42.63 6.15 12.09
C TRP B 272 -42.67 7.16 13.27
C TRP B 272 -42.66 7.16 13.23
N ARG B 273 -41.52 7.75 13.55
CA ARG B 273 -41.43 8.75 14.59
C ARG B 273 -41.61 10.15 13.99
N SER B 274 -41.78 11.13 14.86
CA SER B 274 -41.84 12.52 14.43
C SER B 274 -40.47 12.98 13.96
N PRO B 275 -40.41 13.95 13.04
CA PRO B 275 -39.10 14.39 12.54
C PRO B 275 -38.18 14.97 13.60
N GLU B 276 -38.74 15.52 14.68
CA GLU B 276 -37.91 16.01 15.78
C GLU B 276 -37.11 14.88 16.42
N GLU B 277 -37.79 13.77 16.72
CA GLU B 277 -37.11 12.64 17.35
C GLU B 277 -36.09 12.01 16.42
N VAL B 278 -36.34 12.03 15.11
CA VAL B 278 -35.37 11.49 14.16
C VAL B 278 -34.17 12.42 14.05
N ARG B 279 -34.40 13.73 14.15
CA ARG B 279 -33.30 14.69 14.04
C ARG B 279 -32.43 14.67 15.29
N SER B 280 -33.03 14.53 16.47
CA SER B 280 -32.32 14.65 17.74
C SER B 280 -32.03 13.30 18.38
N ASP B 281 -31.66 12.29 17.59
CA ASP B 281 -31.39 10.95 18.11
C ASP B 281 -29.93 10.60 17.87
N LYS B 282 -29.15 10.53 18.95
CA LYS B 282 -27.76 10.10 18.93
C LYS B 282 -27.49 9.11 20.06
N SER B 283 -28.40 8.15 20.23
CA SER B 283 -28.35 7.30 21.41
C SER B 283 -27.27 6.23 21.32
N ILE B 284 -26.98 5.72 20.13
CA ILE B 284 -26.08 4.58 19.96
C ILE B 284 -24.91 4.90 19.05
N PHE B 285 -24.78 6.14 18.60
CA PHE B 285 -23.74 6.48 17.63
C PHE B 285 -22.35 6.31 18.25
N ILE B 286 -21.47 5.63 17.53
CA ILE B 286 -20.07 5.46 17.96
C ILE B 286 -19.38 6.81 17.80
N ASN B 287 -19.12 7.49 18.92
CA ASN B 287 -18.68 8.87 18.89
C ASN B 287 -17.17 9.03 18.99
N GLN B 288 -16.43 7.96 19.25
CA GLN B 288 -14.98 8.03 19.42
C GLN B 288 -14.22 8.02 18.11
N GLY B 289 -14.91 8.02 16.97
CA GLY B 289 -14.27 7.95 15.68
C GLY B 289 -13.76 9.30 15.21
N GLU B 290 -13.57 9.40 13.89
CA GLU B 290 -13.07 10.63 13.30
C GLU B 290 -14.18 11.62 12.99
N TRP B 291 -15.38 11.13 12.65
CA TRP B 291 -16.49 11.98 12.27
C TRP B 291 -17.48 12.12 13.42
N GLU B 292 -18.15 13.27 13.46
CA GLU B 292 -19.14 13.58 14.49
C GLU B 292 -20.48 13.81 13.83
N LEU B 293 -21.51 13.12 14.32
CA LEU B 293 -22.85 13.26 13.76
C LEU B 293 -23.54 14.48 14.35
N LEU B 294 -24.06 15.33 13.48
CA LEU B 294 -24.78 16.54 13.89
C LEU B 294 -26.29 16.34 13.95
N GLU B 295 -26.88 15.82 12.88
CA GLU B 295 -28.31 15.56 12.84
C GLU B 295 -28.62 14.68 11.64
N VAL B 296 -29.83 14.14 11.63
CA VAL B 296 -30.37 13.36 10.51
C VAL B 296 -31.73 13.95 10.20
N PHE B 297 -31.82 14.71 9.11
CA PHE B 297 -33.02 15.47 8.81
C PHE B 297 -33.85 14.76 7.74
N PRO B 298 -35.03 14.26 8.06
CA PRO B 298 -35.87 13.60 7.05
C PRO B 298 -36.75 14.57 6.29
N GLN B 299 -37.10 14.17 5.07
CA GLN B 299 -37.96 14.99 4.22
C GLN B 299 -38.64 14.09 3.19
N PHE B 300 -39.94 14.31 3.00
CA PHE B 300 -40.74 13.54 2.06
C PHE B 300 -40.91 14.32 0.76
N LYS B 301 -40.87 13.60 -0.35
CA LYS B 301 -40.99 14.23 -1.67
C LYS B 301 -41.61 13.23 -2.64
N GLU B 302 -42.57 13.71 -3.44
CA GLU B 302 -43.22 12.88 -4.45
C GLU B 302 -42.49 13.09 -5.77
N PHE B 303 -41.55 12.20 -6.08
CA PHE B 303 -40.73 12.32 -7.27
C PHE B 303 -41.42 11.64 -8.45
N SER B 304 -41.69 12.42 -9.49
CA SER B 304 -42.39 11.93 -10.68
C SER B 304 -41.46 11.99 -11.89
N ILE B 305 -41.36 10.87 -12.61
CA ILE B 305 -40.60 10.85 -13.86
C ILE B 305 -41.46 11.26 -15.04
N ASP B 306 -42.69 10.77 -15.10
CA ASP B 306 -43.62 11.11 -16.17
C ASP B 306 -44.97 11.51 -15.57
N ILE B 307 -45.98 11.66 -16.41
CA ILE B 307 -47.36 11.81 -15.95
C ILE B 307 -47.92 10.42 -15.69
N SER B 308 -48.74 10.30 -14.65
CA SER B 308 -49.33 9.05 -14.16
C SER B 308 -48.29 8.07 -13.63
N ASN B 309 -47.02 8.44 -13.56
CA ASN B 309 -45.96 7.62 -12.98
C ASN B 309 -45.22 8.47 -11.96
N SER B 310 -45.71 8.49 -10.72
CA SER B 310 -45.12 9.26 -9.65
C SER B 310 -44.72 8.31 -8.52
N TYR B 311 -43.47 8.42 -8.09
CA TYR B 311 -42.92 7.59 -7.03
C TYR B 311 -42.80 8.39 -5.74
N ALA B 312 -42.91 7.69 -4.61
CA ALA B 312 -42.73 8.28 -3.31
C ALA B 312 -41.34 7.95 -2.77
N GLU B 313 -40.72 8.92 -2.10
CA GLU B 313 -39.39 8.72 -1.55
C GLU B 313 -39.25 9.53 -0.27
N MET B 314 -38.30 9.11 0.56
CA MET B 314 -38.03 9.75 1.85
C MET B 314 -36.54 10.00 1.94
N LYS B 315 -36.15 11.28 1.92
CA LYS B 315 -34.74 11.64 1.93
C LYS B 315 -34.27 11.92 3.35
N PHE B 316 -33.17 11.28 3.74
CA PHE B 316 -32.52 11.53 5.02
C PHE B 316 -31.19 12.23 4.76
N TYR B 317 -31.04 13.43 5.29
CA TYR B 317 -29.82 14.21 5.12
C TYR B 317 -28.92 13.96 6.33
N VAL B 318 -27.90 13.13 6.14
CA VAL B 318 -26.93 12.84 7.19
C VAL B 318 -25.87 13.94 7.17
N ILE B 319 -25.86 14.77 8.20
CA ILE B 319 -24.98 15.93 8.29
C ILE B 319 -23.90 15.60 9.32
N ILE B 320 -22.66 15.47 8.85
CA ILE B 320 -21.55 15.07 9.70
C ILE B 320 -20.47 16.13 9.64
N ARG B 321 -19.59 16.10 10.66
CA ARG B 321 -18.52 17.08 10.77
C ARG B 321 -17.24 16.37 11.20
N ARG B 322 -16.14 16.71 10.53
CA ARG B 322 -14.86 16.09 10.83
C ARG B 322 -14.22 16.74 12.06
N ARG B 323 -13.46 15.93 12.80
CA ARG B 323 -12.72 16.42 13.96
C ARG B 323 -11.33 16.85 13.52
N PRO B 324 -10.96 18.12 13.69
CA PRO B 324 -9.69 18.60 13.12
C PRO B 324 -8.46 18.19 13.90
N LEU B 325 -8.58 17.86 15.19
CA LEU B 325 -7.42 17.47 15.98
C LEU B 325 -6.80 16.16 15.51
N PHE B 326 -7.47 15.42 14.63
CA PHE B 326 -6.88 14.23 14.03
C PHE B 326 -5.66 14.58 13.18
N TYR B 327 -5.64 15.79 12.60
CA TYR B 327 -4.61 16.19 11.67
C TYR B 327 -3.72 17.32 12.18
N ALA B 328 -3.94 17.78 13.41
CA ALA B 328 -3.11 18.86 13.94
C ALA B 328 -1.66 18.42 14.08
N VAL B 329 -1.43 17.30 14.78
CA VAL B 329 -0.07 16.81 15.01
C VAL B 329 0.61 16.41 13.71
N SER B 330 -0.14 16.23 12.63
CA SER B 330 0.42 15.82 11.35
C SER B 330 0.56 16.97 10.35
N LEU B 331 -0.08 18.11 10.61
CA LEU B 331 0.01 19.24 9.68
C LEU B 331 0.71 20.46 10.27
N LEU B 332 0.45 20.80 11.53
CA LEU B 332 1.01 22.02 12.09
C LEU B 332 2.39 21.84 12.71
N LEU B 333 2.71 20.64 13.18
CA LEU B 333 3.98 20.45 13.88
C LEU B 333 5.19 20.58 12.96
N PRO B 334 5.27 19.89 11.81
CA PRO B 334 6.48 20.02 10.98
C PRO B 334 6.70 21.42 10.44
N SER B 335 5.64 22.14 10.08
CA SER B 335 5.81 23.50 9.58
C SER B 335 6.38 24.42 10.66
N ILE B 336 5.86 24.32 11.88
CA ILE B 336 6.38 25.12 12.98
C ILE B 336 7.83 24.76 13.27
N PHE B 337 8.15 23.46 13.27
CA PHE B 337 9.52 23.03 13.52
C PHE B 337 10.48 23.57 12.46
N LEU B 338 10.07 23.54 11.20
CA LEU B 338 10.93 24.02 10.13
C LEU B 338 11.08 25.53 10.16
N MET B 339 10.02 26.26 10.49
CA MET B 339 10.15 27.71 10.63
C MET B 339 11.06 28.07 11.79
N VAL B 340 10.99 27.29 12.88
CA VAL B 340 11.85 27.54 14.03
C VAL B 340 13.32 27.29 13.67
N VAL B 341 13.60 26.16 13.01
CA VAL B 341 15.00 25.90 12.66
C VAL B 341 15.47 26.89 11.60
N ASP B 342 14.57 27.44 10.80
CA ASP B 342 14.95 28.47 9.83
C ASP B 342 15.36 29.75 10.55
N ILE B 343 14.54 30.22 11.49
CA ILE B 343 14.90 31.43 12.22
C ILE B 343 16.10 31.19 13.12
N VAL B 344 16.38 29.93 13.47
CA VAL B 344 17.61 29.63 14.21
C VAL B 344 18.83 29.73 13.29
N GLY B 345 18.77 29.08 12.12
CA GLY B 345 19.87 29.13 11.18
C GLY B 345 20.10 30.50 10.58
N PHE B 346 19.11 31.39 10.69
CA PHE B 346 19.29 32.76 10.20
C PHE B 346 20.37 33.53 10.96
N CYS B 347 20.91 32.98 12.04
CA CYS B 347 21.92 33.65 12.84
C CYS B 347 23.34 33.26 12.48
N LEU B 348 23.52 32.41 11.47
CA LEU B 348 24.87 32.06 11.04
C LEU B 348 25.54 33.25 10.36
N PRO B 349 26.84 33.43 10.52
CA PRO B 349 27.54 34.51 9.82
C PRO B 349 27.48 34.31 8.32
N PRO B 350 27.22 35.38 7.55
CA PRO B 350 27.03 35.21 6.11
C PRO B 350 28.28 34.81 5.35
N ASP B 351 29.46 35.09 5.87
CA ASP B 351 30.72 34.73 5.21
C ASP B 351 31.26 33.40 5.69
N SER B 352 30.47 32.61 6.43
CA SER B 352 30.95 31.34 6.93
C SER B 352 30.99 30.25 5.87
N GLY B 353 30.27 30.42 4.76
CA GLY B 353 30.22 29.42 3.73
C GLY B 353 29.37 28.20 4.04
N GLU B 354 28.54 28.26 5.09
CA GLU B 354 27.66 27.17 5.43
C GLU B 354 26.19 27.57 5.45
N ARG B 355 25.89 28.87 5.41
CA ARG B 355 24.51 29.32 5.45
C ARG B 355 23.73 28.86 4.22
N VAL B 356 24.38 28.86 3.05
CA VAL B 356 23.73 28.40 1.83
C VAL B 356 23.39 26.91 1.93
N SER B 357 24.34 26.10 2.41
CA SER B 357 24.09 24.68 2.59
C SER B 357 22.95 24.46 3.58
N PHE B 358 22.95 25.20 4.69
CA PHE B 358 21.87 25.10 5.67
C PHE B 358 20.52 25.38 5.02
N LYS B 359 20.42 26.48 4.29
CA LYS B 359 19.13 26.87 3.71
C LYS B 359 18.69 25.87 2.65
N ILE B 360 19.61 25.36 1.82
CA ILE B 360 19.19 24.44 0.78
C ILE B 360 18.80 23.09 1.37
N THR B 361 19.49 22.64 2.44
CA THR B 361 19.06 21.42 3.11
C THR B 361 17.70 21.59 3.75
N LEU B 362 17.44 22.76 4.34
CA LEU B 362 16.13 23.02 4.92
C LEU B 362 15.04 23.01 3.86
N LEU B 363 15.32 23.60 2.70
CA LEU B 363 14.32 23.62 1.63
C LEU B 363 14.08 22.22 1.08
N LEU B 364 15.13 21.41 0.98
CA LEU B 364 14.96 20.01 0.57
C LEU B 364 14.08 19.25 1.56
N GLY B 365 14.34 19.44 2.85
CA GLY B 365 13.51 18.79 3.86
C GLY B 365 12.06 19.23 3.80
N TYR B 366 11.83 20.52 3.61
CA TYR B 366 10.45 21.01 3.51
C TYR B 366 9.78 20.44 2.26
N SER B 367 10.52 20.32 1.16
CA SER B 367 9.94 19.78 -0.06
C SER B 367 9.56 18.32 0.10
N VAL B 368 10.43 17.51 0.71
CA VAL B 368 10.11 16.10 0.88
C VAL B 368 8.96 15.94 1.87
N PHE B 369 8.90 16.78 2.91
CA PHE B 369 7.76 16.74 3.81
C PHE B 369 6.47 17.11 3.09
N LEU B 370 6.53 18.12 2.23
CA LEU B 370 5.34 18.53 1.48
C LEU B 370 4.83 17.40 0.59
N ILE B 371 5.73 16.79 -0.20
CA ILE B 371 5.32 15.73 -1.10
C ILE B 371 4.99 14.43 -0.38
N ILE B 372 5.40 14.29 0.88
CA ILE B 372 4.98 13.13 1.65
C ILE B 372 3.59 13.35 2.24
N VAL B 373 3.33 14.54 2.79
CA VAL B 373 2.04 14.81 3.42
C VAL B 373 0.95 15.14 2.41
N SER B 374 1.30 15.42 1.15
CA SER B 374 0.29 15.66 0.14
C SER B 374 -0.54 14.43 -0.20
N ASP B 375 -0.14 13.24 0.27
CA ASP B 375 -0.92 12.04 0.00
C ASP B 375 -2.11 11.91 0.94
N THR B 376 -1.89 12.15 2.24
CA THR B 376 -3.00 12.12 3.19
C THR B 376 -3.96 13.28 2.95
N LEU B 377 -3.47 14.36 2.37
CA LEU B 377 -4.33 15.47 2.00
C LEU B 377 -5.22 15.05 0.84
N PRO B 378 -6.55 15.08 0.99
CA PRO B 378 -7.43 14.67 -0.11
C PRO B 378 -7.41 15.70 -1.23
N ALA B 379 -8.06 15.32 -2.34
CA ALA B 379 -8.11 16.19 -3.51
C ALA B 379 -9.30 15.77 -4.36
N THR B 380 -10.09 16.75 -4.78
CA THR B 380 -11.22 16.54 -5.69
C THR B 380 -10.94 17.26 -7.01
N ALA B 381 -11.56 16.75 -8.06
CA ALA B 381 -11.35 17.31 -9.40
C ALA B 381 -11.99 18.66 -9.58
N ILE B 382 -12.81 19.12 -8.63
CA ILE B 382 -13.46 20.42 -8.75
C ILE B 382 -12.64 21.53 -8.09
N GLY B 383 -11.98 21.22 -6.97
CA GLY B 383 -11.21 22.24 -6.28
C GLY B 383 -10.27 21.62 -5.27
N THR B 384 -9.36 22.45 -4.78
CA THR B 384 -8.37 22.09 -3.79
C THR B 384 -8.69 22.74 -2.45
N PRO B 385 -8.37 22.09 -1.33
CA PRO B 385 -8.63 22.70 -0.02
C PRO B 385 -7.84 23.99 0.16
N LEU B 386 -8.29 24.79 1.13
CA LEU B 386 -7.69 26.10 1.40
C LEU B 386 -6.38 26.01 2.15
N ILE B 387 -5.99 24.82 2.62
CA ILE B 387 -4.74 24.66 3.34
C ILE B 387 -3.54 24.66 2.40
N GLY B 388 -3.75 24.32 1.12
CA GLY B 388 -2.67 24.39 0.16
C GLY B 388 -2.14 25.80 -0.04
N VAL B 389 -3.03 26.80 0.05
CA VAL B 389 -2.59 28.18 -0.06
C VAL B 389 -1.64 28.54 1.07
N TYR B 390 -1.97 28.13 2.30
CA TYR B 390 -1.10 28.43 3.43
C TYR B 390 0.21 27.66 3.34
N PHE B 391 0.16 26.43 2.85
CA PHE B 391 1.40 25.66 2.69
C PHE B 391 2.32 26.30 1.66
N VAL B 392 1.77 26.75 0.53
CA VAL B 392 2.62 27.37 -0.48
C VAL B 392 3.08 28.75 -0.03
N VAL B 393 2.31 29.42 0.84
CA VAL B 393 2.78 30.68 1.41
C VAL B 393 3.98 30.43 2.34
N CYS B 394 3.92 29.35 3.11
CA CYS B 394 5.06 29.01 3.97
C CYS B 394 6.29 28.66 3.13
N MET B 395 6.10 27.86 2.08
CA MET B 395 7.24 27.52 1.22
C MET B 395 7.77 28.75 0.49
N ALA B 396 6.90 29.71 0.18
CA ALA B 396 7.36 30.95 -0.44
C ALA B 396 8.17 31.78 0.55
N LEU B 397 7.78 31.78 1.82
CA LEU B 397 8.59 32.43 2.85
C LEU B 397 9.97 31.77 2.93
N LEU B 398 10.02 30.45 2.88
CA LEU B 398 11.32 29.77 2.91
C LEU B 398 12.16 30.12 1.69
N VAL B 399 11.54 30.20 0.51
CA VAL B 399 12.28 30.55 -0.70
C VAL B 399 12.78 31.99 -0.62
N ILE B 400 11.98 32.89 -0.03
CA ILE B 400 12.43 34.27 0.15
C ILE B 400 13.62 34.33 1.10
N SER B 401 13.59 33.52 2.17
CA SER B 401 14.74 33.45 3.06
C SER B 401 15.98 32.96 2.32
N LEU B 402 15.83 31.94 1.48
CA LEU B 402 16.96 31.44 0.69
C LEU B 402 17.50 32.52 -0.25
N ALA B 403 16.60 33.27 -0.89
CA ALA B 403 17.05 34.33 -1.81
C ALA B 403 17.76 35.44 -1.06
N GLU B 404 17.28 35.80 0.13
CA GLU B 404 17.96 36.81 0.93
C GLU B 404 19.34 36.33 1.36
N THR B 405 19.45 35.06 1.76
CA THR B 405 20.77 34.51 2.10
C THR B 405 21.71 34.57 0.90
N ILE B 406 21.21 34.21 -0.28
CA ILE B 406 22.05 34.23 -1.48
C ILE B 406 22.51 35.66 -1.79
N PHE B 407 21.61 36.63 -1.64
CA PHE B 407 21.97 38.03 -1.90
C PHE B 407 23.04 38.51 -0.93
N ILE B 408 22.85 38.22 0.37
CA ILE B 408 23.84 38.66 1.36
C ILE B 408 25.18 37.98 1.13
N VAL B 409 25.17 36.71 0.71
CA VAL B 409 26.42 36.03 0.39
C VAL B 409 27.09 36.69 -0.82
N ARG B 410 26.30 37.06 -1.83
CA ARG B 410 26.85 37.72 -3.00
C ARG B 410 27.44 39.08 -2.66
N LEU B 411 26.93 39.73 -1.60
CA LEU B 411 27.46 41.03 -1.23
C LEU B 411 28.83 40.92 -0.56
N VAL B 412 28.94 40.07 0.47
CA VAL B 412 30.12 40.07 1.34
C VAL B 412 31.26 39.21 0.82
N HIS B 413 31.11 38.61 -0.36
CA HIS B 413 32.14 37.70 -0.85
C HIS B 413 33.39 38.46 -1.28
N LYS B 414 34.56 37.94 -0.91
CA LYS B 414 35.84 38.54 -1.27
C LYS B 414 36.26 37.95 -2.62
N GLN B 415 36.01 38.71 -3.70
CA GLN B 415 36.20 38.20 -5.05
C GLN B 415 37.46 38.72 -5.72
N ASP B 416 38.21 39.63 -5.07
CA ASP B 416 39.41 40.24 -5.62
C ASP B 416 39.09 41.17 -6.80
N LEU B 417 37.82 41.25 -7.17
CA LEU B 417 37.32 42.22 -8.13
C LEU B 417 36.54 43.33 -7.45
N GLN B 418 36.53 43.36 -6.12
CA GLN B 418 35.70 44.30 -5.39
C GLN B 418 36.21 45.72 -5.53
N ARG B 419 35.35 46.62 -5.96
CA ARG B 419 35.61 48.04 -5.96
C ARG B 419 35.11 48.66 -4.66
N PRO B 420 35.62 49.82 -4.28
CA PRO B 420 35.16 50.45 -3.03
C PRO B 420 33.66 50.71 -3.06
N VAL B 421 33.05 50.59 -1.88
CA VAL B 421 31.60 50.75 -1.76
C VAL B 421 31.22 52.18 -2.10
N PRO B 422 30.18 52.40 -2.91
CA PRO B 422 29.80 53.78 -3.28
C PRO B 422 29.43 54.61 -2.06
N ASP B 423 29.58 55.92 -2.20
CA ASP B 423 29.44 56.82 -1.06
C ASP B 423 27.98 56.95 -0.63
N TRP B 424 27.03 56.90 -1.56
CA TRP B 424 25.62 56.96 -1.18
C TRP B 424 25.22 55.75 -0.35
N LEU B 425 25.62 54.55 -0.80
CA LEU B 425 25.33 53.34 -0.04
C LEU B 425 26.03 53.37 1.30
N ARG B 426 27.29 53.83 1.33
CA ARG B 426 28.01 53.96 2.60
C ARG B 426 27.25 54.84 3.57
N HIS B 427 26.95 56.08 3.15
CA HIS B 427 26.18 56.99 3.99
C HIS B 427 24.89 56.32 4.50
N LEU B 428 24.03 55.91 3.58
CA LEU B 428 22.73 55.35 3.97
C LEU B 428 22.88 54.21 4.96
N VAL B 429 23.59 53.15 4.57
CA VAL B 429 23.61 51.94 5.39
C VAL B 429 24.39 52.18 6.69
N LEU B 430 25.62 52.69 6.59
CA LEU B 430 26.47 52.82 7.76
C LEU B 430 26.13 54.01 8.63
N ASP B 431 25.11 54.80 8.28
CA ASP B 431 24.56 55.78 9.21
C ASP B 431 23.13 55.47 9.64
N ARG B 432 22.46 54.52 8.98
CA ARG B 432 21.21 53.99 9.49
C ARG B 432 21.44 52.87 10.49
N ILE B 433 22.58 52.19 10.40
CA ILE B 433 22.94 51.16 11.36
C ILE B 433 23.06 51.72 12.77
N LEU B 501 73.09 54.91 -7.41
CA LEU B 501 73.63 54.74 -6.07
C LEU B 501 73.04 53.50 -5.40
N ALA B 502 73.88 52.79 -4.64
CA ALA B 502 73.41 51.58 -3.95
C ALA B 502 72.36 51.90 -2.91
N VAL B 503 72.48 53.05 -2.23
CA VAL B 503 71.48 53.44 -1.24
C VAL B 503 70.14 53.72 -1.93
N ARG B 504 70.18 54.40 -3.09
CA ARG B 504 68.95 54.63 -3.83
C ARG B 504 68.35 53.34 -4.35
N GLY B 505 69.19 52.36 -4.72
CA GLY B 505 68.67 51.06 -5.12
C GLY B 505 67.99 50.34 -3.97
N LEU B 506 68.60 50.35 -2.79
CA LEU B 506 67.95 49.80 -1.61
C LEU B 506 66.63 50.51 -1.34
N LEU B 507 66.61 51.83 -1.51
CA LEU B 507 65.40 52.60 -1.26
C LEU B 507 64.27 52.19 -2.21
N GLN B 508 64.59 52.04 -3.50
CA GLN B 508 63.55 51.68 -4.46
C GLN B 508 63.09 50.23 -4.27
N GLU B 509 63.98 49.34 -3.86
CA GLU B 509 63.56 47.98 -3.55
C GLU B 509 62.60 47.95 -2.36
N LEU B 510 62.94 48.69 -1.30
CA LEU B 510 62.04 48.77 -0.14
C LEU B 510 60.72 49.41 -0.53
N SER B 511 60.76 50.39 -1.45
CA SER B 511 59.52 51.03 -1.89
C SER B 511 58.64 50.05 -2.66
N SER B 512 59.24 49.20 -3.50
CA SER B 512 58.46 48.19 -4.20
C SER B 512 57.83 47.19 -3.23
N ILE B 513 58.60 46.76 -2.23
CA ILE B 513 58.06 45.84 -1.22
C ILE B 513 56.90 46.50 -0.48
N ARG B 514 57.06 47.77 -0.10
CA ARG B 514 56.00 48.49 0.60
C ARG B 514 54.78 48.65 -0.28
N HIS B 515 54.98 48.86 -1.58
CA HIS B 515 53.84 48.98 -2.49
C HIS B 515 53.06 47.67 -2.59
N PHE B 516 53.77 46.55 -2.68
CA PHE B 516 53.09 45.25 -2.66
C PHE B 516 52.25 45.09 -1.39
N LEU B 517 52.85 45.37 -0.23
CA LEU B 517 52.13 45.20 1.03
C LEU B 517 50.95 46.16 1.12
N GLU B 518 51.11 47.38 0.62
CA GLU B 518 50.03 48.36 0.67
C GLU B 518 48.88 47.97 -0.24
N LYS B 519 49.18 47.40 -1.41
CA LYS B 519 48.12 46.88 -2.28
C LYS B 519 47.32 45.80 -1.58
N ARG B 520 48.02 44.86 -0.95
CA ARG B 520 47.31 43.81 -0.20
C ARG B 520 46.44 44.40 0.90
N ASP B 521 46.98 45.35 1.66
CA ASP B 521 46.22 45.93 2.76
C ASP B 521 45.01 46.70 2.27
N GLU B 522 45.14 47.40 1.13
CA GLU B 522 44.01 48.15 0.58
C GLU B 522 42.90 47.21 0.12
N MET B 523 43.27 46.10 -0.53
CA MET B 523 42.26 45.13 -0.91
C MET B 523 41.54 44.55 0.31
N ARG B 524 42.30 44.25 1.37
CA ARG B 524 41.68 43.73 2.58
C ARG B 524 40.74 44.76 3.20
N GLU B 525 41.10 46.04 3.17
CA GLU B 525 40.24 47.07 3.75
C GLU B 525 38.95 47.21 2.96
N VAL B 526 39.03 47.15 1.63
CA VAL B 526 37.82 47.20 0.81
C VAL B 526 36.91 46.02 1.12
N ALA B 527 37.51 44.82 1.25
CA ALA B 527 36.71 43.65 1.61
C ALA B 527 36.05 43.82 2.97
N ARG B 528 36.76 44.39 3.93
CA ARG B 528 36.19 44.62 5.25
C ARG B 528 35.00 45.57 5.21
N ASP B 529 35.12 46.66 4.44
CA ASP B 529 34.01 47.60 4.31
C ASP B 529 32.78 46.91 3.70
N TRP B 530 32.99 46.13 2.64
CA TRP B 530 31.86 45.43 2.03
C TRP B 530 31.23 44.43 3.01
N LEU B 531 32.06 43.74 3.80
CA LEU B 531 31.53 42.77 4.74
C LEU B 531 30.71 43.45 5.84
N ARG B 532 31.14 44.63 6.29
CA ARG B 532 30.36 45.35 7.29
C ARG B 532 29.02 45.81 6.73
N VAL B 533 29.01 46.31 5.50
CA VAL B 533 27.76 46.69 4.86
C VAL B 533 26.82 45.48 4.77
N GLY B 534 27.38 44.32 4.38
CA GLY B 534 26.56 43.12 4.28
C GLY B 534 26.00 42.69 5.62
N TYR B 535 26.81 42.78 6.68
CA TYR B 535 26.33 42.43 8.02
C TYR B 535 25.15 43.31 8.42
N VAL B 536 25.26 44.62 8.18
CA VAL B 536 24.17 45.53 8.55
C VAL B 536 22.90 45.18 7.79
N LEU B 537 23.03 44.96 6.47
CA LEU B 537 21.86 44.62 5.67
C LEU B 537 21.25 43.29 6.10
N ASP B 538 22.09 42.33 6.49
CA ASP B 538 21.59 41.03 6.94
C ASP B 538 20.79 41.17 8.22
N ARG B 539 21.28 41.96 9.18
CA ARG B 539 20.53 42.16 10.41
C ARG B 539 19.18 42.83 10.12
N LEU B 540 19.18 43.85 9.26
CA LEU B 540 17.93 44.53 8.92
C LEU B 540 16.93 43.56 8.30
N LEU B 541 17.38 42.78 7.31
CA LEU B 541 16.47 41.86 6.64
C LEU B 541 16.01 40.74 7.57
N PHE B 542 16.85 40.31 8.52
CA PHE B 542 16.44 39.30 9.48
C PHE B 542 15.33 39.83 10.38
N ARG B 543 15.45 41.08 10.83
CA ARG B 543 14.38 41.67 11.64
C ARG B 543 13.09 41.77 10.84
N ILE B 544 13.19 42.17 9.57
CA ILE B 544 11.99 42.28 8.73
C ILE B 544 11.33 40.91 8.56
N TYR B 545 12.15 39.88 8.29
CA TYR B 545 11.61 38.53 8.09
C TYR B 545 10.96 38.01 9.36
N LEU B 546 11.55 38.30 10.52
CA LEU B 546 10.96 37.86 11.78
C LEU B 546 9.61 38.54 12.02
N LEU B 547 9.53 39.84 11.74
CA LEU B 547 8.24 40.53 11.88
C LEU B 547 7.19 39.92 10.95
N ALA B 548 7.57 39.63 9.70
CA ALA B 548 6.62 39.06 8.76
C ALA B 548 6.15 37.68 9.22
N VAL B 549 7.06 36.86 9.73
CA VAL B 549 6.70 35.53 10.20
C VAL B 549 5.76 35.62 11.39
N LEU B 550 6.02 36.54 12.31
CA LEU B 550 5.15 36.69 13.47
C LEU B 550 3.77 37.18 13.05
N ALA B 551 3.70 38.09 12.08
CA ALA B 551 2.40 38.55 11.58
C ALA B 551 1.62 37.40 10.97
N TYR B 552 2.28 36.59 10.14
CA TYR B 552 1.60 35.47 9.51
C TYR B 552 1.13 34.44 10.54
N SER B 553 1.95 34.19 11.56
CA SER B 553 1.55 33.24 12.60
C SER B 553 0.38 33.75 13.42
N ILE B 554 0.37 35.04 13.79
CA ILE B 554 -0.74 35.53 14.59
C ILE B 554 -2.02 35.59 13.76
N THR B 555 -1.91 35.89 12.46
CA THR B 555 -3.09 35.83 11.60
C THR B 555 -3.65 34.43 11.53
N LEU B 556 -2.79 33.42 11.36
CA LEU B 556 -3.27 32.04 11.34
C LEU B 556 -3.90 31.65 12.66
N VAL B 557 -3.31 32.06 13.78
CA VAL B 557 -3.86 31.73 15.09
C VAL B 557 -5.23 32.36 15.28
N THR B 558 -5.39 33.61 14.86
CA THR B 558 -6.69 34.27 14.98
C THR B 558 -7.73 33.60 14.10
N LEU B 559 -7.38 33.25 12.86
CA LEU B 559 -8.32 32.58 11.98
C LEU B 559 -8.71 31.20 12.51
N TRP B 560 -7.81 30.54 13.24
CA TRP B 560 -8.17 29.30 13.88
C TRP B 560 -9.05 29.51 15.10
N SER B 561 -8.83 30.58 15.86
CA SER B 561 -9.52 30.79 17.12
C SER B 561 -10.88 31.46 16.97
N ILE B 562 -11.16 32.10 15.83
CA ILE B 562 -12.46 32.73 15.65
C ILE B 562 -13.55 31.67 15.52
N THR C 112 -53.23 -27.68 -29.73
CA THR C 112 -53.63 -26.33 -29.32
C THR C 112 -52.65 -25.74 -28.32
N GLN C 113 -51.68 -26.55 -27.91
CA GLN C 113 -50.65 -26.10 -26.99
C GLN C 113 -49.59 -25.28 -27.74
N PRO C 114 -48.85 -24.43 -27.02
CA PRO C 114 -47.86 -23.57 -27.69
C PRO C 114 -46.69 -24.32 -28.31
N ALA C 115 -46.73 -25.65 -28.29
CA ALA C 115 -45.77 -26.53 -28.93
C ALA C 115 -44.39 -26.47 -28.27
N LEU C 116 -44.22 -25.59 -27.30
CA LEU C 116 -43.02 -25.56 -26.46
C LEU C 116 -43.29 -26.04 -25.04
N LEU C 117 -44.42 -25.66 -24.47
CA LEU C 117 -44.84 -26.24 -23.20
C LEU C 117 -45.01 -27.75 -23.33
N ARG C 118 -45.56 -28.21 -24.45
CA ARG C 118 -45.69 -29.64 -24.70
C ARG C 118 -44.34 -30.33 -24.67
N LEU C 119 -43.36 -29.77 -25.38
CA LEU C 119 -42.05 -30.41 -25.44
C LEU C 119 -41.35 -30.37 -24.09
N SER C 120 -41.48 -29.26 -23.37
CA SER C 120 -40.86 -29.18 -22.04
C SER C 120 -41.48 -30.17 -21.07
N ASP C 121 -42.81 -30.35 -21.14
CA ASP C 121 -43.45 -31.34 -20.27
C ASP C 121 -43.11 -32.76 -20.70
N HIS C 122 -42.89 -32.97 -22.00
CA HIS C 122 -42.52 -34.30 -22.47
C HIS C 122 -41.10 -34.67 -22.07
N LEU C 123 -40.21 -33.69 -22.03
CA LEU C 123 -38.80 -33.94 -21.72
C LEU C 123 -38.54 -33.95 -20.21
N LEU C 124 -38.85 -32.84 -19.53
CA LEU C 124 -38.43 -32.64 -18.15
C LEU C 124 -39.29 -33.39 -17.14
N ALA C 125 -40.37 -34.04 -17.57
CA ALA C 125 -41.14 -34.89 -16.69
C ALA C 125 -40.54 -36.30 -16.67
N ASN C 126 -40.54 -36.91 -15.50
CA ASN C 126 -39.90 -38.21 -15.28
C ASN C 126 -38.41 -38.16 -15.62
N TYR C 127 -37.79 -37.00 -15.43
CA TYR C 127 -36.37 -36.81 -15.69
C TYR C 127 -35.64 -36.63 -14.37
N LYS C 128 -34.51 -37.32 -14.22
CA LYS C 128 -33.69 -37.26 -13.02
C LYS C 128 -32.38 -36.56 -13.37
N LYS C 129 -32.09 -35.47 -12.66
CA LYS C 129 -30.90 -34.66 -12.90
C LYS C 129 -29.68 -35.14 -12.12
N GLY C 130 -29.71 -36.38 -11.61
CA GLY C 130 -28.58 -36.91 -10.87
C GLY C 130 -28.00 -38.14 -11.53
N VAL C 131 -28.66 -38.64 -12.57
CA VAL C 131 -28.26 -39.84 -13.28
C VAL C 131 -27.50 -39.41 -14.54
N ARG C 132 -26.37 -40.07 -14.80
CA ARG C 132 -25.62 -39.83 -16.01
C ARG C 132 -26.46 -40.26 -17.21
N PRO C 133 -26.73 -39.39 -18.18
CA PRO C 133 -27.70 -39.70 -19.22
C PRO C 133 -27.19 -40.71 -20.25
N VAL C 134 -27.24 -41.98 -19.91
CA VAL C 134 -26.91 -43.06 -20.83
C VAL C 134 -27.90 -44.20 -20.61
N ARG C 135 -28.29 -44.86 -21.71
CA ARG C 135 -29.13 -46.05 -21.60
C ARG C 135 -28.34 -47.30 -21.33
N ASP C 136 -27.05 -47.32 -21.69
CA ASP C 136 -26.15 -48.43 -21.40
C ASP C 136 -25.00 -47.86 -20.58
N TRP C 137 -24.90 -48.26 -19.31
CA TRP C 137 -23.92 -47.70 -18.40
C TRP C 137 -22.49 -48.03 -18.78
N ARG C 138 -22.27 -48.88 -19.80
CA ARG C 138 -20.94 -49.22 -20.26
C ARG C 138 -20.43 -48.29 -21.35
N LYS C 139 -21.05 -47.13 -21.52
CA LYS C 139 -20.62 -46.14 -22.49
C LYS C 139 -20.36 -44.81 -21.81
N PRO C 140 -19.22 -44.18 -22.05
CA PRO C 140 -18.95 -42.87 -21.43
C PRO C 140 -19.55 -41.74 -22.23
N THR C 141 -19.81 -40.64 -21.53
CA THR C 141 -20.38 -39.44 -22.15
C THR C 141 -19.21 -38.55 -22.60
N THR C 142 -18.95 -38.56 -23.90
CA THR C 142 -17.84 -37.80 -24.46
C THR C 142 -18.17 -36.31 -24.44
N VAL C 143 -17.45 -35.57 -23.60
CA VAL C 143 -17.66 -34.13 -23.45
C VAL C 143 -16.61 -33.41 -24.27
N SER C 144 -17.05 -32.71 -25.31
CA SER C 144 -16.14 -31.88 -26.09
C SER C 144 -15.96 -30.52 -25.43
N ILE C 145 -14.78 -29.94 -25.63
CA ILE C 145 -14.40 -28.71 -24.94
C ILE C 145 -13.77 -27.74 -25.94
N ASP C 146 -14.09 -26.47 -25.80
CA ASP C 146 -13.47 -25.40 -26.57
C ASP C 146 -13.22 -24.22 -25.65
N VAL C 147 -12.05 -23.60 -25.78
CA VAL C 147 -11.62 -22.52 -24.89
C VAL C 147 -11.07 -21.39 -25.73
N ILE C 148 -11.45 -20.16 -25.39
CA ILE C 148 -10.97 -18.95 -26.04
C ILE C 148 -10.51 -17.99 -24.95
N MET C 149 -9.25 -17.56 -25.04
CA MET C 149 -8.75 -16.56 -24.12
C MET C 149 -9.34 -15.19 -24.44
N TYR C 150 -9.66 -14.44 -23.40
CA TYR C 150 -10.23 -13.11 -23.56
C TYR C 150 -9.38 -12.02 -22.92
N ALA C 151 -8.85 -12.25 -21.72
CA ALA C 151 -8.05 -11.24 -21.04
C ALA C 151 -7.14 -11.90 -20.03
N ILE C 152 -6.03 -11.23 -19.72
CA ILE C 152 -5.09 -11.67 -18.69
C ILE C 152 -5.11 -10.55 -17.64
N LEU C 153 -5.82 -10.79 -16.54
CA LEU C 153 -6.10 -9.73 -15.58
C LEU C 153 -4.87 -9.38 -14.74
N ASN C 154 -4.17 -10.38 -14.22
CA ASN C 154 -3.06 -10.12 -13.31
C ASN C 154 -2.14 -11.35 -13.27
N VAL C 155 -0.84 -11.10 -13.40
CA VAL C 155 0.18 -12.13 -13.28
C VAL C 155 1.04 -11.77 -12.07
N ASP C 156 0.92 -12.55 -11.00
CA ASP C 156 1.62 -12.30 -9.74
C ASP C 156 2.85 -13.20 -9.68
N GLU C 157 4.03 -12.60 -9.86
CA GLU C 157 5.27 -13.36 -9.83
C GLU C 157 5.71 -13.73 -8.42
N LYS C 158 5.19 -13.05 -7.40
CA LYS C 158 5.59 -13.35 -6.02
C LYS C 158 4.90 -14.60 -5.51
N ASN C 159 3.58 -14.69 -5.65
CA ASN C 159 2.81 -15.84 -5.18
C ASN C 159 2.63 -16.90 -6.25
N GLN C 160 3.11 -16.67 -7.47
CA GLN C 160 3.09 -17.66 -8.54
C GLN C 160 1.66 -18.04 -8.92
N VAL C 161 0.82 -17.03 -9.10
CA VAL C 161 -0.55 -17.25 -9.53
C VAL C 161 -0.78 -16.51 -10.83
N LEU C 162 -1.90 -16.83 -11.49
CA LEU C 162 -2.24 -16.26 -12.78
C LEU C 162 -3.75 -16.13 -12.87
N THR C 163 -4.23 -14.91 -13.12
CA THR C 163 -5.66 -14.62 -13.19
C THR C 163 -6.02 -14.29 -14.63
N THR C 164 -6.73 -15.19 -15.29
CA THR C 164 -7.17 -15.02 -16.66
C THR C 164 -8.69 -14.95 -16.71
N TYR C 165 -9.22 -14.85 -17.92
CA TYR C 165 -10.66 -14.82 -18.14
C TYR C 165 -10.92 -15.41 -19.52
N ILE C 166 -11.60 -16.55 -19.57
CA ILE C 166 -11.80 -17.30 -20.81
C ILE C 166 -13.28 -17.40 -21.11
N TRP C 167 -13.58 -17.75 -22.35
CA TRP C 167 -14.94 -18.09 -22.78
C TRP C 167 -14.97 -19.59 -23.03
N TYR C 168 -15.65 -20.31 -22.16
CA TYR C 168 -15.64 -21.77 -22.16
C TYR C 168 -16.98 -22.30 -22.62
N ARG C 169 -16.95 -23.42 -23.34
CA ARG C 169 -18.16 -24.03 -23.84
C ARG C 169 -17.93 -25.52 -24.04
N GLN C 170 -18.94 -26.31 -23.71
CA GLN C 170 -18.88 -27.75 -23.83
C GLN C 170 -20.10 -28.28 -24.57
N TYR C 171 -19.97 -29.52 -25.02
N TYR C 171 -20.00 -29.52 -25.04
CA TYR C 171 -21.01 -30.23 -25.78
CA TYR C 171 -21.15 -30.14 -25.69
C TYR C 171 -21.01 -31.68 -25.34
C TYR C 171 -21.08 -31.65 -25.52
N TRP C 172 -22.19 -32.23 -25.05
CA TRP C 172 -22.28 -33.66 -24.79
C TRP C 172 -23.65 -34.14 -25.27
N THR C 173 -23.81 -35.46 -25.30
CA THR C 173 -25.03 -36.09 -25.78
C THR C 173 -25.84 -36.59 -24.59
N ASP C 174 -27.09 -36.11 -24.49
CA ASP C 174 -28.02 -36.52 -23.44
C ASP C 174 -29.04 -37.45 -24.07
N GLU C 175 -28.91 -38.75 -23.78
CA GLU C 175 -29.79 -39.75 -24.38
C GLU C 175 -31.20 -39.75 -23.80
N PHE C 176 -31.48 -38.87 -22.84
CA PHE C 176 -32.81 -38.75 -22.27
C PHE C 176 -33.57 -37.54 -22.80
N LEU C 177 -32.90 -36.64 -23.52
CA LEU C 177 -33.53 -35.47 -24.13
C LEU C 177 -33.50 -35.67 -25.65
N GLN C 178 -34.50 -36.40 -26.16
CA GLN C 178 -34.59 -36.69 -27.58
C GLN C 178 -36.06 -36.73 -27.97
N TRP C 179 -36.36 -36.25 -29.17
CA TRP C 179 -37.73 -36.19 -29.64
C TRP C 179 -37.73 -36.16 -31.17
N THR C 180 -38.92 -36.25 -31.74
CA THR C 180 -39.12 -36.12 -33.17
C THR C 180 -39.73 -34.77 -33.48
N PRO C 181 -39.09 -33.95 -34.34
CA PRO C 181 -39.61 -32.61 -34.58
C PRO C 181 -41.02 -32.59 -35.16
N GLU C 182 -41.33 -33.52 -36.06
CA GLU C 182 -42.64 -33.51 -36.71
C GLU C 182 -43.78 -33.67 -35.71
N ASP C 183 -43.51 -34.30 -34.56
CA ASP C 183 -44.55 -34.46 -33.55
C ASP C 183 -44.82 -33.14 -32.84
N PHE C 184 -43.79 -32.32 -32.64
CA PHE C 184 -43.87 -31.10 -31.84
C PHE C 184 -43.77 -29.85 -32.71
N ASP C 185 -44.41 -29.86 -33.88
CA ASP C 185 -44.50 -28.70 -34.76
C ASP C 185 -43.13 -28.28 -35.29
N ASN C 186 -42.33 -29.27 -35.70
CA ASN C 186 -41.04 -29.04 -36.33
C ASN C 186 -40.09 -28.24 -35.47
N VAL C 187 -40.19 -28.38 -34.15
CA VAL C 187 -39.26 -27.75 -33.23
C VAL C 187 -38.00 -28.59 -33.18
N THR C 188 -36.88 -28.02 -33.62
CA THR C 188 -35.61 -28.74 -33.68
C THR C 188 -34.68 -28.41 -32.52
N LYS C 189 -34.94 -27.33 -31.79
CA LYS C 189 -34.10 -26.98 -30.65
C LYS C 189 -34.88 -26.07 -29.71
N LEU C 190 -34.45 -26.03 -28.46
CA LEU C 190 -35.02 -25.13 -27.47
C LEU C 190 -34.01 -24.91 -26.36
N SER C 191 -34.35 -24.01 -25.45
CA SER C 191 -33.51 -23.67 -24.31
C SER C 191 -34.10 -24.29 -23.05
N ILE C 192 -33.25 -24.93 -22.26
CA ILE C 192 -33.66 -25.58 -21.02
C ILE C 192 -32.83 -24.99 -19.89
N PRO C 193 -33.43 -24.69 -18.72
CA PRO C 193 -32.63 -24.20 -17.60
C PRO C 193 -31.53 -25.18 -17.23
N THR C 194 -30.40 -24.63 -16.79
CA THR C 194 -29.23 -25.46 -16.52
C THR C 194 -29.42 -26.33 -15.28
N ASP C 195 -30.23 -25.87 -14.32
CA ASP C 195 -30.47 -26.62 -13.10
C ASP C 195 -31.54 -27.70 -13.26
N SER C 196 -31.87 -28.08 -14.50
CA SER C 196 -32.88 -29.11 -14.75
C SER C 196 -32.33 -30.33 -15.46
N ILE C 197 -31.05 -30.36 -15.81
CA ILE C 197 -30.44 -31.47 -16.52
C ILE C 197 -29.13 -31.84 -15.84
N TRP C 198 -28.50 -32.90 -16.34
CA TRP C 198 -27.23 -33.37 -15.84
C TRP C 198 -26.09 -32.59 -16.49
N VAL C 199 -25.20 -32.04 -15.67
CA VAL C 199 -24.07 -31.24 -16.12
C VAL C 199 -22.80 -31.90 -15.62
N PRO C 200 -21.81 -32.16 -16.47
CA PRO C 200 -20.57 -32.79 -16.01
C PRO C 200 -19.74 -31.85 -15.15
N ASP C 201 -18.94 -32.44 -14.27
CA ASP C 201 -18.12 -31.68 -13.33
C ASP C 201 -16.70 -31.54 -13.88
N ILE C 202 -16.58 -30.77 -14.96
CA ILE C 202 -15.30 -30.50 -15.59
C ILE C 202 -14.73 -29.22 -14.99
N LEU C 203 -13.56 -29.31 -14.35
CA LEU C 203 -12.92 -28.14 -13.77
C LEU C 203 -11.41 -28.32 -13.83
N ILE C 204 -10.71 -27.21 -13.63
CA ILE C 204 -9.26 -27.14 -13.85
C ILE C 204 -8.52 -27.71 -12.63
N ASN C 205 -7.44 -28.44 -12.90
CA ASN C 205 -6.64 -29.01 -11.82
C ASN C 205 -5.85 -27.95 -11.07
N GLU C 206 -5.43 -26.88 -11.74
CA GLU C 206 -4.51 -25.91 -11.16
C GLU C 206 -5.22 -24.76 -10.47
N PHE C 207 -6.39 -25.01 -9.90
CA PHE C 207 -7.08 -23.98 -9.15
C PHE C 207 -6.40 -23.72 -7.82
N VAL C 208 -6.43 -22.45 -7.39
CA VAL C 208 -6.04 -22.08 -6.04
C VAL C 208 -7.05 -21.15 -5.40
N ASP C 209 -8.16 -20.86 -6.06
CA ASP C 209 -9.19 -19.96 -5.56
C ASP C 209 -10.41 -20.14 -6.46
N VAL C 210 -11.45 -19.35 -6.20
CA VAL C 210 -12.67 -19.36 -7.00
C VAL C 210 -12.84 -18.00 -7.63
N GLY C 211 -13.09 -17.98 -8.94
CA GLY C 211 -13.26 -16.74 -9.69
C GLY C 211 -14.74 -16.42 -9.83
N LYS C 212 -15.07 -15.15 -9.62
CA LYS C 212 -16.45 -14.69 -9.71
C LYS C 212 -16.82 -14.56 -11.18
N SER C 213 -17.65 -15.46 -11.67
CA SER C 213 -18.06 -15.47 -13.06
C SER C 213 -19.57 -15.34 -13.17
N PRO C 214 -20.07 -14.68 -14.22
CA PRO C 214 -21.52 -14.59 -14.41
C PRO C 214 -22.15 -15.96 -14.57
N ASN C 215 -23.42 -16.05 -14.20
CA ASN C 215 -24.15 -17.30 -14.23
C ASN C 215 -25.05 -17.34 -15.47
N ILE C 216 -24.84 -18.34 -16.32
CA ILE C 216 -25.64 -18.54 -17.52
C ILE C 216 -26.74 -19.55 -17.19
N PRO C 217 -28.02 -19.15 -17.18
CA PRO C 217 -29.08 -20.04 -16.69
C PRO C 217 -29.67 -21.00 -17.71
N TYR C 218 -29.34 -20.86 -18.99
CA TYR C 218 -29.96 -21.69 -20.03
C TYR C 218 -28.91 -22.44 -20.82
N VAL C 219 -29.36 -23.53 -21.44
CA VAL C 219 -28.54 -24.35 -22.33
C VAL C 219 -29.39 -24.74 -23.53
N TYR C 220 -28.74 -24.96 -24.66
CA TYR C 220 -29.43 -25.38 -25.88
C TYR C 220 -29.44 -26.89 -25.98
N VAL C 221 -30.55 -27.43 -26.51
CA VAL C 221 -30.71 -28.87 -26.69
C VAL C 221 -31.31 -29.11 -28.07
N HIS C 222 -30.67 -29.98 -28.84
CA HIS C 222 -31.16 -30.35 -30.16
C HIS C 222 -32.03 -31.60 -30.08
N HIS C 223 -32.64 -31.95 -31.20
CA HIS C 223 -33.61 -33.04 -31.22
C HIS C 223 -32.96 -34.43 -31.19
N ARG C 224 -31.64 -34.52 -31.06
CA ARG C 224 -30.96 -35.81 -30.93
C ARG C 224 -30.13 -35.90 -29.66
N GLY C 225 -30.25 -34.92 -28.76
CA GLY C 225 -29.59 -34.97 -27.47
C GLY C 225 -28.38 -34.07 -27.32
N GLU C 226 -27.92 -33.43 -28.39
CA GLU C 226 -26.74 -32.58 -28.33
C GLU C 226 -27.04 -31.35 -27.48
N VAL C 227 -26.44 -31.29 -26.29
CA VAL C 227 -26.58 -30.16 -25.39
C VAL C 227 -25.40 -29.24 -25.58
N GLN C 228 -25.64 -27.93 -25.46
CA GLN C 228 -24.59 -26.92 -25.59
C GLN C 228 -24.65 -25.99 -24.40
N ASN C 229 -23.49 -25.75 -23.79
CA ASN C 229 -23.41 -25.00 -22.53
C ASN C 229 -22.30 -23.96 -22.64
N TYR C 230 -22.69 -22.73 -22.97
CA TYR C 230 -21.75 -21.61 -23.01
C TYR C 230 -21.66 -20.98 -21.63
N LYS C 231 -20.44 -20.69 -21.20
CA LYS C 231 -20.23 -20.10 -19.88
C LYS C 231 -18.88 -19.40 -19.77
N PRO C 232 -18.86 -18.14 -19.39
CA PRO C 232 -17.57 -17.46 -19.16
C PRO C 232 -17.02 -17.81 -17.78
N LEU C 233 -15.71 -17.92 -17.70
CA LEU C 233 -15.03 -18.34 -16.48
C LEU C 233 -13.88 -17.40 -16.17
N GLN C 234 -13.69 -17.10 -14.89
CA GLN C 234 -12.52 -16.39 -14.40
C GLN C 234 -11.66 -17.39 -13.63
N LEU C 235 -10.43 -17.58 -14.08
CA LEU C 235 -9.54 -18.60 -13.54
C LEU C 235 -8.47 -17.97 -12.67
N VAL C 236 -8.27 -18.54 -11.49
CA VAL C 236 -7.14 -18.18 -10.63
C VAL C 236 -6.24 -19.40 -10.57
N THR C 237 -5.25 -19.44 -11.46
CA THR C 237 -4.45 -20.63 -11.70
C THR C 237 -3.06 -20.47 -11.10
N ALA C 238 -2.57 -21.53 -10.47
CA ALA C 238 -1.23 -21.57 -9.91
C ALA C 238 -0.26 -21.97 -11.02
N CYS C 239 0.44 -20.99 -11.57
CA CYS C 239 1.40 -21.20 -12.64
C CYS C 239 2.82 -20.99 -12.12
N SER C 240 3.75 -21.78 -12.64
CA SER C 240 5.16 -21.67 -12.27
C SER C 240 5.82 -20.68 -13.23
N LEU C 241 6.22 -19.53 -12.72
CA LEU C 241 6.73 -18.44 -13.53
C LEU C 241 8.26 -18.40 -13.47
N ASP C 242 8.88 -18.19 -14.62
CA ASP C 242 10.33 -18.05 -14.73
C ASP C 242 10.63 -16.65 -15.24
N ILE C 243 11.37 -15.88 -14.46
CA ILE C 243 11.63 -14.47 -14.75
C ILE C 243 13.12 -14.22 -14.92
N TYR C 244 13.84 -15.23 -15.42
CA TYR C 244 15.28 -15.08 -15.63
C TYR C 244 15.57 -13.91 -16.57
N ASN C 245 14.87 -13.85 -17.70
CA ASN C 245 14.94 -12.71 -18.62
C ASN C 245 13.70 -11.86 -18.36
N PHE C 246 13.77 -11.02 -17.32
CA PHE C 246 12.57 -10.33 -16.84
C PHE C 246 11.91 -9.45 -17.89
N PRO C 247 12.58 -8.48 -18.50
CA PRO C 247 11.86 -7.60 -19.44
C PRO C 247 11.38 -8.32 -20.69
N PHE C 248 12.05 -9.41 -21.09
CA PHE C 248 11.71 -10.17 -22.29
C PHE C 248 11.62 -11.64 -21.91
N ASP C 249 10.45 -12.06 -21.42
CA ASP C 249 10.24 -13.44 -21.01
C ASP C 249 8.99 -13.98 -21.67
N VAL C 250 8.98 -15.29 -21.89
CA VAL C 250 7.86 -15.99 -22.52
C VAL C 250 7.36 -16.99 -21.49
N GLN C 251 6.32 -16.63 -20.76
CA GLN C 251 5.76 -17.52 -19.75
C GLN C 251 4.98 -18.66 -20.40
N ASN C 252 5.01 -19.81 -19.76
CA ASN C 252 4.41 -21.04 -20.27
C ASN C 252 3.54 -21.61 -19.16
N CYS C 253 2.29 -21.16 -19.09
CA CYS C 253 1.34 -21.64 -18.10
C CYS C 253 0.42 -22.69 -18.69
N SER C 254 -0.19 -23.48 -17.81
CA SER C 254 -0.97 -24.65 -18.21
C SER C 254 -2.34 -24.62 -17.55
N LEU C 255 -3.34 -25.09 -18.29
CA LEU C 255 -4.70 -25.27 -17.78
C LEU C 255 -5.13 -26.70 -18.11
N THR C 256 -5.47 -27.47 -17.08
CA THR C 256 -5.77 -28.89 -17.24
C THR C 256 -7.25 -29.13 -16.91
N PHE C 257 -8.07 -29.25 -17.94
CA PHE C 257 -9.50 -29.54 -17.76
C PHE C 257 -9.67 -31.04 -17.58
N THR C 258 -10.15 -31.45 -16.40
CA THR C 258 -10.38 -32.85 -16.13
C THR C 258 -11.62 -33.01 -15.26
N SER C 259 -12.20 -34.20 -15.30
CA SER C 259 -13.31 -34.53 -14.42
C SER C 259 -12.78 -34.91 -13.05
N TRP C 260 -13.27 -34.24 -12.02
CA TRP C 260 -12.70 -34.37 -10.69
C TRP C 260 -13.02 -35.71 -10.03
N LEU C 261 -14.12 -36.36 -10.42
CA LEU C 261 -14.53 -37.60 -9.78
C LEU C 261 -14.66 -38.77 -10.75
N HIS C 262 -15.21 -38.56 -11.93
CA HIS C 262 -15.46 -39.65 -12.85
C HIS C 262 -14.19 -40.11 -13.54
N THR C 263 -14.05 -41.42 -13.71
CA THR C 263 -12.91 -42.00 -14.40
C THR C 263 -13.12 -41.87 -15.90
N ILE C 264 -12.24 -42.50 -16.69
CA ILE C 264 -12.36 -42.41 -18.15
C ILE C 264 -13.42 -43.32 -18.71
N GLN C 265 -13.94 -44.25 -17.91
CA GLN C 265 -15.05 -45.08 -18.35
C GLN C 265 -16.41 -44.39 -18.18
N ASP C 266 -16.43 -43.20 -17.59
CA ASP C 266 -17.65 -42.42 -17.41
C ASP C 266 -17.65 -41.13 -18.20
N ILE C 267 -16.58 -40.34 -18.11
CA ILE C 267 -16.48 -39.07 -18.81
C ILE C 267 -15.14 -39.00 -19.52
N ASN C 268 -15.17 -38.92 -20.85
CA ASN C 268 -13.98 -38.70 -21.65
C ASN C 268 -14.07 -37.31 -22.28
N ILE C 269 -12.91 -36.67 -22.44
CA ILE C 269 -12.83 -35.28 -22.87
C ILE C 269 -12.16 -35.23 -24.24
N THR C 270 -12.82 -34.59 -25.19
CA THR C 270 -12.31 -34.37 -26.54
C THR C 270 -12.25 -32.88 -26.82
N LEU C 271 -11.96 -32.53 -28.07
CA LEU C 271 -11.84 -31.15 -28.51
C LEU C 271 -12.91 -30.84 -29.55
N TRP C 272 -13.59 -29.71 -29.40
N TRP C 272 -13.60 -29.72 -29.37
CA TRP C 272 -14.65 -29.37 -30.35
CA TRP C 272 -14.65 -29.32 -30.29
C TRP C 272 -14.07 -28.94 -31.68
C TRP C 272 -14.06 -28.94 -31.65
N ARG C 273 -13.16 -27.97 -31.66
CA ARG C 273 -12.49 -27.54 -32.89
C ARG C 273 -11.19 -28.32 -33.06
N SER C 274 -10.61 -28.20 -34.26
CA SER C 274 -9.31 -28.79 -34.51
C SER C 274 -8.23 -28.02 -33.75
N PRO C 275 -7.12 -28.68 -33.40
CA PRO C 275 -6.08 -27.99 -32.62
C PRO C 275 -5.47 -26.79 -33.33
N GLU C 276 -5.48 -26.77 -34.67
CA GLU C 276 -4.99 -25.60 -35.40
C GLU C 276 -5.83 -24.37 -35.10
N GLU C 277 -7.16 -24.51 -35.17
CA GLU C 277 -8.03 -23.38 -34.91
C GLU C 277 -7.95 -22.91 -33.46
N VAL C 278 -7.70 -23.84 -32.52
CA VAL C 278 -7.55 -23.44 -31.13
C VAL C 278 -6.21 -22.74 -30.91
N ARG C 279 -5.19 -23.15 -31.66
CA ARG C 279 -3.88 -22.53 -31.50
C ARG C 279 -3.84 -21.13 -32.13
N SER C 280 -4.51 -20.95 -33.26
CA SER C 280 -4.44 -19.71 -34.03
C SER C 280 -5.67 -18.83 -33.86
N ASP C 281 -6.21 -18.75 -32.64
CA ASP C 281 -7.41 -17.96 -32.37
C ASP C 281 -7.08 -16.82 -31.42
N LYS C 282 -7.09 -15.60 -31.93
CA LYS C 282 -6.92 -14.38 -31.14
C LYS C 282 -7.96 -13.35 -31.51
N SER C 283 -9.21 -13.78 -31.63
CA SER C 283 -10.25 -12.91 -32.20
C SER C 283 -10.74 -11.86 -31.22
N ILE C 284 -10.75 -12.16 -29.92
CA ILE C 284 -11.37 -11.28 -28.93
C ILE C 284 -10.38 -10.87 -27.84
N PHE C 285 -9.12 -11.29 -27.94
CA PHE C 285 -8.17 -11.03 -26.87
C PHE C 285 -7.91 -9.54 -26.70
N ILE C 286 -7.97 -9.08 -25.45
CA ILE C 286 -7.67 -7.68 -25.15
C ILE C 286 -6.17 -7.48 -25.29
N ASN C 287 -5.75 -6.82 -26.36
CA ASN C 287 -4.34 -6.77 -26.74
C ASN C 287 -3.62 -5.52 -26.24
N GLN C 288 -4.33 -4.54 -25.69
CA GLN C 288 -3.73 -3.30 -25.25
C GLN C 288 -3.11 -3.38 -23.87
N GLY C 289 -3.11 -4.56 -23.25
CA GLY C 289 -2.58 -4.72 -21.90
C GLY C 289 -1.07 -4.86 -21.88
N GLU C 290 -0.58 -5.45 -20.79
CA GLU C 290 0.86 -5.62 -20.62
C GLU C 290 1.35 -6.91 -21.26
N TRP C 291 0.53 -7.96 -21.28
CA TRP C 291 0.92 -9.25 -21.81
C TRP C 291 0.37 -9.46 -23.21
N GLU C 292 1.10 -10.23 -24.00
CA GLU C 292 0.72 -10.54 -25.38
C GLU C 292 0.55 -12.04 -25.52
N LEU C 293 -0.59 -12.47 -26.06
CA LEU C 293 -0.87 -13.88 -26.24
C LEU C 293 -0.22 -14.38 -27.52
N LEU C 294 0.55 -15.47 -27.40
CA LEU C 294 1.22 -16.08 -28.54
C LEU C 294 0.42 -17.24 -29.14
N GLU C 295 0.00 -18.18 -28.31
CA GLU C 295 -0.80 -19.31 -28.78
C GLU C 295 -1.41 -20.03 -27.58
N VAL C 296 -2.36 -20.90 -27.86
CA VAL C 296 -2.98 -21.77 -26.86
C VAL C 296 -2.93 -23.18 -27.45
N PHE C 297 -2.03 -24.00 -26.92
CA PHE C 297 -1.77 -25.31 -27.52
C PHE C 297 -2.44 -26.40 -26.71
N PRO C 298 -3.45 -27.08 -27.24
CA PRO C 298 -4.11 -28.16 -26.52
C PRO C 298 -3.43 -29.51 -26.70
N GLN C 299 -3.60 -30.37 -25.69
CA GLN C 299 -3.01 -31.69 -25.73
C GLN C 299 -3.82 -32.62 -24.82
N PHE C 300 -4.11 -33.82 -25.30
CA PHE C 300 -4.86 -34.81 -24.56
C PHE C 300 -3.92 -35.82 -23.92
N LYS C 301 -4.25 -36.24 -22.71
CA LYS C 301 -3.43 -37.19 -21.96
C LYS C 301 -4.31 -38.00 -21.03
N GLU C 302 -4.07 -39.32 -20.99
CA GLU C 302 -4.81 -40.22 -20.11
C GLU C 302 -4.00 -40.40 -18.83
N PHE C 303 -4.34 -39.61 -17.81
CA PHE C 303 -3.60 -39.60 -16.56
C PHE C 303 -4.18 -40.65 -15.62
N SER C 304 -3.34 -41.61 -15.22
CA SER C 304 -3.75 -42.72 -14.37
C SER C 304 -3.03 -42.63 -13.03
N ILE C 305 -3.79 -42.70 -11.94
CA ILE C 305 -3.20 -42.75 -10.60
C ILE C 305 -2.88 -44.19 -10.20
N ASP C 306 -3.79 -45.12 -10.47
CA ASP C 306 -3.59 -46.52 -10.14
C ASP C 306 -3.93 -47.37 -11.35
N ILE C 307 -4.00 -48.69 -11.17
CA ILE C 307 -4.54 -49.58 -12.20
C ILE C 307 -6.05 -49.60 -12.05
N SER C 308 -6.75 -49.67 -13.18
CA SER C 308 -8.21 -49.62 -13.30
C SER C 308 -8.79 -48.28 -12.88
N ASN C 309 -7.96 -47.28 -12.56
CA ASN C 309 -8.41 -45.94 -12.21
C ASN C 309 -7.61 -44.96 -13.08
N SER C 310 -8.12 -44.70 -14.29
CA SER C 310 -7.47 -43.80 -15.22
C SER C 310 -8.42 -42.65 -15.55
N TYR C 311 -7.93 -41.43 -15.42
CA TYR C 311 -8.71 -40.24 -15.69
C TYR C 311 -8.27 -39.60 -17.00
N ALA C 312 -9.22 -38.94 -17.66
CA ALA C 312 -8.95 -38.20 -18.89
C ALA C 312 -8.83 -36.72 -18.58
N GLU C 313 -7.90 -36.06 -19.27
CA GLU C 313 -7.67 -34.63 -19.06
C GLU C 313 -7.22 -34.00 -20.37
N MET C 314 -7.41 -32.69 -20.45
CA MET C 314 -7.07 -31.91 -21.64
C MET C 314 -6.26 -30.70 -21.20
N LYS C 315 -4.99 -30.67 -21.55
CA LYS C 315 -4.10 -29.60 -21.11
C LYS C 315 -4.02 -28.52 -22.17
N PHE C 316 -4.25 -27.27 -21.75
CA PHE C 316 -4.09 -26.10 -22.60
C PHE C 316 -2.87 -25.32 -22.12
N TYR C 317 -1.88 -25.16 -22.99
CA TYR C 317 -0.65 -24.43 -22.67
C TYR C 317 -0.83 -23.00 -23.15
N VAL C 318 -1.10 -22.09 -22.21
CA VAL C 318 -1.23 -20.68 -22.53
C VAL C 318 0.18 -20.06 -22.52
N ILE C 319 0.65 -19.67 -23.69
CA ILE C 319 2.00 -19.15 -23.88
C ILE C 319 1.89 -17.66 -24.11
N ILE C 320 2.39 -16.87 -23.16
CA ILE C 320 2.27 -15.42 -23.20
C ILE C 320 3.65 -14.80 -23.14
N ARG C 321 3.72 -13.53 -23.56
CA ARG C 321 4.98 -12.81 -23.62
C ARG C 321 4.77 -11.39 -23.11
N ARG C 322 5.67 -10.93 -22.26
CA ARG C 322 5.56 -9.59 -21.69
C ARG C 322 6.08 -8.55 -22.67
N ARG C 323 5.49 -7.35 -22.60
CA ARG C 323 5.93 -6.24 -23.43
C ARG C 323 6.97 -5.43 -22.68
N PRO C 324 8.20 -5.32 -23.19
CA PRO C 324 9.27 -4.69 -22.40
C PRO C 324 9.21 -3.18 -22.33
N LEU C 325 8.55 -2.51 -23.27
CA LEU C 325 8.47 -1.05 -23.25
C LEU C 325 7.69 -0.52 -22.05
N PHE C 326 6.99 -1.39 -21.33
CA PHE C 326 6.32 -0.97 -20.09
C PHE C 326 7.33 -0.53 -19.04
N TYR C 327 8.54 -1.08 -19.08
CA TYR C 327 9.56 -0.83 -18.06
C TYR C 327 10.78 -0.08 -18.57
N ALA C 328 10.79 0.31 -19.85
CA ALA C 328 11.95 1.04 -20.37
C ALA C 328 12.10 2.39 -19.68
N VAL C 329 11.04 3.19 -19.68
CA VAL C 329 11.09 4.53 -19.08
C VAL C 329 11.33 4.46 -17.58
N SER C 330 11.15 3.30 -16.96
CA SER C 330 11.33 3.15 -15.52
C SER C 330 12.65 2.49 -15.15
N LEU C 331 13.34 1.85 -16.10
CA LEU C 331 14.60 1.19 -15.80
C LEU C 331 15.81 1.80 -16.48
N LEU C 332 15.69 2.20 -17.75
CA LEU C 332 16.85 2.70 -18.48
C LEU C 332 17.09 4.19 -18.31
N LEU C 333 16.04 4.97 -18.04
CA LEU C 333 16.20 6.42 -17.99
C LEU C 333 17.03 6.87 -16.80
N PRO C 334 16.74 6.47 -15.56
CA PRO C 334 17.55 6.98 -14.43
C PRO C 334 19.01 6.56 -14.49
N SER C 335 19.31 5.34 -14.95
CA SER C 335 20.70 4.91 -15.05
C SER C 335 21.46 5.76 -16.06
N ILE C 336 20.87 6.02 -17.22
CA ILE C 336 21.52 6.87 -18.22
C ILE C 336 21.70 8.28 -17.68
N PHE C 337 20.69 8.82 -17.00
CA PHE C 337 20.79 10.17 -16.44
C PHE C 337 21.92 10.25 -15.42
N LEU C 338 22.04 9.24 -14.56
CA LEU C 338 23.08 9.26 -13.54
C LEU C 338 24.46 9.08 -14.14
N MET C 339 24.60 8.22 -15.15
CA MET C 339 25.89 8.09 -15.82
C MET C 339 26.28 9.40 -16.52
N VAL C 340 25.29 10.10 -17.09
CA VAL C 340 25.57 11.37 -17.75
C VAL C 340 26.02 12.41 -16.74
N VAL C 341 25.31 12.53 -15.62
CA VAL C 341 25.73 13.53 -14.64
C VAL C 341 27.05 13.13 -14.00
N ASP C 342 27.38 11.84 -13.98
CA ASP C 342 28.69 11.40 -13.47
C ASP C 342 29.81 11.84 -14.41
N ILE C 343 29.65 11.59 -15.71
CA ILE C 343 30.68 12.01 -16.65
C ILE C 343 30.72 13.54 -16.77
N VAL C 344 29.64 14.23 -16.39
CA VAL C 344 29.67 15.69 -16.33
C VAL C 344 30.48 16.16 -15.13
N GLY C 345 30.17 15.62 -13.95
CA GLY C 345 30.90 15.99 -12.75
C GLY C 345 32.35 15.55 -12.75
N PHE C 346 32.71 14.62 -13.63
CA PHE C 346 34.11 14.20 -13.73
C PHE C 346 35.02 15.32 -14.20
N CYS C 347 34.49 16.47 -14.61
CA CYS C 347 35.30 17.57 -15.11
C CYS C 347 35.60 18.62 -14.05
N LEU C 348 35.19 18.40 -12.81
CA LEU C 348 35.52 19.34 -11.74
C LEU C 348 37.02 19.24 -11.42
N PRO C 349 37.65 20.36 -11.06
CA PRO C 349 39.06 20.31 -10.67
C PRO C 349 39.24 19.49 -9.40
N PRO C 350 40.26 18.64 -9.35
CA PRO C 350 40.40 17.73 -8.20
C PRO C 350 40.74 18.43 -6.89
N ASP C 351 41.34 19.61 -6.92
CA ASP C 351 41.69 20.34 -5.72
C ASP C 351 40.61 21.34 -5.31
N SER C 352 39.42 21.27 -5.90
CA SER C 352 38.35 22.20 -5.57
C SER C 352 37.67 21.89 -4.25
N GLY C 353 37.83 20.67 -3.73
CA GLY C 353 37.17 20.29 -2.50
C GLY C 353 35.69 20.03 -2.60
N GLU C 354 35.14 19.91 -3.81
CA GLU C 354 33.74 19.62 -4.01
C GLU C 354 33.50 18.35 -4.81
N ARG C 355 34.53 17.79 -5.45
CA ARG C 355 34.37 16.60 -6.26
C ARG C 355 33.96 15.40 -5.41
N VAL C 356 34.51 15.30 -4.20
CA VAL C 356 34.14 14.20 -3.30
C VAL C 356 32.68 14.31 -2.90
N SER C 357 32.23 15.51 -2.54
CA SER C 357 30.82 15.71 -2.20
C SER C 357 29.93 15.37 -3.38
N PHE C 358 30.31 15.81 -4.58
CA PHE C 358 29.54 15.50 -5.78
C PHE C 358 29.40 13.99 -5.96
N LYS C 359 30.52 13.26 -5.88
CA LYS C 359 30.48 11.82 -6.10
C LYS C 359 29.69 11.10 -5.04
N ILE C 360 29.82 11.51 -3.77
CA ILE C 360 29.11 10.80 -2.71
C ILE C 360 27.61 11.10 -2.79
N THR C 361 27.22 12.32 -3.16
CA THR C 361 25.80 12.62 -3.37
C THR C 361 25.25 11.82 -4.53
N LEU C 362 26.03 11.68 -5.60
CA LEU C 362 25.58 10.87 -6.74
C LEU C 362 25.40 9.41 -6.35
N LEU C 363 26.33 8.88 -5.54
CA LEU C 363 26.21 7.49 -5.12
C LEU C 363 25.02 7.30 -4.20
N LEU C 364 24.75 8.26 -3.32
CA LEU C 364 23.56 8.21 -2.48
C LEU C 364 22.29 8.20 -3.32
N GLY C 365 22.23 9.07 -4.33
CA GLY C 365 21.08 9.08 -5.22
C GLY C 365 20.89 7.78 -5.96
N TYR C 366 21.99 7.20 -6.47
CA TYR C 366 21.89 5.93 -7.17
C TYR C 366 21.44 4.83 -6.22
N SER C 367 21.90 4.86 -4.97
CA SER C 367 21.50 3.84 -4.00
C SER C 367 20.01 3.93 -3.68
N VAL C 368 19.51 5.15 -3.45
CA VAL C 368 18.08 5.28 -3.14
C VAL C 368 17.24 4.92 -4.35
N PHE C 369 17.69 5.25 -5.56
CA PHE C 369 16.97 4.83 -6.75
C PHE C 369 16.96 3.31 -6.87
N LEU C 370 18.09 2.66 -6.58
CA LEU C 370 18.16 1.21 -6.66
C LEU C 370 17.19 0.56 -5.69
N ILE C 371 17.22 1.00 -4.43
CA ILE C 371 16.34 0.40 -3.42
C ILE C 371 14.88 0.80 -3.59
N ILE C 372 14.60 1.84 -4.37
CA ILE C 372 13.21 2.17 -4.68
C ILE C 372 12.70 1.32 -5.83
N VAL C 373 13.52 1.15 -6.88
CA VAL C 373 13.08 0.39 -8.05
C VAL C 373 13.18 -1.11 -7.84
N SER C 374 13.88 -1.58 -6.80
CA SER C 374 13.94 -3.00 -6.52
C SER C 374 12.61 -3.59 -6.08
N ASP C 375 11.61 -2.75 -5.79
CA ASP C 375 10.31 -3.27 -5.39
C ASP C 375 9.48 -3.69 -6.59
N THR C 376 9.44 -2.87 -7.65
CA THR C 376 8.73 -3.25 -8.86
C THR C 376 9.44 -4.41 -9.57
N LEU C 377 10.74 -4.56 -9.35
CA LEU C 377 11.47 -5.71 -9.89
C LEU C 377 11.02 -6.97 -9.16
N PRO C 378 10.48 -7.97 -9.85
CA PRO C 378 10.04 -9.19 -9.17
C PRO C 378 11.23 -10.01 -8.69
N ALA C 379 10.92 -11.05 -7.92
CA ALA C 379 11.95 -11.91 -7.37
C ALA C 379 11.33 -13.26 -7.02
N THR C 380 11.97 -14.34 -7.44
CA THR C 380 11.56 -15.69 -7.10
C THR C 380 12.64 -16.34 -6.23
N ALA C 381 12.21 -17.31 -5.42
CA ALA C 381 13.11 -17.97 -4.50
C ALA C 381 14.10 -18.89 -5.20
N ILE C 382 13.93 -19.14 -6.50
CA ILE C 382 14.85 -20.01 -7.22
C ILE C 382 15.98 -19.22 -7.88
N GLY C 383 15.71 -18.02 -8.37
CA GLY C 383 16.73 -17.23 -9.02
C GLY C 383 16.31 -15.79 -9.17
N THR C 384 17.29 -14.96 -9.52
CA THR C 384 17.12 -13.54 -9.75
C THR C 384 17.23 -13.22 -11.23
N PRO C 385 16.50 -12.21 -11.72
CA PRO C 385 16.62 -11.85 -13.13
C PRO C 385 18.02 -11.38 -13.49
N LEU C 386 18.31 -11.40 -14.79
CA LEU C 386 19.62 -11.06 -15.31
C LEU C 386 19.88 -9.55 -15.32
N ILE C 387 18.87 -8.74 -15.03
CA ILE C 387 19.06 -7.29 -15.01
C ILE C 387 19.77 -6.83 -13.74
N GLY C 388 19.71 -7.61 -12.66
CA GLY C 388 20.45 -7.27 -11.46
C GLY C 388 21.94 -7.25 -11.68
N VAL C 389 22.45 -8.14 -12.54
CA VAL C 389 23.87 -8.14 -12.85
C VAL C 389 24.29 -6.84 -13.51
N TYR C 390 23.48 -6.35 -14.46
CA TYR C 390 23.81 -5.10 -15.13
C TYR C 390 23.68 -3.91 -14.18
N PHE C 391 22.71 -3.96 -13.28
CA PHE C 391 22.56 -2.87 -12.30
C PHE C 391 23.76 -2.82 -11.36
N VAL C 392 24.21 -3.98 -10.87
CA VAL C 392 25.35 -3.97 -9.97
C VAL C 392 26.63 -3.64 -10.72
N VAL C 393 26.71 -3.94 -12.02
CA VAL C 393 27.86 -3.52 -12.80
C VAL C 393 27.89 -2.00 -12.93
N CYS C 394 26.72 -1.38 -13.14
CA CYS C 394 26.66 0.08 -13.19
C CYS C 394 27.05 0.69 -11.85
N MET C 395 26.54 0.14 -10.75
CA MET C 395 26.91 0.68 -9.44
C MET C 395 28.39 0.44 -9.14
N ALA C 396 28.97 -0.64 -9.66
CA ALA C 396 30.40 -0.87 -9.50
C ALA C 396 31.21 0.15 -10.30
N LEU C 397 30.73 0.52 -11.48
CA LEU C 397 31.37 1.59 -12.23
C LEU C 397 31.32 2.90 -11.44
N LEU C 398 30.19 3.20 -10.82
CA LEU C 398 30.10 4.41 -10.00
C LEU C 398 31.06 4.36 -8.82
N VAL C 399 31.17 3.20 -8.17
CA VAL C 399 32.08 3.07 -7.03
C VAL C 399 33.54 3.21 -7.50
N ILE C 400 33.85 2.70 -8.68
CA ILE C 400 35.21 2.86 -9.22
C ILE C 400 35.50 4.32 -9.50
N SER C 401 34.51 5.05 -10.03
CA SER C 401 34.69 6.49 -10.22
C SER C 401 34.94 7.20 -8.90
N LEU C 402 34.18 6.83 -7.86
CA LEU C 402 34.41 7.42 -6.54
C LEU C 402 35.81 7.13 -6.02
N ALA C 403 36.27 5.90 -6.19
CA ALA C 403 37.60 5.52 -5.71
C ALA C 403 38.68 6.27 -6.48
N GLU C 404 38.51 6.45 -7.78
CA GLU C 404 39.47 7.22 -8.57
C GLU C 404 39.50 8.68 -8.12
N THR C 405 38.32 9.26 -7.87
CA THR C 405 38.28 10.62 -7.35
C THR C 405 39.01 10.73 -6.02
N ILE C 406 38.80 9.76 -5.12
CA ILE C 406 39.45 9.79 -3.82
C ILE C 406 40.96 9.67 -3.97
N PHE C 407 41.42 8.82 -4.89
CA PHE C 407 42.86 8.68 -5.12
C PHE C 407 43.47 9.97 -5.65
N ILE C 408 42.83 10.59 -6.64
CA ILE C 408 43.34 11.83 -7.21
C ILE C 408 43.35 12.94 -6.15
N VAL C 409 42.33 12.97 -5.30
CA VAL C 409 42.32 13.96 -4.22
C VAL C 409 43.46 13.71 -3.24
N ARG C 410 43.72 12.44 -2.93
CA ARG C 410 44.82 12.10 -2.03
C ARG C 410 46.18 12.48 -2.63
N LEU C 411 46.27 12.50 -3.96
CA LEU C 411 47.55 12.85 -4.58
C LEU C 411 47.82 14.35 -4.50
N VAL C 412 46.86 15.18 -4.92
CA VAL C 412 47.11 16.61 -5.12
C VAL C 412 46.94 17.43 -3.85
N HIS C 413 46.66 16.81 -2.71
CA HIS C 413 46.39 17.58 -1.51
C HIS C 413 47.67 18.19 -0.95
N LYS C 414 47.59 19.45 -0.53
CA LYS C 414 48.72 20.17 0.06
C LYS C 414 48.71 19.91 1.56
N GLN C 415 49.54 18.96 2.00
CA GLN C 415 49.52 18.48 3.37
C GLN C 415 50.66 19.04 4.23
N ASP C 416 51.59 19.79 3.65
CA ASP C 416 52.75 20.34 4.34
C ASP C 416 53.73 19.25 4.76
N LEU C 417 53.38 17.99 4.48
CA LEU C 417 54.28 16.86 4.63
C LEU C 417 54.77 16.35 3.28
N GLN C 418 54.46 17.06 2.20
CA GLN C 418 54.77 16.58 0.86
C GLN C 418 56.27 16.62 0.60
N ARG C 419 56.81 15.48 0.21
CA ARG C 419 58.18 15.40 -0.29
C ARG C 419 58.19 15.56 -1.80
N PRO C 420 59.32 15.94 -2.38
CA PRO C 420 59.38 16.10 -3.85
C PRO C 420 59.02 14.82 -4.57
N VAL C 421 58.38 14.97 -5.72
CA VAL C 421 57.90 13.83 -6.50
C VAL C 421 59.09 13.02 -7.00
N PRO C 422 59.07 11.69 -6.88
CA PRO C 422 60.22 10.90 -7.32
C PRO C 422 60.50 11.07 -8.80
N ASP C 423 61.76 10.83 -9.18
CA ASP C 423 62.20 11.15 -10.54
C ASP C 423 61.62 10.17 -11.55
N TRP C 424 61.43 8.91 -11.18
CA TRP C 424 60.83 7.95 -12.11
C TRP C 424 59.39 8.33 -12.43
N LEU C 425 58.61 8.68 -11.40
CA LEU C 425 57.24 9.12 -11.62
C LEU C 425 57.20 10.41 -12.42
N ARG C 426 58.10 11.34 -12.10
CA ARG C 426 58.19 12.59 -12.86
C ARG C 426 58.43 12.30 -14.34
N HIS C 427 59.50 11.57 -14.65
CA HIS C 427 59.78 11.19 -16.04
C HIS C 427 58.55 10.58 -16.71
N LEU C 428 58.07 9.47 -16.16
CA LEU C 428 56.96 8.74 -16.79
C LEU C 428 55.77 9.65 -17.04
N VAL C 429 55.21 10.24 -15.98
CA VAL C 429 53.95 10.97 -16.12
C VAL C 429 54.14 12.25 -16.93
N LEU C 430 55.11 13.08 -16.54
CA LEU C 430 55.27 14.38 -17.17
C LEU C 430 55.98 14.32 -18.52
N ASP C 431 56.34 13.13 -19.02
CA ASP C 431 56.75 12.98 -20.39
C ASP C 431 55.80 12.12 -21.22
N ARG C 432 54.87 11.42 -20.58
CA ARG C 432 53.76 10.79 -21.28
C ARG C 432 52.62 11.77 -21.51
N ILE C 433 52.50 12.79 -20.68
CA ILE C 433 51.49 13.83 -20.86
C ILE C 433 51.69 14.56 -22.18
N LEU C 501 79.63 43.56 13.87
CA LEU C 501 79.35 44.76 13.09
C LEU C 501 77.86 44.91 12.83
N ALA C 502 77.37 46.16 12.88
CA ALA C 502 75.96 46.41 12.64
C ALA C 502 75.55 46.05 11.21
N VAL C 503 76.45 46.27 10.24
CA VAL C 503 76.14 45.91 8.86
C VAL C 503 76.02 44.39 8.72
N ARG C 504 76.92 43.65 9.39
CA ARG C 504 76.83 42.20 9.36
C ARG C 504 75.57 41.71 10.06
N GLY C 505 75.15 42.41 11.12
CA GLY C 505 73.90 42.05 11.78
C GLY C 505 72.69 42.26 10.87
N LEU C 506 72.65 43.40 10.19
CA LEU C 506 71.61 43.63 9.19
C LEU C 506 71.63 42.56 8.11
N LEU C 507 72.83 42.16 7.68
CA LEU C 507 72.96 41.14 6.65
C LEU C 507 72.39 39.81 7.11
N GLN C 508 72.71 39.40 8.34
CA GLN C 508 72.21 38.11 8.81
C GLN C 508 70.71 38.15 9.08
N GLU C 509 70.18 39.30 9.51
CA GLU C 509 68.72 39.41 9.66
C GLU C 509 68.02 39.29 8.31
N LEU C 510 68.54 39.98 7.28
CA LEU C 510 67.97 39.86 5.95
C LEU C 510 68.10 38.43 5.43
N SER C 511 69.20 37.75 5.76
CA SER C 511 69.37 36.37 5.33
C SER C 511 68.36 35.45 5.98
N SER C 512 68.06 35.66 7.26
CA SER C 512 67.03 34.87 7.92
C SER C 512 65.66 35.10 7.31
N ILE C 513 65.34 36.36 7.00
CA ILE C 513 64.06 36.66 6.35
C ILE C 513 63.99 35.98 4.98
N ARG C 514 65.07 36.04 4.23
CA ARG C 514 65.10 35.42 2.91
C ARG C 514 64.98 33.90 3.02
N HIS C 515 65.57 33.31 4.06
CA HIS C 515 65.45 31.87 4.26
C HIS C 515 64.01 31.47 4.55
N PHE C 516 63.31 32.24 5.40
CA PHE C 516 61.90 31.98 5.65
C PHE C 516 61.10 32.01 4.33
N LEU C 517 61.30 33.08 3.55
CA LEU C 517 60.55 33.21 2.30
C LEU C 517 60.89 32.10 1.33
N GLU C 518 62.16 31.69 1.29
CA GLU C 518 62.58 30.63 0.37
C GLU C 518 62.00 29.28 0.78
N LYS C 519 61.91 29.01 2.08
CA LYS C 519 61.26 27.80 2.55
C LYS C 519 59.80 27.76 2.10
N ARG C 520 59.09 28.88 2.29
CA ARG C 520 57.70 28.94 1.84
C ARG C 520 57.58 28.70 0.34
N ASP C 521 58.46 29.33 -0.44
CA ASP C 521 58.39 29.20 -1.89
C ASP C 521 58.71 27.77 -2.34
N GLU C 522 59.65 27.12 -1.67
CA GLU C 522 60.00 25.74 -2.02
C GLU C 522 58.84 24.79 -1.72
N MET C 523 58.17 24.98 -0.58
CA MET C 523 57.01 24.16 -0.29
C MET C 523 55.90 24.37 -1.33
N ARG C 524 55.68 25.62 -1.74
CA ARG C 524 54.67 25.89 -2.76
C ARG C 524 55.04 25.24 -4.09
N GLU C 525 56.32 25.24 -4.44
CA GLU C 525 56.74 24.64 -5.70
C GLU C 525 56.55 23.12 -5.68
N VAL C 526 56.86 22.48 -4.55
CA VAL C 526 56.62 21.05 -4.43
C VAL C 526 55.14 20.73 -4.57
N ALA C 527 54.29 21.53 -3.92
CA ALA C 527 52.85 21.34 -4.04
C ALA C 527 52.39 21.49 -5.48
N ARG C 528 52.94 22.48 -6.20
CA ARG C 528 52.58 22.69 -7.60
C ARG C 528 52.96 21.49 -8.47
N ASP C 529 54.16 20.94 -8.25
CA ASP C 529 54.56 19.76 -9.02
C ASP C 529 53.62 18.58 -8.77
N TRP C 530 53.28 18.35 -7.50
CA TRP C 530 52.36 17.25 -7.19
C TRP C 530 50.99 17.49 -7.82
N LEU C 531 50.52 18.73 -7.81
CA LEU C 531 49.22 19.03 -8.38
C LEU C 531 49.20 18.80 -9.89
N ARG C 532 50.30 19.14 -10.57
CA ARG C 532 50.38 18.90 -12.01
C ARG C 532 50.38 17.41 -12.32
N VAL C 533 51.13 16.62 -11.54
CA VAL C 533 51.12 15.17 -11.72
C VAL C 533 49.70 14.63 -11.53
N GLY C 534 49.00 15.12 -10.51
CA GLY C 534 47.65 14.66 -10.27
C GLY C 534 46.70 15.03 -11.39
N TYR C 535 46.84 16.24 -11.94
CA TYR C 535 46.01 16.66 -13.07
C TYR C 535 46.21 15.73 -14.27
N VAL C 536 47.46 15.40 -14.58
CA VAL C 536 47.73 14.52 -15.72
C VAL C 536 47.10 13.15 -15.49
N LEU C 537 47.29 12.59 -14.29
CA LEU C 537 46.73 11.27 -14.01
C LEU C 537 45.20 11.31 -14.05
N ASP C 538 44.60 12.40 -13.60
CA ASP C 538 43.15 12.52 -13.62
C ASP C 538 42.62 12.53 -15.05
N ARG C 539 43.27 13.28 -15.93
CA ARG C 539 42.84 13.29 -17.33
C ARG C 539 42.96 11.90 -17.96
N LEU C 540 44.07 11.22 -17.69
CA LEU C 540 44.25 9.87 -18.25
C LEU C 540 43.15 8.92 -17.76
N LEU C 541 42.89 8.92 -16.45
CA LEU C 541 41.88 8.02 -15.91
C LEU C 541 40.48 8.39 -16.37
N PHE C 542 40.21 9.68 -16.59
CA PHE C 542 38.91 10.09 -17.12
C PHE C 542 38.72 9.55 -18.53
N ARG C 543 39.74 9.64 -19.37
CA ARG C 543 39.63 9.08 -20.71
C ARG C 543 39.40 7.57 -20.67
N ILE C 544 40.11 6.87 -19.78
CA ILE C 544 39.93 5.42 -19.65
C ILE C 544 38.51 5.10 -19.22
N TYR C 545 37.99 5.82 -18.22
CA TYR C 545 36.65 5.58 -17.73
C TYR C 545 35.61 5.85 -18.80
N LEU C 546 35.81 6.90 -19.60
CA LEU C 546 34.87 7.20 -20.68
C LEU C 546 34.87 6.09 -21.73
N LEU C 547 36.05 5.58 -22.09
CA LEU C 547 36.11 4.47 -23.03
C LEU C 547 35.38 3.24 -22.48
N ALA C 548 35.59 2.93 -21.20
CA ALA C 548 34.94 1.77 -20.61
C ALA C 548 33.42 1.93 -20.59
N VAL C 549 32.94 3.14 -20.26
CA VAL C 549 31.50 3.39 -20.23
C VAL C 549 30.91 3.24 -21.63
N LEU C 550 31.60 3.76 -22.64
CA LEU C 550 31.08 3.64 -24.00
C LEU C 550 31.06 2.19 -24.46
N ALA C 551 32.08 1.41 -24.10
CA ALA C 551 32.08 -0.01 -24.44
C ALA C 551 30.91 -0.73 -23.79
N TYR C 552 30.68 -0.47 -22.50
CA TYR C 552 29.57 -1.13 -21.81
C TYR C 552 28.23 -0.72 -22.41
N SER C 553 28.07 0.55 -22.78
CA SER C 553 26.82 1.00 -23.38
C SER C 553 26.58 0.38 -24.75
N ILE C 554 27.63 0.29 -25.58
CA ILE C 554 27.41 -0.28 -26.91
C ILE C 554 27.17 -1.78 -26.82
N THR C 555 27.80 -2.46 -25.84
CA THR C 555 27.49 -3.87 -25.65
C THR C 555 26.04 -4.07 -25.23
N LEU C 556 25.54 -3.24 -24.31
CA LEU C 556 24.15 -3.34 -23.90
C LEU C 556 23.20 -3.05 -25.07
N VAL C 557 23.54 -2.05 -25.89
CA VAL C 557 22.69 -1.72 -27.03
C VAL C 557 22.65 -2.87 -28.03
N THR C 558 23.80 -3.50 -28.29
CA THR C 558 23.82 -4.63 -29.22
C THR C 558 23.03 -5.81 -28.67
N LEU C 559 23.18 -6.12 -27.38
CA LEU C 559 22.42 -7.22 -26.79
C LEU C 559 20.93 -6.94 -26.79
N TRP C 560 20.53 -5.67 -26.72
CA TRP C 560 19.12 -5.35 -26.86
C TRP C 560 18.64 -5.45 -28.31
N SER C 561 19.50 -5.09 -29.27
CA SER C 561 19.08 -5.01 -30.66
C SER C 561 19.16 -6.34 -31.40
N ILE C 562 19.90 -7.33 -30.89
CA ILE C 562 19.98 -8.63 -31.55
C ILE C 562 18.64 -9.34 -31.47
N THR D 112 -65.72 -12.58 -4.33
CA THR D 112 -65.44 -12.32 -2.92
C THR D 112 -63.94 -12.39 -2.63
N GLN D 113 -63.18 -12.77 -3.65
CA GLN D 113 -61.73 -12.82 -3.53
C GLN D 113 -61.13 -11.43 -3.65
N PRO D 114 -59.91 -11.23 -3.12
CA PRO D 114 -59.30 -9.89 -3.15
C PRO D 114 -58.95 -9.38 -4.54
N ALA D 115 -59.35 -10.13 -5.58
CA ALA D 115 -59.20 -9.74 -6.99
C ALA D 115 -57.74 -9.69 -7.42
N LEU D 116 -56.81 -9.89 -6.50
CA LEU D 116 -55.40 -10.05 -6.83
C LEU D 116 -54.90 -11.47 -6.64
N LEU D 117 -55.35 -12.13 -5.57
CA LEU D 117 -55.10 -13.57 -5.43
C LEU D 117 -55.70 -14.34 -6.59
N ARG D 118 -56.90 -13.94 -7.03
CA ARG D 118 -57.53 -14.58 -8.18
C ARG D 118 -56.65 -14.45 -9.42
N LEU D 119 -56.15 -13.25 -9.69
CA LEU D 119 -55.35 -13.05 -10.90
C LEU D 119 -54.02 -13.78 -10.80
N SER D 120 -53.40 -13.78 -9.62
CA SER D 120 -52.14 -14.50 -9.45
C SER D 120 -52.33 -15.99 -9.64
N ASP D 121 -53.43 -16.54 -9.12
CA ASP D 121 -53.69 -17.97 -9.31
C ASP D 121 -54.06 -18.28 -10.76
N HIS D 122 -54.70 -17.33 -11.45
CA HIS D 122 -55.04 -17.54 -12.85
C HIS D 122 -53.82 -17.51 -13.73
N LEU D 123 -52.83 -16.66 -13.39
CA LEU D 123 -51.64 -16.52 -14.22
C LEU D 123 -50.57 -17.55 -13.89
N LEU D 124 -50.12 -17.59 -12.63
CA LEU D 124 -48.94 -18.37 -12.26
C LEU D 124 -49.23 -19.86 -12.10
N ALA D 125 -50.48 -20.28 -12.20
CA ALA D 125 -50.79 -21.71 -12.22
C ALA D 125 -50.69 -22.24 -13.65
N ASN D 126 -50.18 -23.47 -13.77
CA ASN D 126 -49.90 -24.08 -15.06
C ASN D 126 -48.94 -23.23 -15.89
N TYR D 127 -48.04 -22.52 -15.23
CA TYR D 127 -47.05 -21.67 -15.87
C TYR D 127 -45.67 -22.30 -15.70
N LYS D 128 -44.90 -22.36 -16.79
CA LYS D 128 -43.56 -22.91 -16.78
C LYS D 128 -42.57 -21.78 -16.99
N LYS D 129 -41.64 -21.63 -16.05
CA LYS D 129 -40.65 -20.56 -16.09
C LYS D 129 -39.38 -20.95 -16.85
N GLY D 130 -39.44 -22.00 -17.67
CA GLY D 130 -38.29 -22.42 -18.44
C GLY D 130 -38.54 -22.35 -19.93
N VAL D 131 -39.79 -22.09 -20.30
CA VAL D 131 -40.21 -22.03 -21.70
C VAL D 131 -40.24 -20.58 -22.14
N ARG D 132 -39.68 -20.30 -23.32
CA ARG D 132 -39.75 -18.98 -23.88
C ARG D 132 -41.20 -18.63 -24.18
N PRO D 133 -41.73 -17.53 -23.64
CA PRO D 133 -43.17 -17.28 -23.73
C PRO D 133 -43.64 -16.85 -25.11
N VAL D 134 -43.83 -17.81 -26.01
CA VAL D 134 -44.39 -17.57 -27.32
C VAL D 134 -45.33 -18.71 -27.66
N ARG D 135 -46.44 -18.39 -28.33
CA ARG D 135 -47.35 -19.41 -28.82
C ARG D 135 -46.91 -20.00 -30.16
N ASP D 136 -46.13 -19.26 -30.93
CA ASP D 136 -45.57 -19.73 -32.19
C ASP D 136 -44.05 -19.60 -32.07
N TRP D 137 -43.35 -20.74 -32.04
CA TRP D 137 -41.92 -20.75 -31.81
C TRP D 137 -41.12 -20.09 -32.93
N ARG D 138 -41.77 -19.70 -34.02
CA ARG D 138 -41.10 -19.03 -35.13
C ARG D 138 -41.09 -17.52 -34.99
N LYS D 139 -41.36 -17.00 -33.79
CA LYS D 139 -41.32 -15.58 -33.52
C LYS D 139 -40.37 -15.28 -32.37
N PRO D 140 -39.46 -14.33 -32.53
CA PRO D 140 -38.54 -14.00 -31.43
C PRO D 140 -39.17 -13.01 -30.45
N THR D 141 -38.67 -13.05 -29.23
CA THR D 141 -39.14 -12.15 -28.17
C THR D 141 -38.27 -10.90 -28.20
N THR D 142 -38.82 -9.81 -28.75
CA THR D 142 -38.08 -8.56 -28.88
C THR D 142 -37.92 -7.92 -27.50
N VAL D 143 -36.70 -7.87 -27.01
CA VAL D 143 -36.38 -7.30 -25.71
C VAL D 143 -35.85 -5.89 -25.93
N SER D 144 -36.59 -4.90 -25.47
CA SER D 144 -36.13 -3.53 -25.52
C SER D 144 -35.24 -3.22 -24.32
N ILE D 145 -34.30 -2.31 -24.50
CA ILE D 145 -33.28 -2.03 -23.50
C ILE D 145 -33.10 -0.52 -23.37
N ASP D 146 -32.94 -0.06 -22.13
CA ASP D 146 -32.61 1.33 -21.84
C ASP D 146 -31.57 1.35 -20.73
N VAL D 147 -30.59 2.23 -20.87
CA VAL D 147 -29.46 2.30 -19.96
C VAL D 147 -29.21 3.75 -19.58
N ILE D 148 -28.98 4.00 -18.30
CA ILE D 148 -28.66 5.32 -17.78
C ILE D 148 -27.41 5.20 -16.91
N MET D 149 -26.38 5.97 -17.23
CA MET D 149 -25.19 6.00 -16.40
C MET D 149 -25.46 6.75 -15.11
N TYR D 150 -24.91 6.24 -14.01
CA TYR D 150 -25.09 6.86 -12.71
C TYR D 150 -23.77 7.29 -12.07
N ALA D 151 -22.73 6.46 -12.14
CA ALA D 151 -21.46 6.80 -11.54
C ALA D 151 -20.35 6.01 -12.22
N ILE D 152 -19.14 6.57 -12.15
CA ILE D 152 -17.93 5.91 -12.65
C ILE D 152 -17.04 5.70 -11.44
N LEU D 153 -17.02 4.48 -10.92
CA LEU D 153 -16.39 4.22 -9.63
C LEU D 153 -14.87 4.24 -9.71
N ASN D 154 -14.30 3.58 -10.72
CA ASN D 154 -12.85 3.44 -10.79
C ASN D 154 -12.45 3.12 -12.21
N VAL D 155 -11.44 3.83 -12.72
CA VAL D 155 -10.86 3.58 -14.03
C VAL D 155 -9.40 3.18 -13.81
N ASP D 156 -9.10 1.91 -14.04
CA ASP D 156 -7.75 1.37 -13.81
C ASP D 156 -7.01 1.31 -15.13
N GLU D 157 -6.04 2.21 -15.31
CA GLU D 157 -5.27 2.24 -16.55
C GLU D 157 -4.22 1.14 -16.62
N LYS D 158 -3.85 0.55 -15.50
CA LYS D 158 -2.83 -0.50 -15.51
C LYS D 158 -3.40 -1.83 -16.00
N ASN D 159 -4.52 -2.26 -15.44
CA ASN D 159 -5.15 -3.52 -15.82
C ASN D 159 -6.20 -3.36 -16.91
N GLN D 160 -6.46 -2.12 -17.36
CA GLN D 160 -7.36 -1.85 -18.47
C GLN D 160 -8.78 -2.31 -18.18
N VAL D 161 -9.27 -1.97 -16.99
CA VAL D 161 -10.63 -2.27 -16.59
C VAL D 161 -11.37 -0.97 -16.29
N LEU D 162 -12.69 -1.08 -16.18
CA LEU D 162 -13.55 0.07 -15.96
C LEU D 162 -14.73 -0.36 -15.10
N THR D 163 -14.92 0.30 -13.96
CA THR D 163 -15.98 -0.03 -13.02
C THR D 163 -17.00 1.09 -13.02
N THR D 164 -18.17 0.84 -13.58
CA THR D 164 -19.26 1.80 -13.65
C THR D 164 -20.45 1.30 -12.83
N TYR D 165 -21.52 2.07 -12.86
CA TYR D 165 -22.76 1.70 -12.17
C TYR D 165 -23.91 2.33 -12.93
N ILE D 166 -24.76 1.49 -13.52
CA ILE D 166 -25.83 1.96 -14.41
C ILE D 166 -27.18 1.56 -13.82
N TRP D 167 -28.22 2.20 -14.34
CA TRP D 167 -29.60 1.82 -14.05
C TRP D 167 -30.18 1.20 -15.31
N TYR D 168 -30.40 -0.10 -15.28
CA TYR D 168 -30.76 -0.88 -16.44
C TYR D 168 -32.21 -1.34 -16.34
N ARG D 169 -32.90 -1.36 -17.46
CA ARG D 169 -34.30 -1.78 -17.49
C ARG D 169 -34.62 -2.34 -18.86
N GLN D 170 -35.44 -3.40 -18.87
CA GLN D 170 -35.84 -4.07 -20.10
C GLN D 170 -37.34 -4.24 -20.14
N TYR D 171 -37.84 -4.51 -21.34
N TYR D 171 -37.88 -4.51 -21.32
CA TYR D 171 -39.26 -4.71 -21.61
CA TYR D 171 -39.31 -4.79 -21.43
C TYR D 171 -39.40 -5.83 -22.63
C TYR D 171 -39.54 -5.71 -22.63
N TRP D 172 -40.29 -6.78 -22.38
CA TRP D 172 -40.60 -7.79 -23.39
C TRP D 172 -42.05 -8.20 -23.23
N THR D 173 -42.55 -8.95 -24.21
CA THR D 173 -43.93 -9.38 -24.24
C THR D 173 -44.00 -10.86 -23.85
N ASP D 174 -44.78 -11.14 -22.81
CA ASP D 174 -45.00 -12.50 -22.33
C ASP D 174 -46.41 -12.93 -22.76
N GLU D 175 -46.49 -13.79 -23.77
CA GLU D 175 -47.78 -14.21 -24.31
C GLU D 175 -48.52 -15.17 -23.41
N PHE D 176 -47.96 -15.54 -22.26
CA PHE D 176 -48.63 -16.40 -21.31
C PHE D 176 -49.19 -15.64 -20.11
N LEU D 177 -48.85 -14.36 -19.96
CA LEU D 177 -49.38 -13.52 -18.90
C LEU D 177 -50.29 -12.47 -19.54
N GLN D 178 -51.53 -12.85 -19.78
CA GLN D 178 -52.51 -11.97 -20.40
C GLN D 178 -53.88 -12.26 -19.80
N TRP D 179 -54.67 -11.21 -19.64
CA TRP D 179 -55.99 -11.34 -19.04
C TRP D 179 -56.86 -10.17 -19.49
N THR D 180 -58.13 -10.24 -19.14
CA THR D 180 -59.08 -9.16 -19.37
C THR D 180 -59.37 -8.43 -18.07
N PRO D 181 -59.15 -7.12 -18.03
CA PRO D 181 -59.34 -6.39 -16.75
C PRO D 181 -60.75 -6.48 -16.20
N GLU D 182 -61.76 -6.43 -17.06
CA GLU D 182 -63.14 -6.43 -16.60
C GLU D 182 -63.49 -7.71 -15.83
N ASP D 183 -62.79 -8.81 -16.12
CA ASP D 183 -63.04 -10.04 -15.39
C ASP D 183 -62.49 -9.97 -13.97
N PHE D 184 -61.35 -9.30 -13.78
CA PHE D 184 -60.64 -9.28 -12.52
C PHE D 184 -60.72 -7.91 -11.83
N ASP D 185 -61.89 -7.28 -11.88
CA ASP D 185 -62.17 -6.03 -11.17
C ASP D 185 -61.31 -4.89 -11.71
N ASN D 186 -61.18 -4.81 -13.04
CA ASN D 186 -60.50 -3.71 -13.71
C ASN D 186 -59.04 -3.58 -13.28
N VAL D 187 -58.41 -4.69 -12.94
CA VAL D 187 -56.98 -4.68 -12.62
C VAL D 187 -56.21 -4.70 -13.92
N THR D 188 -55.44 -3.63 -14.17
CA THR D 188 -54.70 -3.50 -15.41
C THR D 188 -53.21 -3.83 -15.27
N LYS D 189 -52.70 -3.92 -14.04
CA LYS D 189 -51.30 -4.26 -13.83
C LYS D 189 -51.13 -4.78 -12.41
N LEU D 190 -50.05 -5.53 -12.21
CA LEU D 190 -49.70 -6.02 -10.89
C LEU D 190 -48.21 -6.36 -10.88
N SER D 191 -47.71 -6.69 -9.69
CA SER D 191 -46.31 -7.06 -9.51
C SER D 191 -46.20 -8.56 -9.31
N ILE D 192 -45.26 -9.18 -10.01
CA ILE D 192 -45.04 -10.62 -9.93
C ILE D 192 -43.58 -10.84 -9.53
N PRO D 193 -43.29 -11.77 -8.63
CA PRO D 193 -41.90 -12.06 -8.28
C PRO D 193 -41.09 -12.45 -9.52
N THR D 194 -39.81 -12.06 -9.52
CA THR D 194 -38.99 -12.26 -10.69
C THR D 194 -38.66 -13.73 -10.91
N ASP D 195 -38.60 -14.52 -9.84
CA ASP D 195 -38.28 -15.95 -9.92
C ASP D 195 -39.49 -16.80 -10.29
N SER D 196 -40.56 -16.20 -10.82
CA SER D 196 -41.76 -16.94 -11.20
C SER D 196 -42.08 -16.85 -12.68
N ILE D 197 -41.29 -16.11 -13.46
CA ILE D 197 -41.53 -15.94 -14.89
C ILE D 197 -40.22 -16.16 -15.64
N TRP D 198 -40.31 -16.10 -16.98
CA TRP D 198 -39.16 -16.26 -17.85
C TRP D 198 -38.45 -14.92 -18.00
N VAL D 199 -37.14 -14.91 -17.76
CA VAL D 199 -36.33 -13.70 -17.84
C VAL D 199 -35.22 -13.95 -18.86
N PRO D 200 -35.03 -13.08 -19.84
CA PRO D 200 -33.97 -13.30 -20.83
C PRO D 200 -32.58 -13.13 -20.23
N ASP D 201 -31.61 -13.80 -20.84
CA ASP D 201 -30.24 -13.79 -20.36
C ASP D 201 -29.42 -12.77 -21.15
N ILE D 202 -29.75 -11.50 -20.93
CA ILE D 202 -29.05 -10.39 -21.56
C ILE D 202 -27.91 -9.94 -20.63
N LEU D 203 -26.68 -10.03 -21.12
CA LEU D 203 -25.53 -9.60 -20.33
C LEU D 203 -24.45 -9.07 -21.25
N ILE D 204 -23.49 -8.36 -20.66
CA ILE D 204 -22.49 -7.61 -21.41
C ILE D 204 -21.37 -8.55 -21.86
N ASN D 205 -20.89 -8.33 -23.09
CA ASN D 205 -19.80 -9.15 -23.62
C ASN D 205 -18.47 -8.85 -22.94
N GLU D 206 -18.24 -7.61 -22.50
CA GLU D 206 -16.94 -7.18 -22.02
C GLU D 206 -16.78 -7.35 -20.52
N PHE D 207 -17.43 -8.35 -19.93
CA PHE D 207 -17.25 -8.63 -18.52
C PHE D 207 -15.89 -9.24 -18.25
N VAL D 208 -15.32 -8.90 -17.09
CA VAL D 208 -14.14 -9.57 -16.56
C VAL D 208 -14.30 -9.95 -15.10
N ASP D 209 -15.46 -9.71 -14.51
CA ASP D 209 -15.73 -9.99 -13.10
C ASP D 209 -17.24 -9.87 -12.91
N VAL D 210 -17.69 -10.04 -11.67
CA VAL D 210 -19.08 -9.90 -11.31
C VAL D 210 -19.22 -8.75 -10.32
N GLY D 211 -20.16 -7.86 -10.58
CA GLY D 211 -20.40 -6.70 -9.74
C GLY D 211 -21.54 -6.97 -8.77
N LYS D 212 -21.32 -6.59 -7.51
CA LYS D 212 -22.32 -6.79 -6.46
C LYS D 212 -23.41 -5.74 -6.63
N SER D 213 -24.58 -6.18 -7.10
CA SER D 213 -25.70 -5.28 -7.33
C SER D 213 -26.90 -5.71 -6.49
N PRO D 214 -27.71 -4.75 -6.03
CA PRO D 214 -28.91 -5.10 -5.27
C PRO D 214 -29.86 -5.96 -6.09
N ASN D 215 -30.65 -6.77 -5.40
CA ASN D 215 -31.57 -7.70 -6.05
C ASN D 215 -32.98 -7.12 -6.00
N ILE D 216 -33.59 -6.94 -7.18
CA ILE D 216 -34.95 -6.45 -7.30
C ILE D 216 -35.87 -7.66 -7.44
N PRO D 217 -36.75 -7.93 -6.47
CA PRO D 217 -37.51 -9.18 -6.49
C PRO D 217 -38.82 -9.14 -7.27
N TYR D 218 -39.28 -7.98 -7.73
CA TYR D 218 -40.57 -7.86 -8.39
C TYR D 218 -40.42 -7.28 -9.79
N VAL D 219 -41.41 -7.58 -10.62
CA VAL D 219 -41.52 -7.02 -11.97
C VAL D 219 -42.97 -6.65 -12.22
N TYR D 220 -43.17 -5.66 -13.08
CA TYR D 220 -44.52 -5.24 -13.46
C TYR D 220 -44.99 -5.99 -14.69
N VAL D 221 -46.29 -6.28 -14.72
CA VAL D 221 -46.92 -6.98 -15.84
C VAL D 221 -48.23 -6.29 -16.16
N HIS D 222 -48.43 -5.94 -17.43
CA HIS D 222 -49.66 -5.32 -17.88
C HIS D 222 -50.61 -6.39 -18.42
N HIS D 223 -51.83 -5.95 -18.74
CA HIS D 223 -52.88 -6.90 -19.12
C HIS D 223 -52.74 -7.41 -20.55
N ARG D 224 -51.66 -7.06 -21.26
CA ARG D 224 -51.41 -7.60 -22.58
C ARG D 224 -50.06 -8.28 -22.69
N GLY D 225 -49.36 -8.49 -21.57
CA GLY D 225 -48.13 -9.24 -21.55
C GLY D 225 -46.87 -8.41 -21.39
N GLU D 226 -46.97 -7.08 -21.45
CA GLU D 226 -45.79 -6.23 -21.35
C GLU D 226 -45.20 -6.33 -19.95
N VAL D 227 -44.04 -6.96 -19.84
CA VAL D 227 -43.32 -7.09 -18.58
C VAL D 227 -42.27 -6.00 -18.50
N GLN D 228 -42.03 -5.48 -17.30
CA GLN D 228 -41.04 -4.44 -17.07
C GLN D 228 -40.14 -4.87 -15.92
N ASN D 229 -38.83 -4.78 -16.13
CA ASN D 229 -37.84 -5.28 -15.19
C ASN D 229 -36.77 -4.21 -14.95
N TYR D 230 -36.93 -3.46 -13.86
CA TYR D 230 -35.94 -2.47 -13.45
C TYR D 230 -34.90 -3.14 -12.57
N LYS D 231 -33.62 -2.84 -12.83
CA LYS D 231 -32.56 -3.45 -12.05
C LYS D 231 -31.26 -2.64 -12.15
N PRO D 232 -30.69 -2.24 -11.02
CA PRO D 232 -29.38 -1.57 -11.07
C PRO D 232 -28.25 -2.58 -11.19
N LEU D 233 -27.23 -2.21 -11.94
CA LEU D 233 -26.11 -3.09 -12.23
C LEU D 233 -24.79 -2.39 -11.97
N GLN D 234 -23.83 -3.13 -11.43
CA GLN D 234 -22.44 -2.68 -11.31
C GLN D 234 -21.60 -3.46 -12.30
N LEU D 235 -20.97 -2.75 -13.23
CA LEU D 235 -20.26 -3.38 -14.33
C LEU D 235 -18.75 -3.29 -14.10
N VAL D 236 -18.06 -4.40 -14.30
CA VAL D 236 -16.61 -4.43 -14.31
C VAL D 236 -16.19 -4.79 -15.73
N THR D 237 -15.95 -3.77 -16.54
CA THR D 237 -15.79 -3.92 -17.99
C THR D 237 -14.33 -3.77 -18.38
N ALA D 238 -13.88 -4.62 -19.29
CA ALA D 238 -12.53 -4.55 -19.83
C ALA D 238 -12.52 -3.57 -20.99
N CYS D 239 -12.03 -2.35 -20.73
CA CYS D 239 -11.98 -1.31 -21.73
C CYS D 239 -10.53 -1.04 -22.12
N SER D 240 -10.32 -0.72 -23.39
CA SER D 240 -8.99 -0.40 -23.91
C SER D 240 -8.77 1.10 -23.76
N LEU D 241 -7.87 1.48 -22.87
CA LEU D 241 -7.64 2.87 -22.51
C LEU D 241 -6.42 3.42 -23.24
N ASP D 242 -6.55 4.65 -23.75
CA ASP D 242 -5.46 5.35 -24.42
C ASP D 242 -5.15 6.60 -23.61
N ILE D 243 -3.91 6.71 -23.13
CA ILE D 243 -3.51 7.77 -22.22
C ILE D 243 -2.40 8.60 -22.84
N TYR D 244 -2.39 8.71 -24.17
CA TYR D 244 -1.36 9.50 -24.84
C TYR D 244 -1.36 10.94 -24.35
N ASN D 245 -2.54 11.57 -24.30
CA ASN D 245 -2.71 12.89 -23.72
C ASN D 245 -3.29 12.68 -22.31
N PHE D 246 -2.41 12.38 -21.35
CA PHE D 246 -2.87 11.92 -20.04
C PHE D 246 -3.77 12.93 -19.33
N PRO D 247 -3.34 14.18 -19.08
CA PRO D 247 -4.21 15.08 -18.29
C PRO D 247 -5.48 15.46 -19.03
N PHE D 248 -5.48 15.44 -20.36
CA PHE D 248 -6.65 15.80 -21.16
C PHE D 248 -6.90 14.69 -22.18
N ASP D 249 -7.61 13.64 -21.77
CA ASP D 249 -7.92 12.52 -22.64
C ASP D 249 -9.40 12.26 -22.63
N VAL D 250 -9.89 11.72 -23.75
CA VAL D 250 -11.30 11.39 -23.93
C VAL D 250 -11.37 9.89 -24.16
N GLN D 251 -11.66 9.13 -23.11
CA GLN D 251 -11.74 7.69 -23.22
C GLN D 251 -13.02 7.28 -23.94
N ASN D 252 -12.93 6.19 -24.69
CA ASN D 252 -14.03 5.69 -25.51
C ASN D 252 -14.21 4.21 -25.19
N CYS D 253 -15.01 3.93 -24.16
CA CYS D 253 -15.29 2.56 -23.73
C CYS D 253 -16.63 2.09 -24.30
N SER D 254 -16.79 0.77 -24.36
CA SER D 254 -17.94 0.16 -25.01
C SER D 254 -18.61 -0.85 -24.09
N LEU D 255 -19.94 -0.92 -24.18
CA LEU D 255 -20.74 -1.91 -23.48
C LEU D 255 -21.65 -2.58 -24.50
N THR D 256 -21.52 -3.91 -24.61
CA THR D 256 -22.22 -4.67 -25.65
C THR D 256 -23.23 -5.60 -24.99
N PHE D 257 -24.50 -5.20 -24.98
CA PHE D 257 -25.57 -6.03 -24.43
C PHE D 257 -26.00 -7.04 -25.49
N THR D 258 -25.80 -8.33 -25.20
CA THR D 258 -26.19 -9.37 -26.13
C THR D 258 -26.68 -10.58 -25.35
N SER D 259 -27.48 -11.41 -26.02
CA SER D 259 -27.93 -12.67 -25.45
C SER D 259 -26.82 -13.71 -25.60
N TRP D 260 -26.43 -14.31 -24.47
CA TRP D 260 -25.26 -15.17 -24.46
C TRP D 260 -25.47 -16.50 -25.16
N LEU D 261 -26.72 -16.97 -25.24
CA LEU D 261 -27.00 -18.28 -25.83
C LEU D 261 -27.96 -18.22 -27.00
N HIS D 262 -29.02 -17.42 -26.92
CA HIS D 262 -30.05 -17.42 -27.95
C HIS D 262 -29.57 -16.66 -29.18
N THR D 263 -29.91 -17.19 -30.36
CA THR D 263 -29.59 -16.54 -31.62
C THR D 263 -30.59 -15.42 -31.88
N ILE D 264 -30.54 -14.82 -33.07
CA ILE D 264 -31.44 -13.72 -33.40
C ILE D 264 -32.83 -14.19 -33.76
N GLN D 265 -33.02 -15.49 -33.99
CA GLN D 265 -34.35 -16.02 -34.23
C GLN D 265 -35.11 -16.30 -32.93
N ASP D 266 -34.48 -16.10 -31.78
CA ASP D 266 -35.10 -16.29 -30.48
C ASP D 266 -35.21 -15.00 -29.68
N ILE D 267 -34.13 -14.24 -29.58
CA ILE D 267 -34.11 -12.99 -28.82
C ILE D 267 -33.46 -11.92 -29.68
N ASN D 268 -34.23 -10.89 -30.02
CA ASN D 268 -33.72 -9.70 -30.69
C ASN D 268 -33.78 -8.52 -29.74
N ILE D 269 -32.81 -7.62 -29.86
CA ILE D 269 -32.63 -6.52 -28.93
C ILE D 269 -32.88 -5.21 -29.64
N THR D 270 -33.78 -4.40 -29.09
CA THR D 270 -34.10 -3.07 -29.61
C THR D 270 -33.82 -2.03 -28.52
N LEU D 271 -34.22 -0.80 -28.79
CA LEU D 271 -34.01 0.33 -27.88
C LEU D 271 -35.36 0.86 -27.41
N TRP D 272 -35.49 1.10 -26.12
N TRP D 272 -35.48 1.07 -26.11
CA TRP D 272 -36.76 1.59 -25.58
CA TRP D 272 -36.72 1.59 -25.53
C TRP D 272 -36.97 3.06 -25.95
C TRP D 272 -36.95 3.03 -25.96
N ARG D 273 -36.01 3.90 -25.64
CA ARG D 273 -36.08 5.31 -26.03
C ARG D 273 -35.38 5.53 -27.37
N SER D 274 -35.60 6.71 -27.93
CA SER D 274 -34.90 7.08 -29.15
C SER D 274 -33.42 7.32 -28.85
N PRO D 275 -32.55 7.13 -29.83
CA PRO D 275 -31.10 7.31 -29.57
C PRO D 275 -30.72 8.71 -29.14
N GLU D 276 -31.49 9.73 -29.54
CA GLU D 276 -31.22 11.09 -29.09
C GLU D 276 -31.37 11.21 -27.58
N GLU D 277 -32.47 10.68 -27.04
CA GLU D 277 -32.70 10.75 -25.60
C GLU D 277 -31.67 9.94 -24.81
N VAL D 278 -31.19 8.84 -25.39
CA VAL D 278 -30.16 8.05 -24.72
C VAL D 278 -28.82 8.78 -24.77
N ARG D 279 -28.56 9.51 -25.85
CA ARG D 279 -27.30 10.22 -25.98
C ARG D 279 -27.25 11.45 -25.08
N SER D 280 -28.38 12.15 -24.94
CA SER D 280 -28.43 13.43 -24.23
C SER D 280 -29.05 13.29 -22.84
N ASP D 281 -28.75 12.22 -22.11
CA ASP D 281 -29.31 11.98 -20.78
C ASP D 281 -28.19 11.99 -19.75
N LYS D 282 -28.17 13.03 -18.92
CA LYS D 282 -27.25 13.16 -17.79
C LYS D 282 -28.00 13.60 -16.54
N SER D 283 -29.15 12.99 -16.29
CA SER D 283 -30.04 13.49 -15.23
C SER D 283 -29.57 13.13 -13.83
N ILE D 284 -28.92 11.97 -13.67
CA ILE D 284 -28.58 11.47 -12.34
C ILE D 284 -27.08 11.23 -12.17
N PHE D 285 -26.28 11.56 -13.18
CA PHE D 285 -24.86 11.26 -13.13
C PHE D 285 -24.17 12.02 -12.01
N ILE D 286 -23.36 11.32 -11.22
CA ILE D 286 -22.59 11.95 -10.16
C ILE D 286 -21.45 12.72 -10.83
N ASN D 287 -21.57 14.06 -10.84
CA ASN D 287 -20.69 14.89 -11.63
C ASN D 287 -19.51 15.47 -10.84
N GLN D 288 -19.49 15.30 -9.53
CA GLN D 288 -18.43 15.86 -8.70
C GLN D 288 -17.18 15.00 -8.65
N GLY D 289 -17.13 13.91 -9.41
CA GLY D 289 -16.00 13.01 -9.39
C GLY D 289 -14.85 13.49 -10.26
N GLU D 290 -14.01 12.54 -10.64
CA GLU D 290 -12.84 12.85 -11.46
C GLU D 290 -13.17 12.84 -12.94
N TRP D 291 -14.10 11.99 -13.37
CA TRP D 291 -14.45 11.84 -14.77
C TRP D 291 -15.74 12.58 -15.10
N GLU D 292 -15.84 13.05 -16.33
CA GLU D 292 -17.01 13.77 -16.81
C GLU D 292 -17.62 13.01 -17.98
N LEU D 293 -18.93 12.76 -17.90
CA LEU D 293 -19.62 12.02 -18.94
C LEU D 293 -20.00 12.97 -20.09
N LEU D 294 -19.63 12.59 -21.31
CA LEU D 294 -19.94 13.38 -22.50
C LEU D 294 -21.21 12.90 -23.20
N GLU D 295 -21.31 11.61 -23.49
CA GLU D 295 -22.49 11.06 -24.13
C GLU D 295 -22.45 9.54 -24.02
N VAL D 296 -23.59 8.92 -24.31
CA VAL D 296 -23.72 7.47 -24.38
C VAL D 296 -24.40 7.17 -25.71
N PHE D 297 -23.62 6.67 -26.68
CA PHE D 297 -24.10 6.52 -28.04
C PHE D 297 -24.46 5.06 -28.32
N PRO D 298 -25.73 4.74 -28.52
CA PRO D 298 -26.10 3.35 -28.81
C PRO D 298 -26.03 3.03 -30.30
N GLN D 299 -25.83 1.74 -30.58
CA GLN D 299 -25.75 1.27 -31.95
C GLN D 299 -26.09 -0.21 -32.00
N PHE D 300 -26.91 -0.60 -32.97
CA PHE D 300 -27.34 -1.97 -33.14
C PHE D 300 -26.51 -2.64 -34.23
N LYS D 301 -26.17 -3.91 -34.02
CA LYS D 301 -25.36 -4.66 -34.97
C LYS D 301 -25.72 -6.14 -34.88
N GLU D 302 -25.87 -6.78 -36.04
CA GLU D 302 -26.17 -8.20 -36.12
C GLU D 302 -24.85 -8.95 -36.27
N PHE D 303 -24.31 -9.42 -35.15
CA PHE D 303 -23.02 -10.10 -35.12
C PHE D 303 -23.20 -11.59 -35.39
N SER D 304 -22.58 -12.08 -36.45
CA SER D 304 -22.70 -13.48 -36.86
C SER D 304 -21.34 -14.17 -36.75
N ILE D 305 -21.32 -15.32 -36.08
CA ILE D 305 -20.11 -16.13 -36.00
C ILE D 305 -20.00 -17.08 -37.19
N ASP D 306 -21.12 -17.72 -37.56
CA ASP D 306 -21.15 -18.64 -38.67
C ASP D 306 -22.35 -18.31 -39.56
N ILE D 307 -22.64 -19.18 -40.52
CA ILE D 307 -23.88 -19.09 -41.28
C ILE D 307 -24.98 -19.79 -40.49
N SER D 308 -26.18 -19.23 -40.54
CA SER D 308 -27.37 -19.66 -39.78
C SER D 308 -27.21 -19.50 -38.28
N ASN D 309 -26.12 -18.89 -37.81
CA ASN D 309 -25.91 -18.59 -36.39
C ASN D 309 -25.54 -17.12 -36.28
N SER D 310 -26.55 -16.25 -36.20
CA SER D 310 -26.36 -14.82 -36.10
C SER D 310 -26.97 -14.31 -34.80
N TYR D 311 -26.19 -13.58 -34.03
CA TYR D 311 -26.63 -13.03 -32.75
C TYR D 311 -26.88 -11.53 -32.88
N ALA D 312 -27.81 -11.04 -32.08
CA ALA D 312 -28.11 -9.62 -32.01
C ALA D 312 -27.44 -9.01 -30.79
N GLU D 313 -26.94 -7.78 -30.95
CA GLU D 313 -26.27 -7.09 -29.86
C GLU D 313 -26.52 -5.59 -29.99
N MET D 314 -26.35 -4.90 -28.86
CA MET D 314 -26.57 -3.46 -28.79
C MET D 314 -25.37 -2.84 -28.08
N LYS D 315 -24.58 -2.07 -28.82
CA LYS D 315 -23.36 -1.49 -28.29
C LYS D 315 -23.62 -0.08 -27.78
N PHE D 316 -23.22 0.18 -26.55
CA PHE D 316 -23.27 1.51 -25.96
C PHE D 316 -21.85 2.03 -25.80
N TYR D 317 -21.54 3.14 -26.45
CA TYR D 317 -20.22 3.76 -26.39
C TYR D 317 -20.25 4.82 -25.30
N VAL D 318 -19.66 4.50 -24.15
CA VAL D 318 -19.57 5.44 -23.04
C VAL D 318 -18.33 6.30 -23.27
N ILE D 319 -18.53 7.57 -23.57
CA ILE D 319 -17.46 8.50 -23.90
C ILE D 319 -17.28 9.45 -22.72
N ILE D 320 -16.13 9.33 -22.04
CA ILE D 320 -15.87 10.09 -20.83
C ILE D 320 -14.59 10.91 -21.02
N ARG D 321 -14.44 11.93 -20.18
CA ARG D 321 -13.31 12.84 -20.26
C ARG D 321 -12.81 13.13 -18.86
N ARG D 322 -11.49 13.08 -18.68
CA ARG D 322 -10.89 13.33 -17.38
C ARG D 322 -10.78 14.83 -17.11
N ARG D 323 -10.88 15.20 -15.84
CA ARG D 323 -10.72 16.59 -15.42
C ARG D 323 -9.26 16.84 -15.07
N PRO D 324 -8.57 17.75 -15.77
CA PRO D 324 -7.12 17.89 -15.57
C PRO D 324 -6.72 18.63 -14.31
N LEU D 325 -7.61 19.45 -13.73
CA LEU D 325 -7.26 20.19 -12.51
C LEU D 325 -7.04 19.27 -11.32
N PHE D 326 -7.39 17.99 -11.42
CA PHE D 326 -7.08 17.04 -10.37
C PHE D 326 -5.57 16.85 -10.20
N TYR D 327 -4.81 17.05 -11.27
CA TYR D 327 -3.37 16.80 -11.27
C TYR D 327 -2.52 18.04 -11.45
N ALA D 328 -3.14 19.22 -11.54
CA ALA D 328 -2.37 20.45 -11.71
C ALA D 328 -1.48 20.71 -10.49
N VAL D 329 -2.09 20.73 -9.31
CA VAL D 329 -1.35 21.02 -8.08
C VAL D 329 -0.30 19.94 -7.79
N SER D 330 -0.41 18.77 -8.43
CA SER D 330 0.53 17.69 -8.20
C SER D 330 1.58 17.54 -9.29
N LEU D 331 1.40 18.18 -10.44
CA LEU D 331 2.37 18.08 -11.52
C LEU D 331 3.07 19.38 -11.87
N LEU D 332 2.35 20.51 -11.87
CA LEU D 332 2.96 21.76 -12.30
C LEU D 332 3.64 22.53 -11.17
N LEU D 333 3.19 22.34 -9.93
CA LEU D 333 3.73 23.15 -8.84
C LEU D 333 5.18 22.81 -8.53
N PRO D 334 5.57 21.54 -8.32
CA PRO D 334 6.98 21.27 -7.97
C PRO D 334 7.96 21.64 -9.07
N SER D 335 7.60 21.46 -10.33
CA SER D 335 8.50 21.83 -11.42
C SER D 335 8.74 23.33 -11.45
N ILE D 336 7.67 24.12 -11.30
CA ILE D 336 7.82 25.58 -11.26
C ILE D 336 8.65 25.99 -10.06
N PHE D 337 8.40 25.39 -8.89
CA PHE D 337 9.17 25.73 -7.70
C PHE D 337 10.66 25.43 -7.88
N LEU D 338 10.97 24.28 -8.49
CA LEU D 338 12.37 23.92 -8.68
C LEU D 338 13.04 24.79 -9.73
N MET D 339 12.33 25.15 -10.79
CA MET D 339 12.91 26.09 -11.76
C MET D 339 13.15 27.45 -11.14
N VAL D 340 12.24 27.89 -10.26
CA VAL D 340 12.42 29.17 -9.59
C VAL D 340 13.64 29.14 -8.66
N VAL D 341 13.76 28.09 -7.85
CA VAL D 341 14.93 28.04 -6.97
C VAL D 341 16.20 27.85 -7.76
N ASP D 342 16.13 27.26 -8.96
CA ASP D 342 17.31 27.15 -9.80
C ASP D 342 17.75 28.51 -10.32
N ILE D 343 16.80 29.30 -10.86
CA ILE D 343 17.17 30.62 -11.33
C ILE D 343 17.54 31.54 -10.17
N VAL D 344 17.11 31.22 -8.95
CA VAL D 344 17.56 31.97 -7.78
C VAL D 344 19.00 31.62 -7.45
N GLY D 345 19.31 30.33 -7.34
CA GLY D 345 20.65 29.89 -7.04
C GLY D 345 21.66 30.20 -8.13
N PHE D 346 21.19 30.50 -9.34
CA PHE D 346 22.09 30.90 -10.42
C PHE D 346 22.82 32.19 -10.14
N CYS D 347 22.48 32.92 -9.07
CA CYS D 347 23.11 34.19 -8.76
C CYS D 347 24.24 34.06 -7.75
N LEU D 348 24.58 32.86 -7.32
CA LEU D 348 25.70 32.68 -6.41
C LEU D 348 27.01 32.95 -7.14
N PRO D 349 28.01 33.52 -6.47
CA PRO D 349 29.31 33.73 -7.10
C PRO D 349 29.96 32.40 -7.46
N PRO D 350 30.56 32.30 -8.64
CA PRO D 350 31.07 30.99 -9.08
C PRO D 350 32.28 30.50 -8.29
N ASP D 351 33.04 31.39 -7.66
CA ASP D 351 34.20 31.01 -6.87
C ASP D 351 33.88 30.82 -5.40
N SER D 352 32.59 30.79 -5.03
CA SER D 352 32.21 30.63 -3.63
C SER D 352 32.37 29.20 -3.13
N GLY D 353 32.45 28.22 -4.02
CA GLY D 353 32.57 26.84 -3.61
C GLY D 353 31.29 26.22 -3.08
N GLU D 354 30.14 26.86 -3.28
CA GLU D 354 28.86 26.32 -2.86
C GLU D 354 27.87 26.16 -4.01
N ARG D 355 28.16 26.73 -5.18
CA ARG D 355 27.24 26.63 -6.31
C ARG D 355 27.10 25.20 -6.78
N VAL D 356 28.20 24.44 -6.77
CA VAL D 356 28.14 23.04 -7.19
C VAL D 356 27.27 22.23 -6.23
N SER D 357 27.45 22.44 -4.92
CA SER D 357 26.61 21.75 -3.94
C SER D 357 25.15 22.12 -4.11
N PHE D 358 24.87 23.41 -4.33
CA PHE D 358 23.50 23.85 -4.57
C PHE D 358 22.88 23.13 -5.76
N LYS D 359 23.60 23.10 -6.89
CA LYS D 359 23.06 22.49 -8.10
C LYS D 359 22.87 20.99 -7.94
N ILE D 360 23.81 20.31 -7.28
CA ILE D 360 23.68 18.87 -7.15
C ILE D 360 22.56 18.51 -6.17
N THR D 361 22.37 19.30 -5.10
CA THR D 361 21.24 19.08 -4.22
C THR D 361 19.93 19.31 -4.94
N LEU D 362 19.87 20.34 -5.78
CA LEU D 362 18.65 20.60 -6.55
C LEU D 362 18.35 19.45 -7.51
N LEU D 363 19.39 18.91 -8.16
CA LEU D 363 19.17 17.81 -9.08
C LEU D 363 18.73 16.55 -8.33
N LEU D 364 19.29 16.31 -7.14
CA LEU D 364 18.84 15.19 -6.32
C LEU D 364 17.38 15.34 -5.95
N GLY D 365 16.98 16.55 -5.53
CA GLY D 365 15.58 16.78 -5.20
C GLY D 365 14.66 16.58 -6.39
N TYR D 366 15.06 17.06 -7.57
CA TYR D 366 14.24 16.87 -8.76
C TYR D 366 14.14 15.39 -9.11
N SER D 367 15.23 14.64 -8.94
CA SER D 367 15.20 13.21 -9.24
C SER D 367 14.27 12.46 -8.31
N VAL D 368 14.33 12.76 -7.00
CA VAL D 368 13.47 12.05 -6.08
C VAL D 368 12.00 12.45 -6.31
N PHE D 369 11.75 13.71 -6.65
CA PHE D 369 10.39 14.11 -6.99
C PHE D 369 9.90 13.38 -8.24
N LEU D 370 10.77 13.24 -9.25
CA LEU D 370 10.40 12.55 -10.47
C LEU D 370 10.04 11.10 -10.20
N ILE D 371 10.90 10.39 -9.46
CA ILE D 371 10.64 8.98 -9.18
C ILE D 371 9.53 8.77 -8.16
N ILE D 372 9.14 9.81 -7.43
CA ILE D 372 7.97 9.69 -6.56
C ILE D 372 6.69 9.91 -7.34
N VAL D 373 6.67 10.92 -8.22
CA VAL D 373 5.45 11.23 -8.97
C VAL D 373 5.25 10.30 -10.16
N SER D 374 6.27 9.54 -10.55
CA SER D 374 6.10 8.59 -11.64
C SER D 374 5.16 7.44 -11.30
N ASP D 375 4.79 7.28 -10.03
CA ASP D 375 3.87 6.22 -9.65
C ASP D 375 2.42 6.59 -9.95
N THR D 376 2.02 7.80 -9.59
CA THR D 376 0.65 8.25 -9.92
C THR D 376 0.48 8.43 -11.43
N LEU D 377 1.56 8.68 -12.14
CA LEU D 377 1.52 8.74 -13.59
C LEU D 377 1.26 7.34 -14.16
N PRO D 378 0.17 7.14 -14.89
CA PRO D 378 -0.09 5.79 -15.44
C PRO D 378 0.88 5.45 -16.55
N ALA D 379 0.81 4.19 -16.98
CA ALA D 379 1.68 3.70 -18.03
C ALA D 379 1.05 2.48 -18.68
N THR D 380 1.01 2.46 -20.00
CA THR D 380 0.53 1.32 -20.77
C THR D 380 1.69 0.73 -21.57
N ALA D 381 1.57 -0.56 -21.87
CA ALA D 381 2.63 -1.27 -22.59
C ALA D 381 2.73 -0.86 -24.04
N ILE D 382 1.79 -0.08 -24.56
CA ILE D 382 1.85 0.35 -25.95
C ILE D 382 2.55 1.70 -26.10
N GLY D 383 2.38 2.60 -25.15
CA GLY D 383 3.01 3.91 -25.25
C GLY D 383 2.98 4.64 -23.93
N THR D 384 3.75 5.71 -23.87
CA THR D 384 3.88 6.58 -22.72
C THR D 384 3.18 7.92 -22.98
N PRO D 385 2.61 8.55 -21.95
CA PRO D 385 1.97 9.85 -22.16
C PRO D 385 2.97 10.91 -22.62
N LEU D 386 2.43 11.99 -23.18
CA LEU D 386 3.25 13.05 -23.73
C LEU D 386 3.84 13.97 -22.67
N ILE D 387 3.45 13.81 -21.41
CA ILE D 387 4.01 14.64 -20.34
C ILE D 387 5.41 14.20 -19.95
N GLY D 388 5.76 12.94 -20.21
CA GLY D 388 7.12 12.50 -19.93
C GLY D 388 8.16 13.24 -20.75
N VAL D 389 7.80 13.61 -21.98
CA VAL D 389 8.73 14.38 -22.81
C VAL D 389 9.01 15.73 -22.18
N TYR D 390 7.98 16.40 -21.68
CA TYR D 390 8.18 17.70 -21.06
C TYR D 390 8.95 17.57 -19.75
N PHE D 391 8.69 16.50 -18.99
CA PHE D 391 9.44 16.29 -17.75
C PHE D 391 10.92 16.06 -18.03
N VAL D 392 11.24 15.24 -19.03
CA VAL D 392 12.65 14.99 -19.33
C VAL D 392 13.29 16.22 -19.96
N VAL D 393 12.52 17.06 -20.64
CA VAL D 393 13.07 18.32 -21.13
C VAL D 393 13.42 19.24 -19.97
N CYS D 394 12.57 19.29 -18.94
CA CYS D 394 12.89 20.10 -17.77
C CYS D 394 14.12 19.56 -17.04
N MET D 395 14.22 18.23 -16.89
CA MET D 395 15.40 17.68 -16.24
C MET D 395 16.65 17.89 -17.08
N ALA D 396 16.50 17.92 -18.42
CA ALA D 396 17.64 18.21 -19.28
C ALA D 396 18.08 19.67 -19.13
N LEU D 397 17.12 20.59 -18.96
CA LEU D 397 17.47 21.97 -18.65
C LEU D 397 18.24 22.06 -17.34
N LEU D 398 17.80 21.31 -16.32
CA LEU D 398 18.53 21.31 -15.04
C LEU D 398 19.95 20.75 -15.21
N VAL D 399 20.09 19.68 -15.99
CA VAL D 399 21.42 19.11 -16.21
C VAL D 399 22.31 20.08 -16.99
N ILE D 400 21.74 20.82 -17.93
CA ILE D 400 22.51 21.82 -18.66
C ILE D 400 22.96 22.93 -17.73
N SER D 401 22.09 23.34 -16.80
CA SER D 401 22.50 24.33 -15.80
C SER D 401 23.65 23.81 -14.94
N LEU D 402 23.57 22.54 -14.53
CA LEU D 402 24.66 21.94 -13.75
C LEU D 402 25.96 21.93 -14.55
N ALA D 403 25.88 21.56 -15.83
CA ALA D 403 27.09 21.52 -16.65
C ALA D 403 27.69 22.90 -16.85
N GLU D 404 26.84 23.92 -17.03
CA GLU D 404 27.33 25.29 -17.15
C GLU D 404 28.01 25.75 -15.85
N THR D 405 27.40 25.42 -14.71
CA THR D 405 28.03 25.74 -13.43
C THR D 405 29.40 25.07 -13.31
N ILE D 406 29.49 23.79 -13.69
CA ILE D 406 30.76 23.08 -13.59
C ILE D 406 31.80 23.71 -14.50
N PHE D 407 31.39 24.11 -15.70
CA PHE D 407 32.34 24.74 -16.63
C PHE D 407 32.85 26.07 -16.07
N ILE D 408 31.94 26.91 -15.56
CA ILE D 408 32.35 28.20 -15.01
C ILE D 408 33.25 28.00 -13.79
N VAL D 409 32.98 26.98 -12.98
CA VAL D 409 33.84 26.70 -11.84
C VAL D 409 35.22 26.26 -12.32
N ARG D 410 35.28 25.44 -13.38
CA ARG D 410 36.55 25.00 -13.93
C ARG D 410 37.34 26.16 -14.50
N LEU D 411 36.66 27.22 -14.95
CA LEU D 411 37.37 28.37 -15.52
C LEU D 411 38.04 29.21 -14.43
N VAL D 412 37.28 29.60 -13.40
CA VAL D 412 37.74 30.61 -12.46
C VAL D 412 38.56 30.03 -11.31
N HIS D 413 38.84 28.73 -11.31
CA HIS D 413 39.53 28.13 -10.17
C HIS D 413 41.00 28.53 -10.16
N LYS D 414 41.51 28.85 -8.99
CA LYS D 414 42.91 29.22 -8.80
C LYS D 414 43.70 27.95 -8.54
N GLN D 415 44.34 27.42 -9.59
CA GLN D 415 45.00 26.12 -9.53
C GLN D 415 46.52 26.20 -9.40
N ASP D 416 47.09 27.40 -9.45
CA ASP D 416 48.54 27.62 -9.38
C ASP D 416 49.24 27.08 -10.63
N LEU D 417 48.48 26.49 -11.55
CA LEU D 417 48.96 26.11 -12.87
C LEU D 417 48.43 27.05 -13.95
N GLN D 418 47.75 28.11 -13.56
CA GLN D 418 47.09 28.98 -14.52
C GLN D 418 48.11 29.77 -15.33
N ARG D 419 48.00 29.67 -16.65
CA ARG D 419 48.73 30.50 -17.56
C ARG D 419 47.92 31.74 -17.92
N PRO D 420 48.56 32.81 -18.38
CA PRO D 420 47.81 34.03 -18.73
C PRO D 420 46.76 33.75 -19.80
N VAL D 421 45.64 34.46 -19.70
CA VAL D 421 44.52 34.25 -20.62
C VAL D 421 44.94 34.64 -22.04
N PRO D 422 44.64 33.84 -23.05
CA PRO D 422 45.06 34.18 -24.41
C PRO D 422 44.46 35.50 -24.88
N ASP D 423 45.15 36.13 -25.83
CA ASP D 423 44.79 37.49 -26.22
C ASP D 423 43.50 37.52 -27.02
N TRP D 424 43.22 36.49 -27.83
CA TRP D 424 41.97 36.45 -28.58
C TRP D 424 40.77 36.35 -27.64
N LEU D 425 40.86 35.46 -26.64
CA LEU D 425 39.79 35.35 -25.65
C LEU D 425 39.65 36.62 -24.85
N ARG D 426 40.78 37.22 -24.46
CA ARG D 426 40.74 38.50 -23.75
C ARG D 426 39.99 39.55 -24.56
N HIS D 427 40.43 39.81 -25.79
CA HIS D 427 39.76 40.76 -26.67
C HIS D 427 38.27 40.46 -26.74
N LEU D 428 37.90 39.27 -27.22
CA LEU D 428 36.50 38.94 -27.43
C LEU D 428 35.67 39.16 -26.16
N VAL D 429 36.01 38.47 -25.08
CA VAL D 429 35.15 38.49 -23.90
C VAL D 429 35.18 39.85 -23.22
N LEU D 430 36.36 40.38 -22.92
CA LEU D 430 36.48 41.60 -22.16
C LEU D 430 36.22 42.86 -23.00
N ASP D 431 35.91 42.72 -24.29
CA ASP D 431 35.38 43.85 -25.06
C ASP D 431 33.94 43.65 -25.51
N ARG D 432 33.41 42.43 -25.39
CA ARG D 432 31.98 42.21 -25.55
C ARG D 432 31.22 42.48 -24.26
N ILE D 433 31.89 42.35 -23.12
CA ILE D 433 31.29 42.66 -21.82
C ILE D 433 30.88 44.12 -21.75
N LEU D 501 80.99 43.04 -1.54
CA LEU D 501 80.65 44.18 -0.69
C LEU D 501 79.39 43.89 0.12
N ALA D 502 79.38 44.35 1.36
CA ALA D 502 78.21 44.12 2.22
C ALA D 502 76.98 44.85 1.69
N VAL D 503 77.16 46.04 1.12
CA VAL D 503 76.02 46.77 0.55
C VAL D 503 75.46 46.02 -0.65
N ARG D 504 76.33 45.45 -1.49
CA ARG D 504 75.87 44.67 -2.62
C ARG D 504 75.16 43.39 -2.15
N GLY D 505 75.64 42.81 -1.05
CA GLY D 505 74.95 41.65 -0.48
C GLY D 505 73.55 41.99 0.02
N LEU D 506 73.44 43.11 0.74
CA LEU D 506 72.11 43.57 1.14
C LEU D 506 71.22 43.83 -0.07
N LEU D 507 71.80 44.40 -1.13
CA LEU D 507 71.03 44.68 -2.33
C LEU D 507 70.50 43.40 -2.97
N GLN D 508 71.34 42.37 -3.08
CA GLN D 508 70.89 41.14 -3.70
C GLN D 508 69.89 40.38 -2.83
N GLU D 509 70.04 40.47 -1.50
CA GLU D 509 69.03 39.87 -0.63
C GLU D 509 67.68 40.57 -0.78
N LEU D 510 67.68 41.90 -0.81
CA LEU D 510 66.43 42.62 -1.04
C LEU D 510 65.85 42.30 -2.41
N SER D 511 66.71 42.10 -3.41
CA SER D 511 66.23 41.76 -4.74
C SER D 511 65.56 40.38 -4.75
N SER D 512 66.14 39.42 -4.02
CA SER D 512 65.51 38.10 -3.94
C SER D 512 64.16 38.18 -3.24
N ILE D 513 64.07 38.96 -2.16
CA ILE D 513 62.79 39.13 -1.47
C ILE D 513 61.76 39.76 -2.41
N ARG D 514 62.18 40.79 -3.15
CA ARG D 514 61.28 41.45 -4.08
C ARG D 514 60.84 40.51 -5.19
N HIS D 515 61.74 39.63 -5.64
CA HIS D 515 61.38 38.66 -6.67
C HIS D 515 60.33 37.68 -6.16
N PHE D 516 60.49 37.19 -4.93
CA PHE D 516 59.46 36.34 -4.34
C PHE D 516 58.10 37.04 -4.31
N LEU D 517 58.09 38.27 -3.80
CA LEU D 517 56.83 39.00 -3.70
C LEU D 517 56.23 39.27 -5.07
N GLU D 518 57.07 39.57 -6.07
CA GLU D 518 56.59 39.85 -7.41
C GLU D 518 56.01 38.60 -8.06
N LYS D 519 56.63 37.44 -7.83
CA LYS D 519 56.07 36.18 -8.32
C LYS D 519 54.67 35.95 -7.75
N ARG D 520 54.53 36.14 -6.43
CA ARG D 520 53.22 35.98 -5.82
C ARG D 520 52.19 36.94 -6.42
N ASP D 521 52.59 38.21 -6.60
CA ASP D 521 51.66 39.20 -7.13
C ASP D 521 51.26 38.89 -8.56
N GLU D 522 52.21 38.39 -9.37
CA GLU D 522 51.90 38.05 -10.75
C GLU D 522 50.92 36.88 -10.83
N MET D 523 51.12 35.87 -9.98
CA MET D 523 50.17 34.76 -9.96
C MET D 523 48.78 35.24 -9.55
N ARG D 524 48.71 36.14 -8.55
CA ARG D 524 47.42 36.67 -8.14
C ARG D 524 46.75 37.46 -9.27
N GLU D 525 47.54 38.22 -10.03
CA GLU D 525 46.96 39.00 -11.13
C GLU D 525 46.43 38.10 -12.24
N VAL D 526 47.16 37.02 -12.54
CA VAL D 526 46.66 36.07 -13.54
C VAL D 526 45.34 35.44 -13.07
N ALA D 527 45.28 35.06 -11.79
CA ALA D 527 44.05 34.50 -11.26
C ALA D 527 42.90 35.50 -11.35
N ARG D 528 43.19 36.78 -11.07
CA ARG D 528 42.14 37.81 -11.15
C ARG D 528 41.62 37.97 -12.57
N ASP D 529 42.52 37.97 -13.56
CA ASP D 529 42.07 38.06 -14.95
C ASP D 529 41.18 36.89 -15.34
N TRP D 530 41.59 35.67 -14.96
CA TRP D 530 40.76 34.51 -15.27
C TRP D 530 39.41 34.59 -14.57
N LEU D 531 39.38 35.07 -13.33
CA LEU D 531 38.11 35.16 -12.60
C LEU D 531 37.18 36.18 -13.25
N ARG D 532 37.73 37.29 -13.75
CA ARG D 532 36.89 38.27 -14.43
C ARG D 532 36.31 37.71 -15.72
N VAL D 533 37.14 36.99 -16.50
CA VAL D 533 36.63 36.34 -17.71
C VAL D 533 35.50 35.37 -17.37
N GLY D 534 35.69 34.59 -16.29
CA GLY D 534 34.65 33.65 -15.89
C GLY D 534 33.36 34.35 -15.46
N TYR D 535 33.49 35.46 -14.74
CA TYR D 535 32.30 36.22 -14.34
C TYR D 535 31.51 36.70 -15.55
N VAL D 536 32.22 37.22 -16.55
CA VAL D 536 31.54 37.72 -17.75
C VAL D 536 30.81 36.58 -18.46
N LEU D 537 31.50 35.45 -18.63
CA LEU D 537 30.88 34.32 -19.30
C LEU D 537 29.68 33.78 -18.51
N ASP D 538 29.77 33.80 -17.18
CA ASP D 538 28.67 33.33 -16.36
C ASP D 538 27.45 34.21 -16.52
N ARG D 539 27.64 35.54 -16.53
CA ARG D 539 26.50 36.43 -16.74
C ARG D 539 25.86 36.21 -18.11
N LEU D 540 26.69 36.05 -19.15
CA LEU D 540 26.15 35.82 -20.49
C LEU D 540 25.33 34.53 -20.54
N LEU D 541 25.88 33.44 -19.99
CA LEU D 541 25.18 32.17 -20.03
C LEU D 541 23.92 32.19 -19.16
N PHE D 542 23.94 32.94 -18.05
CA PHE D 542 22.74 33.06 -17.23
C PHE D 542 21.63 33.76 -18.00
N ARG D 543 21.96 34.84 -18.71
CA ARG D 543 20.95 35.51 -19.52
C ARG D 543 20.40 34.57 -20.60
N ILE D 544 21.27 33.80 -21.25
CA ILE D 544 20.81 32.87 -22.28
C ILE D 544 19.88 31.81 -21.68
N TYR D 545 20.26 31.26 -20.52
CA TYR D 545 19.43 30.25 -19.88
C TYR D 545 18.09 30.81 -19.45
N LEU D 546 18.06 32.05 -18.98
CA LEU D 546 16.80 32.67 -18.59
C LEU D 546 15.89 32.86 -19.80
N LEU D 547 16.45 33.31 -20.92
CA LEU D 547 15.66 33.45 -22.14
C LEU D 547 15.09 32.10 -22.58
N ALA D 548 15.91 31.06 -22.53
CA ALA D 548 15.44 29.73 -22.95
C ALA D 548 14.32 29.22 -22.04
N VAL D 549 14.46 29.44 -20.73
CA VAL D 549 13.43 29.02 -19.78
C VAL D 549 12.13 29.76 -20.04
N LEU D 550 12.21 31.07 -20.28
CA LEU D 550 11.00 31.84 -20.54
C LEU D 550 10.33 31.39 -21.83
N ALA D 551 11.12 31.10 -22.87
CA ALA D 551 10.55 30.59 -24.11
C ALA D 551 9.82 29.27 -23.89
N TYR D 552 10.45 28.34 -23.16
CA TYR D 552 9.82 27.06 -22.90
C TYR D 552 8.55 27.22 -22.08
N SER D 553 8.56 28.12 -21.09
CA SER D 553 7.37 28.34 -20.28
C SER D 553 6.23 28.95 -21.09
N ILE D 554 6.53 29.93 -21.95
CA ILE D 554 5.45 30.54 -22.71
C ILE D 554 4.91 29.57 -23.76
N THR D 555 5.77 28.71 -24.32
CA THR D 555 5.27 27.69 -25.24
C THR D 555 4.34 26.72 -24.52
N LEU D 556 4.72 26.28 -23.31
CA LEU D 556 3.84 25.39 -22.56
C LEU D 556 2.51 26.07 -22.22
N VAL D 557 2.57 27.34 -21.83
CA VAL D 557 1.34 28.07 -21.49
C VAL D 557 0.43 28.19 -22.70
N THR D 558 1.00 28.48 -23.87
CA THR D 558 0.18 28.59 -25.08
C THR D 558 -0.44 27.24 -25.46
N LEU D 559 0.35 26.16 -25.36
CA LEU D 559 -0.19 24.84 -25.69
C LEU D 559 -1.28 24.43 -24.70
N TRP D 560 -1.20 24.90 -23.46
CA TRP D 560 -2.29 24.64 -22.51
C TRP D 560 -3.52 25.50 -22.81
N SER D 561 -3.31 26.74 -23.26
CA SER D 561 -4.42 27.67 -23.42
C SER D 561 -5.14 27.55 -24.76
N ILE D 562 -4.53 26.91 -25.76
CA ILE D 562 -5.20 26.75 -27.04
C ILE D 562 -6.38 25.79 -26.91
N THR E 112 -38.35 -53.45 13.13
CA THR E 112 -37.43 -53.85 12.07
C THR E 112 -36.77 -52.64 11.42
N GLN E 113 -37.19 -51.45 11.85
CA GLN E 113 -36.61 -50.22 11.35
C GLN E 113 -35.28 -49.94 12.05
N PRO E 114 -34.41 -49.13 11.44
CA PRO E 114 -33.09 -48.87 12.02
C PRO E 114 -33.12 -48.09 13.33
N ALA E 115 -34.33 -47.83 13.86
CA ALA E 115 -34.55 -47.20 15.16
C ALA E 115 -34.11 -45.74 15.18
N LEU E 116 -33.50 -45.27 14.09
CA LEU E 116 -33.21 -43.85 13.92
C LEU E 116 -34.08 -43.19 12.87
N LEU E 117 -34.36 -43.89 11.76
CA LEU E 117 -35.36 -43.41 10.81
C LEU E 117 -36.72 -43.29 11.48
N ARG E 118 -37.06 -44.25 12.35
CA ARG E 118 -38.32 -44.18 13.09
C ARG E 118 -38.39 -42.91 13.92
N LEU E 119 -37.32 -42.62 14.68
CA LEU E 119 -37.35 -41.45 15.55
C LEU E 119 -37.36 -40.16 14.75
N SER E 120 -36.63 -40.11 13.64
CA SER E 120 -36.64 -38.92 12.80
C SER E 120 -38.01 -38.68 12.18
N ASP E 121 -38.68 -39.75 11.75
CA ASP E 121 -40.02 -39.60 11.20
C ASP E 121 -41.02 -39.24 12.29
N HIS E 122 -40.80 -39.72 13.52
CA HIS E 122 -41.70 -39.39 14.60
C HIS E 122 -41.56 -37.94 15.03
N LEU E 123 -40.34 -37.40 14.97
CA LEU E 123 -40.09 -36.04 15.42
C LEU E 123 -40.36 -35.00 14.32
N LEU E 124 -39.68 -35.14 13.18
CA LEU E 124 -39.69 -34.08 12.17
C LEU E 124 -40.94 -34.09 11.30
N ALA E 125 -41.84 -35.04 11.46
CA ALA E 125 -43.13 -35.00 10.79
C ALA E 125 -44.12 -34.21 11.62
N ASN E 126 -44.96 -33.43 10.94
CA ASN E 126 -45.90 -32.51 11.58
C ASN E 126 -45.17 -31.50 12.46
N TYR E 127 -43.95 -31.14 12.08
CA TYR E 127 -43.14 -30.18 12.80
C TYR E 127 -43.02 -28.91 11.99
N LYS E 128 -43.22 -27.76 12.63
CA LYS E 128 -43.14 -26.45 11.99
C LYS E 128 -41.90 -25.73 12.52
N LYS E 129 -41.01 -25.34 11.62
CA LYS E 129 -39.76 -24.69 11.98
C LYS E 129 -39.89 -23.17 12.06
N GLY E 130 -41.11 -22.65 12.16
CA GLY E 130 -41.32 -21.23 12.27
C GLY E 130 -41.99 -20.83 13.57
N VAL E 131 -42.44 -21.83 14.32
CA VAL E 131 -43.16 -21.62 15.57
C VAL E 131 -42.16 -21.78 16.72
N ARG E 132 -42.22 -20.86 17.67
CA ARG E 132 -41.40 -20.96 18.87
C ARG E 132 -41.83 -22.20 19.66
N PRO E 133 -40.92 -23.12 19.95
CA PRO E 133 -41.33 -24.42 20.52
C PRO E 133 -41.75 -24.34 21.98
N VAL E 134 -42.99 -23.91 22.22
CA VAL E 134 -43.57 -23.91 23.56
C VAL E 134 -45.03 -24.35 23.45
N ARG E 135 -45.50 -25.11 24.44
CA ARG E 135 -46.89 -25.50 24.50
C ARG E 135 -47.76 -24.42 25.15
N ASP E 136 -47.16 -23.57 25.98
CA ASP E 136 -47.85 -22.43 26.59
C ASP E 136 -47.10 -21.18 26.18
N TRP E 137 -47.73 -20.33 25.36
CA TRP E 137 -47.06 -19.16 24.82
C TRP E 137 -46.68 -18.13 25.88
N ARG E 138 -47.08 -18.33 27.13
CA ARG E 138 -46.73 -17.41 28.21
C ARG E 138 -45.45 -17.79 28.91
N LYS E 139 -44.62 -18.64 28.29
CA LYS E 139 -43.34 -19.03 28.85
C LYS E 139 -42.23 -18.74 27.84
N PRO E 140 -41.15 -18.07 28.25
CA PRO E 140 -40.06 -17.81 27.33
C PRO E 140 -39.10 -18.98 27.23
N THR E 141 -38.41 -19.04 26.09
CA THR E 141 -37.42 -20.09 25.85
C THR E 141 -36.06 -19.58 26.33
N THR E 142 -35.64 -20.08 27.49
CA THR E 142 -34.38 -19.64 28.10
C THR E 142 -33.22 -20.22 27.30
N VAL E 143 -32.47 -19.35 26.62
CA VAL E 143 -31.34 -19.75 25.80
C VAL E 143 -30.07 -19.49 26.61
N SER E 144 -29.36 -20.56 26.96
CA SER E 144 -28.08 -20.42 27.63
C SER E 144 -26.97 -20.21 26.60
N ILE E 145 -25.93 -19.50 27.01
CA ILE E 145 -24.87 -19.08 26.10
C ILE E 145 -23.52 -19.30 26.76
N ASP E 146 -22.55 -19.78 25.97
CA ASP E 146 -21.17 -19.91 26.42
C ASP E 146 -20.26 -19.47 25.28
N VAL E 147 -19.22 -18.73 25.62
CA VAL E 147 -18.32 -18.13 24.64
C VAL E 147 -16.88 -18.39 25.06
N ILE E 148 -16.05 -18.78 24.10
CA ILE E 148 -14.62 -18.99 24.32
C ILE E 148 -13.86 -18.24 23.24
N MET E 149 -12.95 -17.37 23.66
CA MET E 149 -12.10 -16.67 22.71
C MET E 149 -11.06 -17.62 22.15
N TYR E 150 -10.78 -17.48 20.86
CA TYR E 150 -9.80 -18.31 20.18
C TYR E 150 -8.66 -17.52 19.57
N ALA E 151 -8.95 -16.39 18.93
CA ALA E 151 -7.91 -15.59 18.30
C ALA E 151 -8.39 -14.16 18.15
N ILE E 152 -7.43 -13.24 18.09
CA ILE E 152 -7.68 -11.83 17.84
C ILE E 152 -6.98 -11.51 16.52
N LEU E 153 -7.75 -11.44 15.44
CA LEU E 153 -7.16 -11.37 14.10
C LEU E 153 -6.57 -10.01 13.80
N ASN E 154 -7.30 -8.94 14.10
CA ASN E 154 -6.86 -7.60 13.73
C ASN E 154 -7.57 -6.56 14.60
N VAL E 155 -6.81 -5.63 15.14
CA VAL E 155 -7.34 -4.51 15.91
C VAL E 155 -6.97 -3.24 15.15
N ASP E 156 -7.99 -2.59 14.57
CA ASP E 156 -7.78 -1.39 13.75
C ASP E 156 -8.11 -0.17 14.59
N GLU E 157 -7.06 0.57 14.99
CA GLU E 157 -7.24 1.76 15.81
C GLU E 157 -7.75 2.96 15.01
N LYS E 158 -7.61 2.93 13.69
CA LYS E 158 -8.05 4.07 12.88
C LYS E 158 -9.57 4.07 12.70
N ASN E 159 -10.13 2.92 12.29
CA ASN E 159 -11.57 2.80 12.07
C ASN E 159 -12.32 2.31 13.31
N GLN E 160 -11.61 1.99 14.39
CA GLN E 160 -12.22 1.62 15.66
C GLN E 160 -13.04 0.34 15.54
N VAL E 161 -12.45 -0.67 14.89
CA VAL E 161 -13.08 -1.97 14.74
C VAL E 161 -12.19 -3.03 15.39
N LEU E 162 -12.76 -4.22 15.58
CA LEU E 162 -12.08 -5.32 16.23
C LEU E 162 -12.53 -6.63 15.61
N THR E 163 -11.60 -7.40 15.09
CA THR E 163 -11.90 -8.67 14.42
C THR E 163 -11.38 -9.81 15.29
N THR E 164 -12.30 -10.55 15.90
CA THR E 164 -11.98 -11.68 16.75
C THR E 164 -12.51 -12.97 16.11
N TYR E 165 -12.33 -14.07 16.83
CA TYR E 165 -12.83 -15.37 16.38
C TYR E 165 -13.11 -16.20 17.62
N ILE E 166 -14.38 -16.52 17.86
CA ILE E 166 -14.80 -17.20 19.08
C ILE E 166 -15.42 -18.54 18.73
N TRP E 167 -15.54 -19.39 19.75
CA TRP E 167 -16.27 -20.64 19.67
C TRP E 167 -17.54 -20.49 20.48
N TYR E 168 -18.67 -20.41 19.81
CA TYR E 168 -19.95 -20.07 20.43
C TYR E 168 -20.85 -21.30 20.46
N ARG E 169 -21.63 -21.43 21.52
CA ARG E 169 -22.54 -22.56 21.66
C ARG E 169 -23.71 -22.15 22.54
N GLN E 170 -24.89 -22.62 22.19
CA GLN E 170 -26.11 -22.32 22.91
C GLN E 170 -26.87 -23.60 23.22
N TYR E 171 -27.81 -23.47 24.15
N TYR E 171 -27.81 -23.51 24.16
CA TYR E 171 -28.65 -24.57 24.62
CA TYR E 171 -28.65 -24.66 24.46
C TYR E 171 -30.04 -24.02 24.88
C TYR E 171 -30.00 -24.17 24.99
N TRP E 172 -31.07 -24.70 24.38
CA TRP E 172 -32.44 -24.33 24.74
C TRP E 172 -33.29 -25.60 24.75
N THR E 173 -34.51 -25.46 25.25
CA THR E 173 -35.43 -26.56 25.39
C THR E 173 -36.50 -26.49 24.30
N ASP E 174 -36.60 -27.54 23.50
CA ASP E 174 -37.59 -27.64 22.44
C ASP E 174 -38.67 -28.61 22.90
N GLU E 175 -39.84 -28.08 23.27
CA GLU E 175 -40.92 -28.88 23.80
C GLU E 175 -41.62 -29.71 22.74
N PHE E 176 -41.21 -29.62 21.48
CA PHE E 176 -41.77 -30.43 20.41
C PHE E 176 -40.88 -31.60 20.01
N LEU E 177 -39.64 -31.63 20.49
CA LEU E 177 -38.72 -32.73 20.23
C LEU E 177 -38.51 -33.48 21.53
N GLN E 178 -39.41 -34.40 21.83
CA GLN E 178 -39.36 -35.18 23.06
C GLN E 178 -39.88 -36.58 22.76
N TRP E 179 -39.27 -37.58 23.40
CA TRP E 179 -39.65 -38.96 23.18
C TRP E 179 -39.24 -39.79 24.39
N THR E 180 -39.66 -41.05 24.38
CA THR E 180 -39.27 -42.02 25.40
C THR E 180 -38.24 -42.96 24.81
N PRO E 181 -37.06 -43.08 25.43
CA PRO E 181 -36.01 -43.94 24.84
C PRO E 181 -36.41 -45.39 24.71
N GLU E 182 -37.14 -45.94 25.69
CA GLU E 182 -37.49 -47.36 25.65
C GLU E 182 -38.35 -47.70 24.44
N ASP E 183 -39.08 -46.73 23.90
CA ASP E 183 -39.89 -46.99 22.70
C ASP E 183 -39.00 -47.11 21.46
N PHE E 184 -37.92 -46.34 21.40
CA PHE E 184 -37.08 -46.25 20.22
C PHE E 184 -35.72 -46.90 20.43
N ASP E 185 -35.70 -48.05 21.10
CA ASP E 185 -34.49 -48.85 21.27
C ASP E 185 -33.44 -48.12 22.11
N ASN E 186 -33.89 -47.47 23.19
CA ASN E 186 -33.01 -46.81 24.15
C ASN E 186 -32.13 -45.74 23.51
N VAL E 187 -32.63 -45.09 22.47
CA VAL E 187 -31.93 -43.97 21.86
C VAL E 187 -32.18 -42.73 22.71
N THR E 188 -31.11 -42.19 23.30
CA THR E 188 -31.22 -41.03 24.18
C THR E 188 -30.85 -39.72 23.51
N LYS E 189 -30.19 -39.77 22.35
CA LYS E 189 -29.82 -38.55 21.64
C LYS E 189 -29.57 -38.88 20.18
N LEU E 190 -29.68 -37.85 19.34
CA LEU E 190 -29.37 -37.98 17.93
C LEU E 190 -29.04 -36.60 17.37
N SER E 191 -28.61 -36.59 16.11
CA SER E 191 -28.27 -35.36 15.40
C SER E 191 -29.37 -35.02 14.41
N ILE E 192 -29.79 -33.76 14.41
CA ILE E 192 -30.83 -33.29 13.51
C ILE E 192 -30.27 -32.13 12.70
N PRO E 193 -30.53 -32.06 11.39
CA PRO E 193 -30.06 -30.91 10.62
C PRO E 193 -30.57 -29.59 11.19
N THR E 194 -29.75 -28.55 11.09
CA THR E 194 -30.07 -27.28 11.71
C THR E 194 -31.23 -26.59 11.01
N ASP E 195 -31.39 -26.82 9.71
CA ASP E 195 -32.45 -26.20 8.93
C ASP E 195 -33.79 -26.92 9.06
N SER E 196 -33.95 -27.77 10.07
CA SER E 196 -35.19 -28.50 10.28
C SER E 196 -35.87 -28.17 11.60
N ILE E 197 -35.30 -27.31 12.43
CA ILE E 197 -35.85 -26.97 13.73
C ILE E 197 -35.82 -25.44 13.89
N TRP E 198 -36.37 -24.98 15.01
CA TRP E 198 -36.41 -23.57 15.34
C TRP E 198 -35.10 -23.16 16.01
N VAL E 199 -34.46 -22.12 15.50
CA VAL E 199 -33.20 -21.62 16.00
C VAL E 199 -33.39 -20.17 16.41
N PRO E 200 -33.01 -19.77 17.62
CA PRO E 200 -33.18 -18.37 18.04
C PRO E 200 -32.23 -17.44 17.31
N ASP E 201 -32.65 -16.19 17.18
CA ASP E 201 -31.89 -15.17 16.46
C ASP E 201 -31.06 -14.34 17.44
N ILE E 202 -30.06 -15.00 18.03
CA ILE E 202 -29.15 -14.36 18.96
C ILE E 202 -27.95 -13.85 18.17
N LEU E 203 -27.72 -12.53 18.20
CA LEU E 203 -26.59 -11.95 17.52
C LEU E 203 -26.12 -10.72 18.28
N ILE E 204 -24.89 -10.28 17.94
CA ILE E 204 -24.21 -9.24 18.70
C ILE E 204 -24.71 -7.87 18.27
N ASN E 205 -24.86 -6.97 19.25
CA ASN E 205 -25.31 -5.60 18.97
C ASN E 205 -24.25 -4.79 18.25
N GLU E 206 -22.97 -5.04 18.52
CA GLU E 206 -21.89 -4.19 18.04
C GLU E 206 -21.33 -4.64 16.70
N PHE E 207 -22.16 -5.24 15.84
CA PHE E 207 -21.72 -5.63 14.52
C PHE E 207 -21.56 -4.40 13.62
N VAL E 208 -20.56 -4.46 12.75
CA VAL E 208 -20.41 -3.50 11.66
C VAL E 208 -20.16 -4.17 10.32
N ASP E 209 -20.17 -5.50 10.27
CA ASP E 209 -19.92 -6.26 9.04
C ASP E 209 -20.35 -7.69 9.34
N VAL E 210 -20.14 -8.57 8.36
CA VAL E 210 -20.44 -9.99 8.49
C VAL E 210 -19.14 -10.78 8.35
N GLY E 211 -18.91 -11.68 9.29
CA GLY E 211 -17.70 -12.50 9.29
C GLY E 211 -17.96 -13.86 8.65
N LYS E 212 -17.03 -14.27 7.79
CA LYS E 212 -17.16 -15.54 7.10
C LYS E 212 -16.81 -16.67 8.08
N SER E 213 -17.83 -17.41 8.50
CA SER E 213 -17.66 -18.49 9.45
C SER E 213 -18.12 -19.81 8.85
N PRO E 214 -17.48 -20.93 9.20
CA PRO E 214 -17.92 -22.23 8.69
C PRO E 214 -19.35 -22.52 9.14
N ASN E 215 -20.03 -23.35 8.34
CA ASN E 215 -21.43 -23.69 8.59
C ASN E 215 -21.50 -25.08 9.22
N ILE E 216 -22.10 -25.15 10.41
CA ILE E 216 -22.28 -26.41 11.12
C ILE E 216 -23.71 -26.90 10.81
N PRO E 217 -23.86 -28.02 10.10
CA PRO E 217 -25.20 -28.42 9.64
C PRO E 217 -26.02 -29.25 10.62
N TYR E 218 -25.45 -29.71 11.73
CA TYR E 218 -26.16 -30.60 12.64
C TYR E 218 -26.21 -30.01 14.04
N VAL E 219 -27.20 -30.46 14.80
CA VAL E 219 -27.36 -30.11 16.21
C VAL E 219 -27.75 -31.36 16.97
N TYR E 220 -27.39 -31.39 18.25
CA TYR E 220 -27.74 -32.52 19.11
C TYR E 220 -29.05 -32.25 19.83
N VAL E 221 -29.83 -33.32 20.01
CA VAL E 221 -31.12 -33.25 20.69
C VAL E 221 -31.23 -34.43 21.64
N HIS E 222 -31.55 -34.14 22.90
CA HIS E 222 -31.73 -35.17 23.91
C HIS E 222 -33.21 -35.55 24.01
N HIS E 223 -33.48 -36.58 24.80
CA HIS E 223 -34.83 -37.14 24.86
C HIS E 223 -35.79 -36.31 25.69
N ARG E 224 -35.38 -35.14 26.18
CA ARG E 224 -36.27 -34.23 26.90
C ARG E 224 -36.33 -32.86 26.27
N GLY E 225 -35.75 -32.67 25.09
CA GLY E 225 -35.86 -31.42 24.36
C GLY E 225 -34.61 -30.57 24.37
N GLU E 226 -33.59 -30.91 25.15
CA GLU E 226 -32.39 -30.10 25.24
C GLU E 226 -31.64 -30.15 23.91
N VAL E 227 -31.64 -29.03 23.19
CA VAL E 227 -30.93 -28.90 21.93
C VAL E 227 -29.58 -28.25 22.20
N GLN E 228 -28.56 -28.65 21.45
CA GLN E 228 -27.22 -28.09 21.58
C GLN E 228 -26.73 -27.69 20.19
N ASN E 229 -26.21 -26.48 20.10
CA ASN E 229 -25.83 -25.89 18.81
C ASN E 229 -24.44 -25.29 18.93
N TYR E 230 -23.43 -26.04 18.50
CA TYR E 230 -22.05 -25.55 18.46
C TYR E 230 -21.81 -24.85 17.13
N LYS E 231 -21.16 -23.69 17.17
CA LYS E 231 -20.90 -22.95 15.96
C LYS E 231 -19.77 -21.94 16.15
N PRO E 232 -18.73 -21.99 15.32
CA PRO E 232 -17.68 -20.97 15.39
C PRO E 232 -18.11 -19.70 14.65
N LEU E 233 -17.71 -18.56 15.20
CA LEU E 233 -18.11 -17.26 14.67
C LEU E 233 -16.90 -16.36 14.52
N GLN E 234 -16.88 -15.58 13.44
CA GLN E 234 -15.91 -14.52 13.25
C GLN E 234 -16.64 -13.18 13.41
N LEU E 235 -16.20 -12.39 14.37
CA LEU E 235 -16.88 -11.16 14.74
C LEU E 235 -16.10 -9.96 14.22
N VAL E 236 -16.82 -9.02 13.61
CA VAL E 236 -16.27 -7.72 13.24
C VAL E 236 -16.99 -6.69 14.08
N THR E 237 -16.42 -6.35 15.23
CA THR E 237 -17.07 -5.58 16.27
C THR E 237 -16.53 -4.15 16.30
N ALA E 238 -17.44 -3.19 16.46
CA ALA E 238 -17.06 -1.78 16.59
C ALA E 238 -16.74 -1.51 18.05
N CYS E 239 -15.47 -1.45 18.38
CA CYS E 239 -15.00 -1.20 19.74
C CYS E 239 -14.38 0.18 19.82
N SER E 240 -14.56 0.84 20.96
CA SER E 240 -13.99 2.15 21.21
C SER E 240 -12.62 1.95 21.86
N LEU E 241 -11.56 2.30 21.12
CA LEU E 241 -10.20 2.05 21.53
C LEU E 241 -9.56 3.31 22.11
N ASP E 242 -8.84 3.14 23.21
CA ASP E 242 -8.11 4.23 23.85
C ASP E 242 -6.63 3.90 23.80
N ILE E 243 -5.85 4.76 23.15
CA ILE E 243 -4.44 4.50 22.92
C ILE E 243 -3.57 5.56 23.57
N TYR E 244 -4.04 6.11 24.70
CA TYR E 244 -3.28 7.13 25.41
C TYR E 244 -1.90 6.61 25.80
N ASN E 245 -1.84 5.41 26.39
CA ASN E 245 -0.59 4.73 26.67
C ASN E 245 -0.39 3.67 25.58
N PHE E 246 0.11 4.11 24.42
CA PHE E 246 0.11 3.26 23.25
C PHE E 246 0.88 1.95 23.44
N PRO E 247 2.17 1.95 23.80
CA PRO E 247 2.89 0.66 23.88
C PRO E 247 2.37 -0.23 24.99
N PHE E 248 1.80 0.33 26.05
CA PHE E 248 1.28 -0.45 27.19
C PHE E 248 -0.15 0.02 27.46
N ASP E 249 -1.11 -0.58 26.75
CA ASP E 249 -2.51 -0.23 26.92
C ASP E 249 -3.33 -1.49 27.15
N VAL E 250 -4.43 -1.33 27.87
CA VAL E 250 -5.33 -2.43 28.20
C VAL E 250 -6.68 -2.07 27.58
N GLN E 251 -6.96 -2.60 26.40
CA GLN E 251 -8.22 -2.30 25.73
C GLN E 251 -9.37 -3.05 26.41
N ASN E 252 -10.54 -2.42 26.40
CA ASN E 252 -11.74 -2.93 27.06
C ASN E 252 -12.87 -2.90 26.04
N CYS E 253 -12.99 -3.98 25.27
CA CYS E 253 -14.03 -4.12 24.27
C CYS E 253 -15.18 -4.96 24.80
N SER E 254 -16.35 -4.80 24.17
CA SER E 254 -17.58 -5.40 24.65
C SER E 254 -18.28 -6.15 23.54
N LEU E 255 -18.91 -7.28 23.91
CA LEU E 255 -19.74 -8.06 23.00
C LEU E 255 -21.09 -8.28 23.68
N THR E 256 -22.16 -7.84 23.03
CA THR E 256 -23.49 -7.87 23.63
C THR E 256 -24.38 -8.82 22.84
N PHE E 257 -24.56 -10.03 23.38
CA PHE E 257 -25.44 -11.03 22.75
C PHE E 257 -26.88 -10.74 23.16
N THR E 258 -27.71 -10.41 22.20
CA THR E 258 -29.12 -10.14 22.46
C THR E 258 -29.97 -10.64 21.31
N SER E 259 -31.24 -10.88 21.60
CA SER E 259 -32.20 -11.24 20.57
C SER E 259 -32.66 -9.99 19.85
N TRP E 260 -32.53 -9.99 18.52
CA TRP E 260 -32.74 -8.76 17.75
C TRP E 260 -34.21 -8.38 17.65
N LEU E 261 -35.13 -9.34 17.78
CA LEU E 261 -36.55 -9.06 17.62
C LEU E 261 -37.39 -9.43 18.83
N HIS E 262 -37.12 -10.56 19.46
CA HIS E 262 -37.97 -11.04 20.54
C HIS E 262 -37.68 -10.27 21.83
N THR E 263 -38.74 -9.96 22.57
CA THR E 263 -38.62 -9.29 23.85
C THR E 263 -38.21 -10.30 24.93
N ILE E 264 -38.21 -9.87 26.19
CA ILE E 264 -37.82 -10.77 27.27
C ILE E 264 -38.92 -11.75 27.65
N GLN E 265 -40.14 -11.53 27.18
CA GLN E 265 -41.22 -12.50 27.42
C GLN E 265 -41.18 -13.65 26.43
N ASP E 266 -40.29 -13.61 25.44
CA ASP E 266 -40.14 -14.67 24.45
C ASP E 266 -38.81 -15.38 24.54
N ILE E 267 -37.70 -14.64 24.59
CA ILE E 267 -36.36 -15.21 24.66
C ILE E 267 -35.59 -14.51 25.76
N ASN E 268 -35.21 -15.27 26.79
CA ASN E 268 -34.32 -14.79 27.83
C ASN E 268 -32.99 -15.50 27.72
N ILE E 269 -31.92 -14.79 28.07
CA ILE E 269 -30.55 -15.25 27.86
C ILE E 269 -29.89 -15.46 29.22
N THR E 270 -29.36 -16.66 29.43
CA THR E 270 -28.63 -17.00 30.65
C THR E 270 -27.21 -17.44 30.26
N LEU E 271 -26.48 -17.95 31.25
CA LEU E 271 -25.10 -18.40 31.06
C LEU E 271 -25.00 -19.89 31.32
N TRP E 272 -24.31 -20.61 30.44
N TRP E 272 -24.33 -20.60 30.42
CA TRP E 272 -24.21 -22.05 30.61
CA TRP E 272 -24.16 -22.04 30.55
C TRP E 272 -23.25 -22.40 31.74
C TRP E 272 -23.27 -22.37 31.73
N ARG E 273 -22.04 -21.87 31.71
CA ARG E 273 -21.09 -22.08 32.79
C ARG E 273 -21.20 -20.94 33.82
N SER E 274 -20.57 -21.15 34.96
CA SER E 274 -20.49 -20.10 35.97
C SER E 274 -19.58 -18.97 35.49
N PRO E 275 -19.81 -17.74 35.95
CA PRO E 275 -18.97 -16.62 35.47
C PRO E 275 -17.49 -16.77 35.80
N GLU E 276 -17.15 -17.51 36.86
CA GLU E 276 -15.74 -17.74 37.17
C GLU E 276 -15.06 -18.54 36.05
N GLU E 277 -15.71 -19.63 35.60
CA GLU E 277 -15.13 -20.44 34.54
C GLU E 277 -15.05 -19.69 33.22
N VAL E 278 -15.99 -18.78 32.97
CA VAL E 278 -15.94 -18.00 31.75
C VAL E 278 -14.83 -16.95 31.84
N ARG E 279 -14.59 -16.42 33.04
CA ARG E 279 -13.56 -15.40 33.21
C ARG E 279 -12.16 -16.02 33.14
N SER E 280 -11.98 -17.22 33.69
CA SER E 280 -10.67 -17.84 33.83
C SER E 280 -10.44 -18.94 32.78
N ASP E 281 -10.88 -18.74 31.55
CA ASP E 281 -10.74 -19.75 30.49
C ASP E 281 -9.85 -19.20 29.39
N LYS E 282 -8.64 -19.76 29.28
CA LYS E 282 -7.70 -19.44 28.20
C LYS E 282 -7.11 -20.72 27.64
N SER E 283 -7.96 -21.72 27.39
CA SER E 283 -7.47 -23.04 27.04
C SER E 283 -6.98 -23.14 25.60
N ILE E 284 -7.59 -22.39 24.67
CA ILE E 284 -7.30 -22.54 23.25
C ILE E 284 -6.82 -21.23 22.62
N PHE E 285 -6.65 -20.18 23.40
CA PHE E 285 -6.32 -18.87 22.85
C PHE E 285 -4.94 -18.92 22.18
N ILE E 286 -4.86 -18.38 20.97
CA ILE E 286 -3.59 -18.27 20.26
C ILE E 286 -2.78 -17.17 20.93
N ASN E 287 -1.75 -17.56 21.69
CA ASN E 287 -1.05 -16.62 22.56
C ASN E 287 0.22 -16.04 21.94
N GLN E 288 0.64 -16.53 20.78
CA GLN E 288 1.87 -16.07 20.15
C GLN E 288 1.70 -14.81 19.34
N GLY E 289 0.52 -14.21 19.34
CA GLY E 289 0.24 -13.03 18.56
C GLY E 289 0.72 -11.75 19.23
N GLU E 290 0.13 -10.64 18.82
CA GLU E 290 0.50 -9.34 19.36
C GLU E 290 -0.27 -9.00 20.62
N TRP E 291 -1.51 -9.46 20.73
CA TRP E 291 -2.36 -9.14 21.86
C TRP E 291 -2.42 -10.31 22.85
N GLU E 292 -2.60 -9.97 24.12
CA GLU E 292 -2.69 -10.96 25.19
C GLU E 292 -4.04 -10.84 25.86
N LEU E 293 -4.73 -11.98 25.99
CA LEU E 293 -6.05 -11.99 26.62
C LEU E 293 -5.91 -12.05 28.13
N LEU E 294 -6.60 -11.13 28.82
CA LEU E 294 -6.58 -11.06 30.27
C LEU E 294 -7.76 -11.79 30.89
N GLU E 295 -8.97 -11.48 30.46
CA GLU E 295 -10.17 -12.13 30.97
C GLU E 295 -11.34 -11.81 30.05
N VAL E 296 -12.43 -12.56 30.24
CA VAL E 296 -13.69 -12.34 29.54
C VAL E 296 -14.77 -12.31 30.62
N PHE E 297 -15.26 -11.11 30.94
CA PHE E 297 -16.15 -10.93 32.06
C PHE E 297 -17.59 -10.82 31.59
N PRO E 298 -18.46 -11.77 31.89
CA PRO E 298 -19.86 -11.68 31.48
C PRO E 298 -20.73 -10.92 32.47
N GLN E 299 -21.81 -10.35 31.96
CA GLN E 299 -22.73 -9.59 32.79
C GLN E 299 -24.09 -9.56 32.11
N PHE E 300 -25.15 -9.80 32.89
CA PHE E 300 -26.52 -9.79 32.38
C PHE E 300 -27.19 -8.47 32.70
N LYS E 301 -28.00 -7.98 31.76
CA LYS E 301 -28.69 -6.72 31.90
C LYS E 301 -29.99 -6.75 31.13
N GLU E 302 -31.06 -6.25 31.74
CA GLU E 302 -32.38 -6.17 31.11
C GLU E 302 -32.52 -4.78 30.50
N PHE E 303 -32.22 -4.68 29.21
CA PHE E 303 -32.23 -3.40 28.51
C PHE E 303 -33.63 -3.14 27.96
N SER E 304 -34.24 -2.04 28.39
CA SER E 304 -35.59 -1.67 27.99
C SER E 304 -35.56 -0.37 27.18
N ILE E 305 -36.20 -0.39 26.02
CA ILE E 305 -36.33 0.83 25.22
C ILE E 305 -37.57 1.61 25.63
N ASP E 306 -38.69 0.93 25.86
CA ASP E 306 -39.94 1.57 26.27
C ASP E 306 -40.51 0.82 27.46
N ILE E 307 -41.74 1.14 27.83
CA ILE E 307 -42.48 0.35 28.81
C ILE E 307 -43.16 -0.79 28.06
N SER E 308 -43.22 -1.96 28.71
CA SER E 308 -43.73 -3.22 28.17
C SER E 308 -42.88 -3.75 27.01
N ASN E 309 -41.76 -3.11 26.68
CA ASN E 309 -40.83 -3.60 25.65
C ASN E 309 -39.44 -3.63 26.28
N SER E 310 -39.10 -4.74 26.93
CA SER E 310 -37.81 -4.92 27.57
C SER E 310 -37.11 -6.12 26.95
N TYR E 311 -35.86 -5.92 26.53
CA TYR E 311 -35.06 -6.95 25.92
C TYR E 311 -34.01 -7.45 26.89
N ALA E 312 -33.62 -8.71 26.75
CA ALA E 312 -32.57 -9.32 27.54
C ALA E 312 -31.29 -9.37 26.72
N GLU E 313 -30.16 -9.13 27.39
CA GLU E 313 -28.86 -9.14 26.71
C GLU E 313 -27.80 -9.63 27.69
N MET E 314 -26.70 -10.11 27.13
CA MET E 314 -25.57 -10.64 27.89
C MET E 314 -24.30 -10.01 27.36
N LYS E 315 -23.67 -9.17 28.17
CA LYS E 315 -22.49 -8.44 27.75
C LYS E 315 -21.23 -9.18 28.17
N PHE E 316 -20.32 -9.41 27.23
CA PHE E 316 -19.02 -9.99 27.48
C PHE E 316 -17.96 -8.91 27.27
N TYR E 317 -17.21 -8.61 28.33
CA TYR E 317 -16.16 -7.61 28.28
C TYR E 317 -14.84 -8.31 27.98
N VAL E 318 -14.38 -8.22 26.74
CA VAL E 318 -13.11 -8.81 26.34
C VAL E 318 -12.01 -7.79 26.66
N ILE E 319 -11.18 -8.13 27.65
CA ILE E 319 -10.14 -7.25 28.15
C ILE E 319 -8.80 -7.78 27.66
N ILE E 320 -8.15 -7.03 26.77
CA ILE E 320 -6.91 -7.47 26.14
C ILE E 320 -5.82 -6.44 26.41
N ARG E 321 -4.58 -6.89 26.26
CA ARG E 321 -3.42 -6.05 26.52
C ARG E 321 -2.38 -6.26 25.44
N ARG E 322 -1.82 -5.17 24.93
CA ARG E 322 -0.83 -5.23 23.87
C ARG E 322 0.55 -5.57 24.44
N ARG E 323 1.35 -6.28 23.64
CA ARG E 323 2.71 -6.60 24.02
C ARG E 323 3.66 -5.52 23.52
N PRO E 324 4.37 -4.82 24.39
CA PRO E 324 5.15 -3.66 23.94
C PRO E 324 6.45 -4.00 23.23
N LEU E 325 7.00 -5.19 23.43
CA LEU E 325 8.25 -5.56 22.76
C LEU E 325 8.10 -5.67 21.25
N PHE E 326 6.88 -5.66 20.73
CA PHE E 326 6.67 -5.62 19.29
C PHE E 326 7.20 -4.33 18.68
N TYR E 327 7.22 -3.25 19.46
CA TYR E 327 7.58 -1.92 18.95
C TYR E 327 8.86 -1.37 19.56
N ALA E 328 9.53 -2.13 20.43
CA ALA E 328 10.77 -1.63 21.03
C ALA E 328 11.84 -1.43 19.98
N VAL E 329 12.13 -2.47 19.18
CA VAL E 329 13.16 -2.40 18.16
C VAL E 329 12.84 -1.36 17.10
N SER E 330 11.57 -0.93 17.01
CA SER E 330 11.17 0.03 15.99
C SER E 330 11.02 1.44 16.53
N LEU E 331 10.97 1.63 17.85
CA LEU E 331 10.81 2.96 18.41
C LEU E 331 12.01 3.44 19.22
N LEU E 332 12.64 2.58 20.01
CA LEU E 332 13.72 3.02 20.88
C LEU E 332 15.08 2.98 20.22
N LEU E 333 15.28 2.10 19.24
CA LEU E 333 16.62 1.94 18.66
C LEU E 333 17.06 3.17 17.85
N PRO E 334 16.27 3.69 16.90
CA PRO E 334 16.76 4.85 16.13
C PRO E 334 16.99 6.09 16.97
N SER E 335 16.15 6.35 17.98
CA SER E 335 16.37 7.52 18.82
C SER E 335 17.67 7.41 19.61
N ILE E 336 17.95 6.24 20.17
CA ILE E 336 19.21 6.04 20.89
C ILE E 336 20.39 6.18 19.93
N PHE E 337 20.29 5.60 18.74
CA PHE E 337 21.37 5.70 17.77
C PHE E 337 21.65 7.15 17.38
N LEU E 338 20.59 7.93 17.18
CA LEU E 338 20.77 9.32 16.78
C LEU E 338 21.32 10.17 17.93
N MET E 339 20.87 9.92 19.16
CA MET E 339 21.44 10.62 20.29
C MET E 339 22.91 10.28 20.47
N VAL E 340 23.28 9.02 20.22
CA VAL E 340 24.68 8.62 20.34
C VAL E 340 25.53 9.31 19.28
N VAL E 341 25.07 9.31 18.03
CA VAL E 341 25.87 9.97 16.99
C VAL E 341 25.89 11.47 17.21
N ASP E 342 24.87 12.03 17.87
CA ASP E 342 24.89 13.45 18.20
C ASP E 342 25.96 13.76 19.23
N ILE E 343 26.00 12.98 20.32
CA ILE E 343 27.03 13.22 21.33
C ILE E 343 28.41 12.86 20.80
N VAL E 344 28.49 12.03 19.76
CA VAL E 344 29.78 11.78 19.11
C VAL E 344 30.21 12.99 18.29
N GLY E 345 29.32 13.50 17.44
CA GLY E 345 29.64 14.65 16.62
C GLY E 345 29.83 15.92 17.41
N PHE E 346 29.38 15.95 18.67
CA PHE E 346 29.59 17.11 19.51
C PHE E 346 31.07 17.37 19.82
N CYS E 347 31.96 16.46 19.43
CA CYS E 347 33.39 16.60 19.70
C CYS E 347 34.18 17.21 18.55
N LEU E 348 33.50 17.58 17.46
CA LEU E 348 34.19 18.22 16.35
C LEU E 348 34.63 19.64 16.76
N PRO E 349 35.78 20.11 16.28
CA PRO E 349 36.20 21.48 16.57
C PRO E 349 35.23 22.48 15.97
N PRO E 350 34.89 23.53 16.72
CA PRO E 350 33.84 24.46 16.24
C PRO E 350 34.27 25.29 15.04
N ASP E 351 35.56 25.50 14.83
CA ASP E 351 36.05 26.27 13.70
C ASP E 351 36.39 25.41 12.49
N SER E 352 35.99 24.14 12.49
CA SER E 352 36.31 23.24 11.39
C SER E 352 35.43 23.47 10.17
N GLY E 353 34.29 24.14 10.34
CA GLY E 353 33.37 24.36 9.23
C GLY E 353 32.58 23.15 8.80
N GLU E 354 32.56 22.08 9.58
CA GLU E 354 31.78 20.89 9.28
C GLU E 354 30.78 20.54 10.35
N ARG E 355 30.86 21.16 11.53
CA ARG E 355 29.94 20.84 12.62
C ARG E 355 28.51 21.24 12.26
N VAL E 356 28.34 22.36 11.56
CA VAL E 356 27.00 22.79 11.15
C VAL E 356 26.40 21.79 10.17
N SER E 357 27.19 21.36 9.18
CA SER E 357 26.72 20.35 8.23
C SER E 357 26.36 19.05 8.94
N PHE E 358 27.20 18.62 9.89
CA PHE E 358 26.91 17.42 10.66
C PHE E 358 25.57 17.54 11.37
N LYS E 359 25.36 18.65 12.09
CA LYS E 359 24.14 18.81 12.86
C LYS E 359 22.90 18.90 11.97
N ILE E 360 23.01 19.60 10.83
CA ILE E 360 21.84 19.74 9.98
C ILE E 360 21.51 18.42 9.29
N THR E 361 22.53 17.63 8.91
CA THR E 361 22.27 16.32 8.35
C THR E 361 21.63 15.40 9.40
N LEU E 362 22.09 15.48 10.65
CA LEU E 362 21.49 14.69 11.70
C LEU E 362 20.04 15.07 11.93
N LEU E 363 19.74 16.38 11.90
CA LEU E 363 18.35 16.81 12.09
C LEU E 363 17.48 16.38 10.92
N LEU E 364 18.00 16.42 9.70
CA LEU E 364 17.26 15.92 8.55
C LEU E 364 16.96 14.43 8.70
N GLY E 365 17.95 13.66 9.11
CA GLY E 365 17.73 12.23 9.33
C GLY E 365 16.68 11.97 10.40
N TYR E 366 16.76 12.71 11.51
CA TYR E 366 15.76 12.52 12.56
C TYR E 366 14.36 12.90 12.07
N SER E 367 14.27 13.96 11.26
CA SER E 367 12.97 14.37 10.74
C SER E 367 12.38 13.32 9.81
N VAL E 368 13.19 12.76 8.90
CA VAL E 368 12.66 11.76 8.00
C VAL E 368 12.30 10.49 8.76
N PHE E 369 13.08 10.13 9.79
CA PHE E 369 12.71 8.99 10.62
C PHE E 369 11.39 9.24 11.36
N LEU E 370 11.21 10.46 11.87
CA LEU E 370 9.97 10.79 12.57
C LEU E 370 8.77 10.67 11.65
N ILE E 371 8.85 11.28 10.46
CA ILE E 371 7.72 11.24 9.54
C ILE E 371 7.53 9.87 8.90
N ILE E 372 8.54 9.00 8.96
CA ILE E 372 8.34 7.63 8.49
C ILE E 372 7.67 6.77 9.56
N VAL E 373 8.11 6.91 10.82
CA VAL E 373 7.56 6.09 11.89
C VAL E 373 6.23 6.61 12.39
N SER E 374 5.84 7.84 12.04
CA SER E 374 4.54 8.35 12.46
C SER E 374 3.38 7.63 11.78
N ASP E 375 3.64 6.80 10.77
CA ASP E 375 2.56 6.06 10.12
C ASP E 375 2.16 4.84 10.92
N THR E 376 3.13 4.06 11.40
CA THR E 376 2.81 2.91 12.25
C THR E 376 2.25 3.35 13.59
N LEU E 377 2.59 4.54 14.03
CA LEU E 377 2.00 5.10 15.25
C LEU E 377 0.53 5.41 15.01
N PRO E 378 -0.39 4.81 15.75
CA PRO E 378 -1.81 5.09 15.54
C PRO E 378 -2.17 6.49 16.00
N ALA E 379 -3.41 6.88 15.69
CA ALA E 379 -3.90 8.20 16.04
C ALA E 379 -5.42 8.17 16.07
N THR E 380 -6.00 8.70 17.13
CA THR E 380 -7.44 8.86 17.25
C THR E 380 -7.81 10.34 17.28
N ALA E 381 -9.03 10.63 16.85
CA ALA E 381 -9.49 12.02 16.78
C ALA E 381 -9.73 12.64 18.15
N ILE E 382 -9.69 11.85 19.21
CA ILE E 382 -9.90 12.40 20.55
C ILE E 382 -8.59 12.79 21.22
N GLY E 383 -7.52 12.04 20.98
CA GLY E 383 -6.25 12.35 21.63
C GLY E 383 -5.11 11.61 20.96
N THR E 384 -3.90 12.04 21.31
CA THR E 384 -2.66 11.48 20.82
C THR E 384 -1.95 10.69 21.91
N PRO E 385 -1.24 9.61 21.58
CA PRO E 385 -0.52 8.86 22.60
C PRO E 385 0.54 9.71 23.30
N LEU E 386 0.97 9.24 24.46
CA LEU E 386 1.93 9.97 25.28
C LEU E 386 3.35 9.84 24.77
N ILE E 387 3.60 9.00 23.78
CA ILE E 387 4.95 8.85 23.23
C ILE E 387 5.32 10.02 22.32
N GLY E 388 4.33 10.71 21.76
CA GLY E 388 4.63 11.89 20.96
C GLY E 388 5.30 12.99 21.76
N VAL E 389 4.94 13.13 23.04
CA VAL E 389 5.58 14.12 23.89
C VAL E 389 7.07 13.81 24.04
N TYR E 390 7.41 12.54 24.26
CA TYR E 390 8.81 12.18 24.41
C TYR E 390 9.57 12.33 23.10
N PHE E 391 8.91 12.02 21.98
CA PHE E 391 9.56 12.20 20.68
C PHE E 391 9.85 13.67 20.40
N VAL E 392 8.89 14.56 20.69
CA VAL E 392 9.13 15.97 20.44
C VAL E 392 10.11 16.54 21.45
N VAL E 393 10.20 15.96 22.65
CA VAL E 393 11.25 16.38 23.58
C VAL E 393 12.63 16.00 23.06
N CYS E 394 12.75 14.81 22.48
CA CYS E 394 14.03 14.42 21.88
C CYS E 394 14.40 15.32 20.70
N MET E 395 13.42 15.63 19.85
CA MET E 395 13.71 16.52 18.72
C MET E 395 14.04 17.93 19.21
N ALA E 396 13.44 18.35 20.32
CA ALA E 396 13.77 19.65 20.89
C ALA E 396 15.19 19.66 21.45
N LEU E 397 15.62 18.55 22.04
CA LEU E 397 17.02 18.43 22.45
C LEU E 397 17.95 18.54 21.26
N LEU E 398 17.61 17.89 20.14
CA LEU E 398 18.43 17.99 18.95
C LEU E 398 18.47 19.43 18.43
N VAL E 399 17.34 20.13 18.43
CA VAL E 399 17.31 21.51 17.97
C VAL E 399 18.12 22.40 18.89
N ILE E 400 18.10 22.14 20.19
CA ILE E 400 18.91 22.91 21.13
C ILE E 400 20.39 22.67 20.86
N SER E 401 20.77 21.43 20.55
CA SER E 401 22.16 21.15 20.18
C SER E 401 22.55 21.92 18.93
N LEU E 402 21.67 21.95 17.93
CA LEU E 402 21.95 22.71 16.72
C LEU E 402 22.12 24.20 17.01
N ALA E 403 21.25 24.75 17.86
CA ALA E 403 21.35 26.17 18.20
C ALA E 403 22.63 26.48 18.96
N GLU E 404 23.05 25.59 19.86
CA GLU E 404 24.31 25.77 20.56
C GLU E 404 25.48 25.73 19.61
N THR E 405 25.47 24.79 18.67
CA THR E 405 26.52 24.73 17.65
C THR E 405 26.58 26.02 16.85
N ILE E 406 25.41 26.54 16.45
CA ILE E 406 25.37 27.77 15.67
C ILE E 406 25.92 28.95 16.47
N PHE E 407 25.58 29.00 17.76
CA PHE E 407 26.09 30.08 18.61
C PHE E 407 27.61 30.01 18.74
N ILE E 408 28.13 28.82 19.02
CA ILE E 408 29.58 28.67 19.17
C ILE E 408 30.30 29.00 17.86
N VAL E 409 29.70 28.63 16.72
CA VAL E 409 30.30 28.99 15.44
C VAL E 409 30.30 30.50 15.24
N ARG E 410 29.20 31.15 15.63
CA ARG E 410 29.12 32.60 15.52
C ARG E 410 30.14 33.30 16.41
N LEU E 411 30.53 32.66 17.52
CA LEU E 411 31.51 33.27 18.41
C LEU E 411 32.92 33.22 17.83
N VAL E 412 33.38 32.04 17.41
CA VAL E 412 34.78 31.82 17.07
C VAL E 412 35.12 32.19 15.63
N HIS E 413 34.18 32.71 14.86
CA HIS E 413 34.45 32.98 13.45
C HIS E 413 35.36 34.19 13.30
N LYS E 414 36.33 34.07 12.39
CA LYS E 414 37.26 35.15 12.10
C LYS E 414 36.65 36.02 11.00
N GLN E 415 36.04 37.13 11.39
CA GLN E 415 35.27 37.96 10.48
C GLN E 415 36.00 39.23 10.03
N ASP E 416 37.19 39.50 10.58
CA ASP E 416 37.97 40.70 10.28
C ASP E 416 37.28 41.96 10.82
N LEU E 417 36.11 41.80 11.43
CA LEU E 417 35.44 42.86 12.16
C LEU E 417 35.53 42.65 13.67
N GLN E 418 36.30 41.65 14.11
CA GLN E 418 36.33 41.29 15.51
C GLN E 418 37.03 42.36 16.33
N ARG E 419 36.35 42.83 17.37
CA ARG E 419 36.95 43.69 18.37
C ARG E 419 37.47 42.85 19.52
N PRO E 420 38.40 43.37 20.31
CA PRO E 420 38.94 42.59 21.44
C PRO E 420 37.83 42.18 22.41
N VAL E 421 38.02 41.01 22.99
CA VAL E 421 37.01 40.45 23.90
C VAL E 421 36.90 41.32 25.14
N PRO E 422 35.70 41.66 25.60
CA PRO E 422 35.56 42.53 26.77
C PRO E 422 36.20 41.91 28.01
N ASP E 423 36.60 42.79 28.94
CA ASP E 423 37.38 42.34 30.08
C ASP E 423 36.55 41.52 31.07
N TRP E 424 35.26 41.85 31.23
CA TRP E 424 34.41 41.07 32.12
C TRP E 424 34.26 39.64 31.61
N LEU E 425 33.98 39.49 30.30
CA LEU E 425 33.87 38.17 29.72
C LEU E 425 35.20 37.42 29.80
N ARG E 426 36.30 38.12 29.54
CA ARG E 426 37.62 37.52 29.67
C ARG E 426 37.84 36.96 31.06
N HIS E 427 37.70 37.82 32.08
CA HIS E 427 37.83 37.39 33.46
C HIS E 427 36.97 36.17 33.74
N LEU E 428 35.65 36.30 33.56
CA LEU E 428 34.73 35.22 33.91
C LEU E 428 35.11 33.92 33.23
N VAL E 429 35.15 33.91 31.89
CA VAL E 429 35.31 32.65 31.17
C VAL E 429 36.72 32.09 31.37
N LEU E 430 37.74 32.90 31.10
CA LEU E 430 39.12 32.42 31.13
C LEU E 430 39.68 32.28 32.54
N ASP E 431 38.90 32.56 33.59
CA ASP E 431 39.29 32.18 34.94
C ASP E 431 38.35 31.15 35.55
N ARG E 432 37.20 30.90 34.94
CA ARG E 432 36.38 29.75 35.31
C ARG E 432 36.84 28.48 34.60
N ILE E 433 37.48 28.62 33.45
CA ILE E 433 38.03 27.47 32.72
C ILE E 433 39.09 26.77 33.57
N LEU E 501 66.81 62.67 4.20
CA LEU E 501 67.97 61.77 4.21
C LEU E 501 67.57 60.39 3.72
N ALA E 502 68.46 59.74 2.97
CA ALA E 502 68.17 58.40 2.45
C ALA E 502 68.04 57.39 3.58
N VAL E 503 68.84 57.53 4.64
CA VAL E 503 68.74 56.62 5.76
C VAL E 503 67.40 56.79 6.47
N ARG E 504 66.94 58.03 6.63
CA ARG E 504 65.63 58.26 7.22
C ARG E 504 64.52 57.72 6.32
N GLY E 505 64.70 57.79 5.00
CA GLY E 505 63.72 57.21 4.10
C GLY E 505 63.64 55.70 4.24
N LEU E 506 64.80 55.05 4.29
CA LEU E 506 64.84 53.61 4.55
C LEU E 506 64.16 53.28 5.88
N LEU E 507 64.41 54.11 6.90
CA LEU E 507 63.82 53.88 8.21
C LEU E 507 62.31 53.95 8.16
N GLN E 508 61.77 54.96 7.48
CA GLN E 508 60.31 55.10 7.43
C GLN E 508 59.67 54.01 6.56
N GLU E 509 60.36 53.56 5.51
CA GLU E 509 59.84 52.43 4.74
C GLU E 509 59.79 51.16 5.58
N LEU E 510 60.87 50.89 6.32
CA LEU E 510 60.86 49.72 7.21
C LEU E 510 59.79 49.85 8.29
N SER E 511 59.55 51.07 8.76
CA SER E 511 58.51 51.28 9.77
C SER E 511 57.13 51.01 9.19
N SER E 512 56.88 51.42 7.95
CA SER E 512 55.60 51.11 7.32
C SER E 512 55.41 49.60 7.14
N ILE E 513 56.47 48.90 6.72
CA ILE E 513 56.38 47.45 6.58
C ILE E 513 56.08 46.80 7.93
N ARG E 514 56.77 47.26 8.98
CA ARG E 514 56.57 46.70 10.31
C ARG E 514 55.15 46.99 10.80
N HIS E 515 54.61 48.17 10.46
CA HIS E 515 53.24 48.49 10.85
C HIS E 515 52.24 47.57 10.18
N PHE E 516 52.43 47.29 8.89
CA PHE E 516 51.56 46.33 8.21
C PHE E 516 51.60 44.97 8.89
N LEU E 517 52.82 44.47 9.16
CA LEU E 517 52.95 43.16 9.80
C LEU E 517 52.34 43.15 11.20
N GLU E 518 52.50 44.25 11.94
CA GLU E 518 51.96 44.32 13.29
C GLU E 518 50.44 44.36 13.28
N LYS E 519 49.85 45.05 12.31
CA LYS E 519 48.40 45.04 12.18
C LYS E 519 47.89 43.62 11.93
N ARG E 520 48.55 42.90 11.02
CA ARG E 520 48.14 41.52 10.77
C ARG E 520 48.27 40.67 12.03
N ASP E 521 49.38 40.81 12.75
CA ASP E 521 49.59 40.00 13.95
C ASP E 521 48.57 40.33 15.04
N GLU E 522 48.21 41.60 15.18
CA GLU E 522 47.23 41.99 16.18
C GLU E 522 45.85 41.42 15.85
N MET E 523 45.46 41.45 14.58
CA MET E 523 44.19 40.84 14.20
C MET E 523 44.20 39.33 14.47
N ARG E 524 45.31 38.67 14.18
CA ARG E 524 45.40 37.24 14.46
C ARG E 524 45.30 36.95 15.95
N GLU E 525 45.92 37.80 16.78
CA GLU E 525 45.87 37.59 18.23
C GLU E 525 44.45 37.77 18.77
N VAL E 526 43.73 38.78 18.26
CA VAL E 526 42.33 38.96 18.67
C VAL E 526 41.50 37.75 18.28
N ALA E 527 41.70 37.23 17.07
CA ALA E 527 40.98 36.04 16.63
C ALA E 527 41.29 34.85 17.54
N ARG E 528 42.56 34.71 17.94
CA ARG E 528 42.95 33.61 18.82
C ARG E 528 42.26 33.70 20.17
N ASP E 529 42.21 34.91 20.75
CA ASP E 529 41.53 35.09 22.02
C ASP E 529 40.05 34.71 21.92
N TRP E 530 39.38 35.18 20.86
CA TRP E 530 37.97 34.84 20.68
C TRP E 530 37.78 33.33 20.51
N LEU E 531 38.69 32.68 19.78
CA LEU E 531 38.58 31.24 19.56
C LEU E 531 38.75 30.46 20.86
N ARG E 532 39.66 30.92 21.73
CA ARG E 532 39.84 30.25 23.01
C ARG E 532 38.60 30.41 23.90
N VAL E 533 38.02 31.62 23.92
CA VAL E 533 36.78 31.81 24.67
C VAL E 533 35.68 30.89 24.15
N GLY E 534 35.58 30.77 22.83
CA GLY E 534 34.57 29.89 22.25
C GLY E 534 34.80 28.44 22.60
N TYR E 535 36.05 27.99 22.60
CA TYR E 535 36.36 26.61 22.98
C TYR E 535 35.94 26.33 24.41
N VAL E 536 36.22 27.26 25.33
CA VAL E 536 35.84 27.05 26.72
C VAL E 536 34.33 26.96 26.86
N LEU E 537 33.61 27.88 26.21
CA LEU E 537 32.16 27.86 26.29
C LEU E 537 31.58 26.59 25.68
N ASP E 538 32.19 26.11 24.59
CA ASP E 538 31.71 24.89 23.95
C ASP E 538 31.87 23.69 24.87
N ARG E 539 33.01 23.57 25.55
CA ARG E 539 33.20 22.46 26.47
C ARG E 539 32.18 22.52 27.61
N LEU E 540 31.95 23.72 28.16
CA LEU E 540 30.98 23.86 29.24
C LEU E 540 29.58 23.44 28.79
N LEU E 541 29.15 23.93 27.63
CA LEU E 541 27.81 23.60 27.14
C LEU E 541 27.70 22.13 26.76
N PHE E 542 28.78 21.51 26.29
CA PHE E 542 28.75 20.09 26.00
C PHE E 542 28.55 19.27 27.26
N ARG E 543 29.26 19.64 28.34
CA ARG E 543 29.04 18.94 29.60
C ARG E 543 27.62 19.11 30.11
N ILE E 544 27.07 20.32 29.98
CA ILE E 544 25.69 20.55 30.42
C ILE E 544 24.72 19.71 29.61
N TYR E 545 24.90 19.67 28.29
CA TYR E 545 24.01 18.89 27.43
C TYR E 545 24.12 17.40 27.73
N LEU E 546 25.32 16.91 28.03
CA LEU E 546 25.48 15.50 28.36
C LEU E 546 24.76 15.17 29.66
N LEU E 547 24.87 16.04 30.67
CA LEU E 547 24.15 15.82 31.92
C LEU E 547 22.65 15.80 31.68
N ALA E 548 22.14 16.72 30.87
CA ALA E 548 20.70 16.77 30.61
C ALA E 548 20.23 15.51 29.89
N VAL E 549 21.02 15.04 28.92
CA VAL E 549 20.65 13.83 28.19
C VAL E 549 20.63 12.62 29.12
N LEU E 550 21.63 12.52 30.00
CA LEU E 550 21.66 11.39 30.93
C LEU E 550 20.48 11.44 31.90
N ALA E 551 20.11 12.64 32.36
CA ALA E 551 18.95 12.76 33.24
C ALA E 551 17.68 12.32 32.52
N TYR E 552 17.49 12.77 31.29
CA TYR E 552 16.30 12.37 30.54
C TYR E 552 16.26 10.87 30.29
N SER E 553 17.41 10.28 29.98
CA SER E 553 17.46 8.84 29.74
C SER E 553 17.16 8.04 31.01
N ILE E 554 17.71 8.46 32.15
CA ILE E 554 17.45 7.69 33.36
C ILE E 554 16.01 7.87 33.82
N THR E 555 15.42 9.04 33.58
CA THR E 555 14.00 9.22 33.89
C THR E 555 13.14 8.30 33.03
N LEU E 556 13.45 8.21 31.73
CA LEU E 556 12.69 7.32 30.86
C LEU E 556 12.85 5.87 31.28
N VAL E 557 14.08 5.47 31.66
CA VAL E 557 14.32 4.10 32.08
C VAL E 557 13.54 3.77 33.34
N THR E 558 13.51 4.70 34.31
CA THR E 558 12.75 4.47 35.53
C THR E 558 11.27 4.37 35.26
N LEU E 559 10.73 5.26 34.41
CA LEU E 559 9.30 5.20 34.09
C LEU E 559 8.96 3.92 33.34
N TRP E 560 9.89 3.36 32.57
CA TRP E 560 9.65 2.06 31.96
C TRP E 560 9.72 0.93 32.96
N SER E 561 10.63 1.02 33.95
CA SER E 561 10.88 -0.09 34.85
C SER E 561 9.92 -0.13 36.04
N ILE E 562 9.23 0.96 36.35
CA ILE E 562 8.29 0.94 37.47
C ILE E 562 7.09 0.05 37.13
#